data_1XPF
# 
_entry.id   1XPF 
# 
_audit_conform.dict_name       mmcif_pdbx.dic 
_audit_conform.dict_version    5.388 
_audit_conform.dict_location   http://mmcif.pdb.org/dictionaries/ascii/mmcif_pdbx.dic 
# 
loop_
_database_2.database_id 
_database_2.database_code 
_database_2.pdbx_database_accession 
_database_2.pdbx_DOI 
PDB   1XPF         pdb_00001xpf 10.2210/pdb1xpf/pdb 
NDB   UR0047       ?            ?                   
RCSB  RCSB030611   ?            ?                   
WWPDB D_1000030611 ?            ?                   
# 
loop_
_pdbx_audit_revision_history.ordinal 
_pdbx_audit_revision_history.data_content_type 
_pdbx_audit_revision_history.major_revision 
_pdbx_audit_revision_history.minor_revision 
_pdbx_audit_revision_history.revision_date 
1 'Structure model' 1 0 2005-10-18 
2 'Structure model' 1 1 2008-04-30 
3 'Structure model' 1 2 2011-07-13 
4 'Structure model' 1 3 2024-03-13 
# 
_pdbx_audit_revision_details.ordinal             1 
_pdbx_audit_revision_details.revision_ordinal    1 
_pdbx_audit_revision_details.data_content_type   'Structure model' 
_pdbx_audit_revision_details.provider            repository 
_pdbx_audit_revision_details.type                'Initial release' 
_pdbx_audit_revision_details.description         ? 
_pdbx_audit_revision_details.details             ? 
# 
loop_
_pdbx_audit_revision_group.ordinal 
_pdbx_audit_revision_group.revision_ordinal 
_pdbx_audit_revision_group.data_content_type 
_pdbx_audit_revision_group.group 
1 2 'Structure model' 'Version format compliance' 
2 3 'Structure model' 'Version format compliance' 
3 4 'Structure model' 'Data collection'           
4 4 'Structure model' 'Database references'       
5 4 'Structure model' 'Derived calculations'      
# 
loop_
_pdbx_audit_revision_category.ordinal 
_pdbx_audit_revision_category.revision_ordinal 
_pdbx_audit_revision_category.data_content_type 
_pdbx_audit_revision_category.category 
1 4 'Structure model' chem_comp_atom 
2 4 'Structure model' chem_comp_bond 
3 4 'Structure model' database_2     
4 4 'Structure model' struct_conn    
5 4 'Structure model' struct_site    
# 
loop_
_pdbx_audit_revision_item.ordinal 
_pdbx_audit_revision_item.revision_ordinal 
_pdbx_audit_revision_item.data_content_type 
_pdbx_audit_revision_item.item 
1  4 'Structure model' '_database_2.pdbx_DOI'                
2  4 'Structure model' '_database_2.pdbx_database_accession' 
3  4 'Structure model' '_struct_conn.pdbx_dist_value'        
4  4 'Structure model' '_struct_conn.ptnr1_auth_comp_id'     
5  4 'Structure model' '_struct_conn.ptnr1_auth_seq_id'      
6  4 'Structure model' '_struct_conn.ptnr1_label_asym_id'    
7  4 'Structure model' '_struct_conn.ptnr1_label_atom_id'    
8  4 'Structure model' '_struct_conn.ptnr1_label_comp_id'    
9  4 'Structure model' '_struct_conn.ptnr1_label_seq_id'     
10 4 'Structure model' '_struct_conn.ptnr2_auth_comp_id'     
11 4 'Structure model' '_struct_conn.ptnr2_auth_seq_id'      
12 4 'Structure model' '_struct_conn.ptnr2_label_asym_id'    
13 4 'Structure model' '_struct_conn.ptnr2_label_atom_id'    
14 4 'Structure model' '_struct_conn.ptnr2_label_comp_id'    
15 4 'Structure model' '_struct_conn.ptnr2_label_seq_id'     
16 4 'Structure model' '_struct_site.pdbx_auth_asym_id'      
17 4 'Structure model' '_struct_site.pdbx_auth_comp_id'      
18 4 'Structure model' '_struct_site.pdbx_auth_seq_id'       
# 
_pdbx_database_status.status_code                     REL 
_pdbx_database_status.entry_id                        1XPF 
_pdbx_database_status.recvd_initial_deposition_date   2004-10-08 
_pdbx_database_status.deposit_site                    RCSB 
_pdbx_database_status.process_site                    PDBJ 
_pdbx_database_status.status_code_sf                  ? 
_pdbx_database_status.status_code_mr                  ? 
_pdbx_database_status.SG_entry                        ? 
_pdbx_database_status.pdb_format_compatible           Y 
_pdbx_database_status.status_code_cs                  ? 
_pdbx_database_status.status_code_nmr_data            ? 
_pdbx_database_status.methods_development_category    ? 
# 
loop_
_pdbx_database_related.db_name 
_pdbx_database_related.db_id 
_pdbx_database_related.details 
_pdbx_database_related.content_type 
PDB 1JJM .                 unspecified 
PDB 1JJN .                 unspecified 
PDB 1K9W .                 unspecified 
PDB 1XP7 'HIV-1 subtype F' unspecified 
PDB 1XPE 'HIV-1 subtype B' unspecified 
# 
loop_
_audit_author.name 
_audit_author.pdbx_ordinal 
'Ennifar, E.' 1 
'Dumas, P.'   2 
# 
_citation.id                        primary 
_citation.title                     
'Polymorphism of Bulged-out Residues in HIV-1 RNA DIS Kissing Complex and Structure Comparison with Solution Studies' 
_citation.journal_abbrev            J.Mol.Biol. 
_citation.journal_volume            356 
_citation.page_first                771 
_citation.page_last                 782 
_citation.year                      2006 
_citation.journal_id_ASTM           JMOBAK 
_citation.country                   UK 
_citation.journal_id_ISSN           0022-2836 
_citation.journal_id_CSD            0070 
_citation.book_publisher            ? 
_citation.pdbx_database_id_PubMed   16403527 
_citation.pdbx_database_id_DOI      10.1016/j.jmb.2005.12.022 
# 
loop_
_citation_author.citation_id 
_citation_author.name 
_citation_author.ordinal 
_citation_author.identifier_ORCID 
primary 'Ennifar, E.' 1 ? 
primary 'Dumas, P.'   2 ? 
# 
loop_
_entity.id 
_entity.type 
_entity.src_method 
_entity.pdbx_description 
_entity.formula_weight 
_entity.pdbx_number_of_molecules 
_entity.pdbx_ec 
_entity.pdbx_mutation 
_entity.pdbx_fragment 
_entity.details 
1 polymer     syn "5'-R(*CP*UP*UP*GP*CP*UP*GP*AP*GP*GP*UP*GP*CP*AP*CP*AP*CP*AP*GP*CP*AP*AP*G)-3'" 7402.472 2  ? ? ? ? 
2 non-polymer syn 'SULFATE ION'                                                                   96.063   3  ? ? ? ? 
3 non-polymer syn 'MAGNESIUM ION'                                                                 24.305   3  ? ? ? ? 
4 non-polymer syn 'SODIUM ION'                                                                    22.990   1  ? ? ? ? 
5 non-polymer syn SPERMINE                                                                        202.340  1  ? ? ? ? 
6 water       nat water                                                                           18.015   88 ? ? ? ? 
# 
_entity_name_com.entity_id   1 
_entity_name_com.name        'HIV-1 genomic RNA' 
# 
_entity_poly.entity_id                      1 
_entity_poly.type                           polyribonucleotide 
_entity_poly.nstd_linkage                   no 
_entity_poly.nstd_monomer                   no 
_entity_poly.pdbx_seq_one_letter_code       CUUGCUGAGGUGCACACAGCAAG 
_entity_poly.pdbx_seq_one_letter_code_can   CUUGCUGAGGUGCACACAGCAAG 
_entity_poly.pdbx_strand_id                 A,B 
_entity_poly.pdbx_target_identifier         ? 
# 
loop_
_pdbx_entity_nonpoly.entity_id 
_pdbx_entity_nonpoly.name 
_pdbx_entity_nonpoly.comp_id 
2 'SULFATE ION'   SO4 
3 'MAGNESIUM ION' MG  
4 'SODIUM ION'    NA  
5 SPERMINE        SPM 
6 water           HOH 
# 
loop_
_entity_poly_seq.entity_id 
_entity_poly_seq.num 
_entity_poly_seq.mon_id 
_entity_poly_seq.hetero 
1 1  C n 
1 2  U n 
1 3  U n 
1 4  G n 
1 5  C n 
1 6  U n 
1 7  G n 
1 8  A n 
1 9  G n 
1 10 G n 
1 11 U n 
1 12 G n 
1 13 C n 
1 14 A n 
1 15 C n 
1 16 A n 
1 17 C n 
1 18 A n 
1 19 G n 
1 20 C n 
1 21 A n 
1 22 A n 
1 23 G n 
# 
loop_
_chem_comp.id 
_chem_comp.type 
_chem_comp.mon_nstd_flag 
_chem_comp.name 
_chem_comp.pdbx_synonyms 
_chem_comp.formula 
_chem_comp.formula_weight 
A   'RNA linking' y "ADENOSINE-5'-MONOPHOSPHATE" ? 'C10 H14 N5 O7 P' 347.221 
C   'RNA linking' y "CYTIDINE-5'-MONOPHOSPHATE"  ? 'C9 H14 N3 O8 P'  323.197 
G   'RNA linking' y "GUANOSINE-5'-MONOPHOSPHATE" ? 'C10 H14 N5 O8 P' 363.221 
HOH non-polymer   . WATER                        ? 'H2 O'            18.015  
MG  non-polymer   . 'MAGNESIUM ION'              ? 'Mg 2'            24.305  
NA  non-polymer   . 'SODIUM ION'                 ? 'Na 1'            22.990  
SO4 non-polymer   . 'SULFATE ION'                ? 'O4 S -2'         96.063  
SPM non-polymer   . SPERMINE                     ? 'C10 H26 N4'      202.340 
U   'RNA linking' y "URIDINE-5'-MONOPHOSPHATE"   ? 'C9 H13 N2 O9 P'  324.181 
# 
loop_
_pdbx_poly_seq_scheme.asym_id 
_pdbx_poly_seq_scheme.entity_id 
_pdbx_poly_seq_scheme.seq_id 
_pdbx_poly_seq_scheme.mon_id 
_pdbx_poly_seq_scheme.ndb_seq_num 
_pdbx_poly_seq_scheme.pdb_seq_num 
_pdbx_poly_seq_scheme.auth_seq_num 
_pdbx_poly_seq_scheme.pdb_mon_id 
_pdbx_poly_seq_scheme.auth_mon_id 
_pdbx_poly_seq_scheme.pdb_strand_id 
_pdbx_poly_seq_scheme.pdb_ins_code 
_pdbx_poly_seq_scheme.hetero 
A 1 1  C 1  1  1  C C A . n 
A 1 2  U 2  2  2  U U A . n 
A 1 3  U 3  3  3  U U A . n 
A 1 4  G 4  4  4  G G A . n 
A 1 5  C 5  5  5  C C A . n 
A 1 6  U 6  6  6  U U A . n 
A 1 7  G 7  7  7  G G A . n 
A 1 8  A 8  8  8  A A A . n 
A 1 9  G 9  9  9  G G A . n 
A 1 10 G 10 10 10 G G A . n 
A 1 11 U 11 11 11 U U A . n 
A 1 12 G 12 12 12 G G A . n 
A 1 13 C 13 13 13 C C A . n 
A 1 14 A 14 14 14 A A A . n 
A 1 15 C 15 15 15 C C A . n 
A 1 16 A 16 16 16 A A A . n 
A 1 17 C 17 17 17 C C A . n 
A 1 18 A 18 18 18 A A A . n 
A 1 19 G 19 19 19 G G A . n 
A 1 20 C 20 20 20 C C A . n 
A 1 21 A 21 21 21 A A A . n 
A 1 22 A 22 22 22 A A A . n 
A 1 23 G 23 23 23 G G A . n 
B 1 1  C 1  1  1  C C B . n 
B 1 2  U 2  2  2  U U B . n 
B 1 3  U 3  3  3  U U B . n 
B 1 4  G 4  4  4  G G B . n 
B 1 5  C 5  5  5  C C B . n 
B 1 6  U 6  6  6  U U B . n 
B 1 7  G 7  7  7  G G B . n 
B 1 8  A 8  8  8  A A B . n 
B 1 9  G 9  9  9  G G B . n 
B 1 10 G 10 10 10 G G B . n 
B 1 11 U 11 11 11 U U B . n 
B 1 12 G 12 12 12 G G B . n 
B 1 13 C 13 13 13 C C B . n 
B 1 14 A 14 14 14 A A B . n 
B 1 15 C 15 15 15 C C B . n 
B 1 16 A 16 16 16 A A B . n 
B 1 17 C 17 17 17 C C B . n 
B 1 18 A 18 18 18 A A B . n 
B 1 19 G 19 19 19 G G B . n 
B 1 20 C 20 20 20 C C B . n 
B 1 21 A 21 21 21 A A B . n 
B 1 22 A 22 22 22 A A B . n 
B 1 23 G 23 23 23 G G B . n 
# 
loop_
_pdbx_nonpoly_scheme.asym_id 
_pdbx_nonpoly_scheme.entity_id 
_pdbx_nonpoly_scheme.mon_id 
_pdbx_nonpoly_scheme.ndb_seq_num 
_pdbx_nonpoly_scheme.pdb_seq_num 
_pdbx_nonpoly_scheme.auth_seq_num 
_pdbx_nonpoly_scheme.pdb_mon_id 
_pdbx_nonpoly_scheme.auth_mon_id 
_pdbx_nonpoly_scheme.pdb_strand_id 
_pdbx_nonpoly_scheme.pdb_ins_code 
C 2 SO4 1  102 102 SO4 SO4 A . 
D 3 MG  1  104 104 MG  MG  A . 
E 4 NA  1  105 105 NA  NA  A . 
F 2 SO4 1  106 106 SO4 SO4 A . 
G 3 MG  1  107 107 MG  MG  A . 
H 5 SPM 1  108 1   SPM SPM A . 
I 2 SO4 1  101 101 SO4 SO4 B . 
J 3 MG  1  103 103 MG  MG  B . 
K 6 HOH 1  109 2   HOH HOH A . 
K 6 HOH 2  110 5   HOH HOH A . 
K 6 HOH 3  111 6   HOH HOH A . 
K 6 HOH 4  112 9   HOH HOH A . 
K 6 HOH 5  113 12  HOH HOH A . 
K 6 HOH 6  114 15  HOH HOH A . 
K 6 HOH 7  115 17  HOH HOH A . 
K 6 HOH 8  116 19  HOH HOH A . 
K 6 HOH 9  117 20  HOH HOH A . 
K 6 HOH 10 118 21  HOH HOH A . 
K 6 HOH 11 119 23  HOH HOH A . 
K 6 HOH 12 120 25  HOH HOH A . 
K 6 HOH 13 121 26  HOH HOH A . 
K 6 HOH 14 122 27  HOH HOH A . 
K 6 HOH 15 123 28  HOH HOH A . 
K 6 HOH 16 124 29  HOH HOH A . 
K 6 HOH 17 125 30  HOH HOH A . 
K 6 HOH 18 126 34  HOH HOH A . 
K 6 HOH 19 127 36  HOH HOH A . 
K 6 HOH 20 128 37  HOH HOH A . 
K 6 HOH 21 129 39  HOH HOH A . 
K 6 HOH 22 130 49  HOH HOH A . 
K 6 HOH 23 131 51  HOH HOH A . 
K 6 HOH 24 132 52  HOH HOH A . 
K 6 HOH 25 133 54  HOH HOH A . 
K 6 HOH 26 134 55  HOH HOH A . 
K 6 HOH 27 135 57  HOH HOH A . 
K 6 HOH 28 136 58  HOH HOH A . 
K 6 HOH 29 137 59  HOH HOH A . 
K 6 HOH 30 138 61  HOH HOH A . 
K 6 HOH 31 139 62  HOH HOH A . 
K 6 HOH 32 140 63  HOH HOH A . 
K 6 HOH 33 141 64  HOH HOH A . 
K 6 HOH 34 142 65  HOH HOH A . 
K 6 HOH 35 143 66  HOH HOH A . 
K 6 HOH 36 144 67  HOH HOH A . 
K 6 HOH 37 145 69  HOH HOH A . 
K 6 HOH 38 146 71  HOH HOH A . 
K 6 HOH 39 147 73  HOH HOH A . 
K 6 HOH 40 148 74  HOH HOH A . 
K 6 HOH 41 149 77  HOH HOH A . 
K 6 HOH 42 150 80  HOH HOH A . 
K 6 HOH 43 151 81  HOH HOH A . 
K 6 HOH 44 152 83  HOH HOH A . 
K 6 HOH 45 153 86  HOH HOH A . 
K 6 HOH 46 154 87  HOH HOH A . 
K 6 HOH 47 155 90  HOH HOH A . 
L 6 HOH 1  104 3   HOH HOH B . 
L 6 HOH 2  105 7   HOH HOH B . 
L 6 HOH 3  106 8   HOH HOH B . 
L 6 HOH 4  107 10  HOH HOH B . 
L 6 HOH 5  108 11  HOH HOH B . 
L 6 HOH 6  109 14  HOH HOH B . 
L 6 HOH 7  110 16  HOH HOH B . 
L 6 HOH 8  111 18  HOH HOH B . 
L 6 HOH 9  112 22  HOH HOH B . 
L 6 HOH 10 113 24  HOH HOH B . 
L 6 HOH 11 114 31  HOH HOH B . 
L 6 HOH 12 115 32  HOH HOH B . 
L 6 HOH 13 116 33  HOH HOH B . 
L 6 HOH 14 117 38  HOH HOH B . 
L 6 HOH 15 118 40  HOH HOH B . 
L 6 HOH 16 119 41  HOH HOH B . 
L 6 HOH 17 120 42  HOH HOH B . 
L 6 HOH 18 121 43  HOH HOH B . 
L 6 HOH 19 122 44  HOH HOH B . 
L 6 HOH 20 123 45  HOH HOH B . 
L 6 HOH 21 124 46  HOH HOH B . 
L 6 HOH 22 125 47  HOH HOH B . 
L 6 HOH 23 126 48  HOH HOH B . 
L 6 HOH 24 127 50  HOH HOH B . 
L 6 HOH 25 128 53  HOH HOH B . 
L 6 HOH 26 129 56  HOH HOH B . 
L 6 HOH 27 130 60  HOH HOH B . 
L 6 HOH 28 131 68  HOH HOH B . 
L 6 HOH 29 132 70  HOH HOH B . 
L 6 HOH 30 133 72  HOH HOH B . 
L 6 HOH 31 134 75  HOH HOH B . 
L 6 HOH 32 135 76  HOH HOH B . 
L 6 HOH 33 136 78  HOH HOH B . 
L 6 HOH 34 137 79  HOH HOH B . 
L 6 HOH 35 138 82  HOH HOH B . 
L 6 HOH 36 139 84  HOH HOH B . 
L 6 HOH 37 140 85  HOH HOH B . 
L 6 HOH 38 141 88  HOH HOH B . 
L 6 HOH 39 142 89  HOH HOH B . 
L 6 HOH 40 143 91  HOH HOH B . 
L 6 HOH 41 144 92  HOH HOH B . 
# 
loop_
_software.name 
_software.classification 
_software.version 
_software.citation_id 
_software.pdbx_ordinal 
CNS       refinement       1.1 ? 1 
DENZO     'data reduction' .   ? 2 
SCALEPACK 'data scaling'   .   ? 3 
CNS       phasing          .   ? 4 
# 
_cell.entry_id           1XPF 
_cell.length_a           28.364 
_cell.length_b           120.209 
_cell.length_c           97.969 
_cell.angle_alpha        90.00 
_cell.angle_beta         90.00 
_cell.angle_gamma        90.00 
_cell.Z_PDB              16 
_cell.pdbx_unique_axis   ? 
_cell.length_a_esd       ? 
_cell.length_b_esd       ? 
_cell.length_c_esd       ? 
_cell.angle_alpha_esd    ? 
_cell.angle_beta_esd     ? 
_cell.angle_gamma_esd    ? 
# 
_symmetry.entry_id                         1XPF 
_symmetry.space_group_name_H-M             'C 2 2 21' 
_symmetry.pdbx_full_space_group_name_H-M   ? 
_symmetry.cell_setting                     ? 
_symmetry.Int_Tables_number                20 
_symmetry.space_group_name_Hall            ? 
# 
_exptl.entry_id          1XPF 
_exptl.method            'X-RAY DIFFRACTION' 
_exptl.crystals_number   1 
# 
_exptl_crystal.id                    1 
_exptl_crystal.density_meas          ? 
_exptl_crystal.density_Matthews      2.82 
_exptl_crystal.density_percent_sol   56.39 
_exptl_crystal.description           ? 
_exptl_crystal.F_000                 ? 
_exptl_crystal.preparation           ? 
# 
_exptl_crystal_grow.crystal_id      1 
_exptl_crystal_grow.method          'VAPOR DIFFUSION, HANGING DROP' 
_exptl_crystal_grow.temp            310 
_exptl_crystal_grow.temp_details    ? 
_exptl_crystal_grow.pH              7.0 
_exptl_crystal_grow.pdbx_details    
'PEG8000, Ammonium sulfate, MgCl2, Na Cacodylate, spermine, pH 7.0, VAPOR DIFFUSION, HANGING DROP, temperature 310K' 
_exptl_crystal_grow.pdbx_pH_range   . 
# 
loop_
_exptl_crystal_grow_comp.crystal_id 
_exptl_crystal_grow_comp.id 
_exptl_crystal_grow_comp.sol_id 
_exptl_crystal_grow_comp.name 
_exptl_crystal_grow_comp.volume 
_exptl_crystal_grow_comp.conc 
_exptl_crystal_grow_comp.details 
1 1  1 PEG8000            ? ? ? 
1 2  1 'Ammonium sulfate' ? ? ? 
1 3  1 MgCl2              ? ? ? 
1 4  1 'Na Cacodylate'    ? ? ? 
1 5  1 spermine           ? ? ? 
1 6  2 PEG8000            ? ? ? 
1 7  2 'Ammonium sulfate' ? ? ? 
1 8  2 MgCl2              ? ? ? 
1 9  2 'Na Cacodylate'    ? ? ? 
1 10 2 spermine           ? ? ? 
# 
_diffrn.id                     1 
_diffrn.ambient_temp           90 
_diffrn.ambient_temp_details   ? 
_diffrn.crystal_id             1 
# 
_diffrn_detector.diffrn_id              1 
_diffrn_detector.detector               CCD 
_diffrn_detector.type                   'ADSC QUANTUM 4' 
_diffrn_detector.pdbx_collection_date   ? 
_diffrn_detector.details                ? 
# 
_diffrn_radiation.diffrn_id                        1 
_diffrn_radiation.wavelength_id                    1 
_diffrn_radiation.pdbx_monochromatic_or_laue_m_l   M 
_diffrn_radiation.monochromator                    CRYSTAL 
_diffrn_radiation.pdbx_diffrn_protocol             'SINGLE WAVELENGTH' 
_diffrn_radiation.pdbx_scattering_type             x-ray 
# 
_diffrn_radiation_wavelength.id           1 
_diffrn_radiation_wavelength.wavelength   0.933 
_diffrn_radiation_wavelength.wt           1.0 
# 
_diffrn_source.diffrn_id                   1 
_diffrn_source.source                      SYNCHROTRON 
_diffrn_source.type                        'ESRF BEAMLINE ID14-4' 
_diffrn_source.pdbx_synchrotron_site       ESRF 
_diffrn_source.pdbx_synchrotron_beamline   ID14-4 
_diffrn_source.pdbx_wavelength             ? 
_diffrn_source.pdbx_wavelength_list        0.933 
# 
_reflns.entry_id                     1XPF 
_reflns.observed_criterion_sigma_I   0 
_reflns.observed_criterion_sigma_F   0 
_reflns.d_resolution_low             20 
_reflns.d_resolution_high            2.3 
_reflns.number_obs                   ? 
_reflns.number_all                   ? 
_reflns.percent_possible_obs         95.1 
_reflns.pdbx_Rmerge_I_obs            ? 
_reflns.pdbx_Rsym_value              0.05 
_reflns.pdbx_netI_over_sigmaI        22.0 
_reflns.B_iso_Wilson_estimate        41.1 
_reflns.pdbx_redundancy              4.9 
_reflns.R_free_details               ? 
_reflns.pdbx_chi_squared             ? 
_reflns.pdbx_scaling_rejects         ? 
_reflns.pdbx_diffrn_id               1 
_reflns.pdbx_ordinal                 1 
# 
_reflns_shell.d_res_high             2.3 
_reflns_shell.d_res_low              ? 
_reflns_shell.percent_possible_all   92.0 
_reflns_shell.Rmerge_I_obs           ? 
_reflns_shell.pdbx_Rsym_value        0.202 
_reflns_shell.meanI_over_sigI_obs    7.6 
_reflns_shell.pdbx_redundancy        ? 
_reflns_shell.percent_possible_obs   ? 
_reflns_shell.number_unique_all      ? 
_reflns_shell.number_measured_all    ? 
_reflns_shell.number_measured_obs    ? 
_reflns_shell.number_unique_obs      ? 
_reflns_shell.pdbx_chi_squared       ? 
_reflns_shell.pdbx_diffrn_id         ? 
_reflns_shell.pdbx_ordinal           1 
# 
_refine.entry_id                                 1XPF 
_refine.ls_number_reflns_obs                     7011 
_refine.ls_number_reflns_all                     7834 
_refine.pdbx_ls_sigma_I                          ? 
_refine.pdbx_ls_sigma_F                          3.0 
_refine.pdbx_data_cutoff_high_absF               847446.67 
_refine.pdbx_data_cutoff_low_absF                0.000000 
_refine.pdbx_data_cutoff_high_rms_absF           ? 
_refine.ls_d_res_low                             19.63 
_refine.ls_d_res_high                            2.30 
_refine.ls_percent_reflns_obs                    89.5 
_refine.ls_R_factor_obs                          0.243 
_refine.ls_R_factor_all                          ? 
_refine.ls_R_factor_R_work                       0.243 
_refine.ls_R_factor_R_free                       0.246 
_refine.ls_R_factor_R_free_error                 0.012 
_refine.ls_R_factor_R_free_error_details         ? 
_refine.ls_percent_reflns_R_free                 6.3 
_refine.ls_number_reflns_R_free                  440 
_refine.ls_number_parameters                     ? 
_refine.ls_number_restraints                     ? 
_refine.occupancy_min                            ? 
_refine.occupancy_max                            ? 
_refine.correlation_coeff_Fo_to_Fc               ? 
_refine.correlation_coeff_Fo_to_Fc_free          ? 
_refine.B_iso_mean                               37.9 
_refine.aniso_B[1][1]                            1.86 
_refine.aniso_B[2][2]                            -8.41 
_refine.aniso_B[3][3]                            6.55 
_refine.aniso_B[1][2]                            0.00 
_refine.aniso_B[1][3]                            0.00 
_refine.aniso_B[2][3]                            0.00 
_refine.solvent_model_details                    'FLAT MODEL' 
_refine.solvent_model_param_ksol                 0.339761 
_refine.solvent_model_param_bsol                 65.997 
_refine.pdbx_solvent_vdw_probe_radii             ? 
_refine.pdbx_solvent_ion_probe_radii             ? 
_refine.pdbx_solvent_shrinkage_radii             ? 
_refine.pdbx_ls_cross_valid_method               THROUGHOUT 
_refine.details                                  ? 
_refine.pdbx_starting_model                      ? 
_refine.pdbx_method_to_determine_struct          'MOLECULAR REPLACEMENT' 
_refine.pdbx_isotropic_thermal_model             RESTRAINED 
_refine.pdbx_stereochemistry_target_values       ? 
_refine.pdbx_stereochem_target_val_spec_case     ? 
_refine.pdbx_R_Free_selection_details            RANDOM 
_refine.pdbx_overall_ESU_R                       ? 
_refine.pdbx_overall_ESU_R_Free                  ? 
_refine.overall_SU_ML                            ? 
_refine.overall_SU_B                             ? 
_refine.ls_redundancy_reflns_obs                 ? 
_refine.overall_SU_R_Cruickshank_DPI             ? 
_refine.overall_SU_R_free                        ? 
_refine.ls_wR_factor_R_free                      ? 
_refine.ls_wR_factor_R_work                      ? 
_refine.overall_FOM_free_R_set                   ? 
_refine.overall_FOM_work_R_set                   ? 
_refine.pdbx_refine_id                           'X-RAY DIFFRACTION' 
_refine.pdbx_diffrn_id                           1 
_refine.pdbx_TLS_residual_ADP_flag               ? 
_refine.pdbx_overall_phase_error                 ? 
_refine.pdbx_overall_SU_R_free_Cruickshank_DPI   ? 
_refine.pdbx_overall_SU_R_Blow_DPI               ? 
_refine.pdbx_overall_SU_R_free_Blow_DPI          ? 
# 
_refine_analyze.entry_id                        1XPF 
_refine_analyze.Luzzati_coordinate_error_obs    0.37 
_refine_analyze.Luzzati_sigma_a_obs             0.45 
_refine_analyze.Luzzati_d_res_low_obs           10.00 
_refine_analyze.Luzzati_coordinate_error_free   0.38 
_refine_analyze.Luzzati_sigma_a_free            0.43 
_refine_analyze.Luzzati_d_res_low_free          ? 
_refine_analyze.number_disordered_residues      ? 
_refine_analyze.occupancy_sum_hydrogen          ? 
_refine_analyze.occupancy_sum_non_hydrogen      ? 
_refine_analyze.pdbx_refine_id                  'X-RAY DIFFRACTION' 
# 
_refine_hist.pdbx_refine_id                   'X-RAY DIFFRACTION' 
_refine_hist.cycle_id                         LAST 
_refine_hist.pdbx_number_atoms_protein        0 
_refine_hist.pdbx_number_atoms_nucleic_acid   980 
_refine_hist.pdbx_number_atoms_ligand         33 
_refine_hist.number_atoms_solvent             88 
_refine_hist.number_atoms_total               1101 
_refine_hist.d_res_high                       2.30 
_refine_hist.d_res_low                        19.63 
# 
loop_
_refine_ls_restr.type 
_refine_ls_restr.dev_ideal 
_refine_ls_restr.dev_ideal_target 
_refine_ls_restr.weight 
_refine_ls_restr.number 
_refine_ls_restr.pdbx_refine_id 
_refine_ls_restr.pdbx_restraint_function 
c_bond_d                0.009 ? ? ? 'X-RAY DIFFRACTION' ? 
c_bond_d_na             ?     ? ? ? 'X-RAY DIFFRACTION' ? 
c_bond_d_prot           ?     ? ? ? 'X-RAY DIFFRACTION' ? 
c_angle_d               ?     ? ? ? 'X-RAY DIFFRACTION' ? 
c_angle_d_na            ?     ? ? ? 'X-RAY DIFFRACTION' ? 
c_angle_d_prot          ?     ? ? ? 'X-RAY DIFFRACTION' ? 
c_angle_deg             1.1   ? ? ? 'X-RAY DIFFRACTION' ? 
c_angle_deg_na          ?     ? ? ? 'X-RAY DIFFRACTION' ? 
c_angle_deg_prot        ?     ? ? ? 'X-RAY DIFFRACTION' ? 
c_dihedral_angle_d      15.8  ? ? ? 'X-RAY DIFFRACTION' ? 
c_dihedral_angle_d_na   ?     ? ? ? 'X-RAY DIFFRACTION' ? 
c_dihedral_angle_d_prot ?     ? ? ? 'X-RAY DIFFRACTION' ? 
c_improper_angle_d      1.50  ? ? ? 'X-RAY DIFFRACTION' ? 
c_improper_angle_d_na   ?     ? ? ? 'X-RAY DIFFRACTION' ? 
c_improper_angle_d_prot ?     ? ? ? 'X-RAY DIFFRACTION' ? 
c_mcbond_it             ?     ? ? ? 'X-RAY DIFFRACTION' ? 
c_mcangle_it            ?     ? ? ? 'X-RAY DIFFRACTION' ? 
c_scbond_it             ?     ? ? ? 'X-RAY DIFFRACTION' ? 
c_scangle_it            ?     ? ? ? 'X-RAY DIFFRACTION' ? 
# 
_refine_ls_shell.pdbx_total_number_of_bins_used   6 
_refine_ls_shell.d_res_high                       2.30 
_refine_ls_shell.d_res_low                        2.44 
_refine_ls_shell.number_reflns_R_work             945 
_refine_ls_shell.R_factor_R_work                  0.392 
_refine_ls_shell.percent_reflns_obs               78.8 
_refine_ls_shell.R_factor_R_free                  0.377 
_refine_ls_shell.R_factor_R_free_error            0.050 
_refine_ls_shell.percent_reflns_R_free            5.7 
_refine_ls_shell.number_reflns_R_free             57 
_refine_ls_shell.redundancy_reflns_obs            ? 
_refine_ls_shell.number_reflns_all                ? 
_refine_ls_shell.number_reflns_obs                ? 
_refine_ls_shell.R_factor_all                     ? 
_refine_ls_shell.pdbx_refine_id                   'X-RAY DIFFRACTION' 
# 
loop_
_pdbx_xplor_file.serial_no 
_pdbx_xplor_file.param_file 
_pdbx_xplor_file.topol_file 
_pdbx_xplor_file.pdbx_refine_id 
1 PROTEIN_REP.PARAM ION.TOP      'X-RAY DIFFRACTION' 
2 WATER_REP.PARAM   DNA-RNA.TOP  'X-RAY DIFFRACTION' 
3 DNA-RNA_REP.PARAM ION.TOP      'X-RAY DIFFRACTION' 
4 ION.PARAM         SPERMINE.TOP 'X-RAY DIFFRACTION' 
5 SPERMINE.PARAM    ?            'X-RAY DIFFRACTION' 
# 
_struct.entry_id                  1XPF 
_struct.title                     'HIV-1 subtype A genomic RNA Dimerization Initiation Site' 
_struct.pdbx_model_details        ? 
_struct.pdbx_CASP_flag            ? 
_struct.pdbx_model_type_details   ? 
# 
_struct_keywords.entry_id        1XPF 
_struct_keywords.pdbx_keywords   RNA 
_struct_keywords.text            'RNA, LOOP-LOOP COMPLEX, HIV-1' 
# 
loop_
_struct_asym.id 
_struct_asym.pdbx_blank_PDB_chainid_flag 
_struct_asym.pdbx_modified 
_struct_asym.entity_id 
_struct_asym.details 
A N N 1 ? 
B N N 1 ? 
C N N 2 ? 
D N N 3 ? 
E N N 4 ? 
F N N 2 ? 
G N N 3 ? 
H N N 5 ? 
I N N 2 ? 
J N N 3 ? 
K N N 6 ? 
L N N 6 ? 
# 
_struct_ref.id                         1 
_struct_ref.entity_id                  1 
_struct_ref.db_name                    PDB 
_struct_ref.db_code                    1XPF 
_struct_ref.pdbx_db_accession          1XPF 
_struct_ref.pdbx_db_isoform            ? 
_struct_ref.pdbx_seq_one_letter_code   ? 
_struct_ref.pdbx_align_begin           ? 
# 
loop_
_struct_ref_seq.align_id 
_struct_ref_seq.ref_id 
_struct_ref_seq.pdbx_PDB_id_code 
_struct_ref_seq.pdbx_strand_id 
_struct_ref_seq.seq_align_beg 
_struct_ref_seq.pdbx_seq_align_beg_ins_code 
_struct_ref_seq.seq_align_end 
_struct_ref_seq.pdbx_seq_align_end_ins_code 
_struct_ref_seq.pdbx_db_accession 
_struct_ref_seq.db_align_beg 
_struct_ref_seq.pdbx_db_align_beg_ins_code 
_struct_ref_seq.db_align_end 
_struct_ref_seq.pdbx_db_align_end_ins_code 
_struct_ref_seq.pdbx_auth_seq_align_beg 
_struct_ref_seq.pdbx_auth_seq_align_end 
1 1 1XPF A 1 ? 23 ? 1XPF 1 ? 23 ? 1 23 
2 1 1XPF B 1 ? 23 ? 1XPF 1 ? 23 ? 1 23 
# 
_pdbx_struct_assembly.id                   1 
_pdbx_struct_assembly.details              author_defined_assembly 
_pdbx_struct_assembly.method_details       ? 
_pdbx_struct_assembly.oligomeric_details   dimeric 
_pdbx_struct_assembly.oligomeric_count     2 
# 
_pdbx_struct_assembly_gen.assembly_id       1 
_pdbx_struct_assembly_gen.oper_expression   1 
_pdbx_struct_assembly_gen.asym_id_list      A,B,C,D,E,F,G,H,I,J,K,L 
# 
_pdbx_struct_oper_list.id                   1 
_pdbx_struct_oper_list.type                 'identity operation' 
_pdbx_struct_oper_list.name                 1_555 
_pdbx_struct_oper_list.symmetry_operation   x,y,z 
_pdbx_struct_oper_list.matrix[1][1]         1.0000000000 
_pdbx_struct_oper_list.matrix[1][2]         0.0000000000 
_pdbx_struct_oper_list.matrix[1][3]         0.0000000000 
_pdbx_struct_oper_list.vector[1]            0.0000000000 
_pdbx_struct_oper_list.matrix[2][1]         0.0000000000 
_pdbx_struct_oper_list.matrix[2][2]         1.0000000000 
_pdbx_struct_oper_list.matrix[2][3]         0.0000000000 
_pdbx_struct_oper_list.vector[2]            0.0000000000 
_pdbx_struct_oper_list.matrix[3][1]         0.0000000000 
_pdbx_struct_oper_list.matrix[3][2]         0.0000000000 
_pdbx_struct_oper_list.matrix[3][3]         1.0000000000 
_pdbx_struct_oper_list.vector[3]            0.0000000000 
# 
_struct_biol.id                    1 
_struct_biol.pdbx_parent_biol_id   ? 
_struct_biol.details               ? 
# 
loop_
_struct_conn.id 
_struct_conn.conn_type_id 
_struct_conn.pdbx_leaving_atom_flag 
_struct_conn.pdbx_PDB_id 
_struct_conn.ptnr1_label_asym_id 
_struct_conn.ptnr1_label_comp_id 
_struct_conn.ptnr1_label_seq_id 
_struct_conn.ptnr1_label_atom_id 
_struct_conn.pdbx_ptnr1_label_alt_id 
_struct_conn.pdbx_ptnr1_PDB_ins_code 
_struct_conn.pdbx_ptnr1_standard_comp_id 
_struct_conn.ptnr1_symmetry 
_struct_conn.ptnr2_label_asym_id 
_struct_conn.ptnr2_label_comp_id 
_struct_conn.ptnr2_label_seq_id 
_struct_conn.ptnr2_label_atom_id 
_struct_conn.pdbx_ptnr2_label_alt_id 
_struct_conn.pdbx_ptnr2_PDB_ins_code 
_struct_conn.ptnr1_auth_asym_id 
_struct_conn.ptnr1_auth_comp_id 
_struct_conn.ptnr1_auth_seq_id 
_struct_conn.ptnr2_auth_asym_id 
_struct_conn.ptnr2_auth_comp_id 
_struct_conn.ptnr2_auth_seq_id 
_struct_conn.ptnr2_symmetry 
_struct_conn.pdbx_ptnr3_label_atom_id 
_struct_conn.pdbx_ptnr3_label_seq_id 
_struct_conn.pdbx_ptnr3_label_comp_id 
_struct_conn.pdbx_ptnr3_label_asym_id 
_struct_conn.pdbx_ptnr3_label_alt_id 
_struct_conn.pdbx_ptnr3_PDB_ins_code 
_struct_conn.details 
_struct_conn.pdbx_dist_value 
_struct_conn.pdbx_value_order 
_struct_conn.pdbx_role 
metalc1  metalc ? ? A C 1  "O2'" ? ? ? 1_555 E NA .  NA ? ? A C 1  A NA 105 1_555 ? ? ? ? ? ? ?            2.878 ? ? 
metalc2  metalc ? ? A C 1  O2    ? ? ? 1_555 E NA .  NA ? ? A C 1  A NA 105 1_555 ? ? ? ? ? ? ?            2.779 ? ? 
metalc3  metalc ? ? A G 12 OP1   ? ? ? 1_555 G MG .  MG ? ? A G 12 A MG 107 1_555 ? ? ? ? ? ? ?            2.342 ? ? 
hydrog1  hydrog ? ? A C 1  N3    ? ? ? 1_555 A G  23 N1 ? ? A C 1  A G  23  1_555 ? ? ? ? ? ? WATSON-CRICK ?     ? ? 
hydrog2  hydrog ? ? A C 1  N4    ? ? ? 1_555 A G  23 O6 ? ? A C 1  A G  23  1_555 ? ? ? ? ? ? WATSON-CRICK ?     ? ? 
hydrog3  hydrog ? ? A C 1  O2    ? ? ? 1_555 A G  23 N2 ? ? A C 1  A G  23  1_555 ? ? ? ? ? ? WATSON-CRICK ?     ? ? 
hydrog4  hydrog ? ? A U 2  N3    ? ? ? 1_555 A A  22 N1 ? ? A U 2  A A  22  1_555 ? ? ? ? ? ? WATSON-CRICK ?     ? ? 
hydrog5  hydrog ? ? A U 2  O4    ? ? ? 1_555 A A  22 N6 ? ? A U 2  A A  22  1_555 ? ? ? ? ? ? WATSON-CRICK ?     ? ? 
hydrog6  hydrog ? ? A U 3  N3    ? ? ? 1_555 A A  21 N1 ? ? A U 3  A A  21  1_555 ? ? ? ? ? ? WATSON-CRICK ?     ? ? 
hydrog7  hydrog ? ? A U 3  O4    ? ? ? 1_555 A A  21 N6 ? ? A U 3  A A  21  1_555 ? ? ? ? ? ? WATSON-CRICK ?     ? ? 
hydrog8  hydrog ? ? A G 4  N1    ? ? ? 1_555 A C  20 N3 ? ? A G 4  A C  20  1_555 ? ? ? ? ? ? WATSON-CRICK ?     ? ? 
hydrog9  hydrog ? ? A G 4  N2    ? ? ? 1_555 A C  20 O2 ? ? A G 4  A C  20  1_555 ? ? ? ? ? ? WATSON-CRICK ?     ? ? 
hydrog10 hydrog ? ? A G 4  O6    ? ? ? 1_555 A C  20 N4 ? ? A G 4  A C  20  1_555 ? ? ? ? ? ? WATSON-CRICK ?     ? ? 
hydrog11 hydrog ? ? A C 5  O2    ? ? ? 1_555 A G  19 N2 ? ? A C 5  A G  19  1_555 ? ? ? ? ? ? 'C-G PAIR'   ?     ? ? 
hydrog12 hydrog ? ? A U 6  N3    ? ? ? 1_555 A A  18 N1 ? ? A U 6  A A  18  1_555 ? ? ? ? ? ? WATSON-CRICK ?     ? ? 
hydrog13 hydrog ? ? A U 6  O4    ? ? ? 1_555 A A  18 N6 ? ? A U 6  A A  18  1_555 ? ? ? ? ? ? WATSON-CRICK ?     ? ? 
hydrog14 hydrog ? ? A G 7  N1    ? ? ? 1_555 A C  17 N3 ? ? A G 7  A C  17  1_555 ? ? ? ? ? ? WATSON-CRICK ?     ? ? 
hydrog15 hydrog ? ? A G 7  N2    ? ? ? 1_555 A C  17 O2 ? ? A G 7  A C  17  1_555 ? ? ? ? ? ? WATSON-CRICK ?     ? ? 
hydrog16 hydrog ? ? A G 7  O6    ? ? ? 1_555 A C  17 N4 ? ? A G 7  A C  17  1_555 ? ? ? ? ? ? WATSON-CRICK ?     ? ? 
hydrog17 hydrog ? ? A G 10 N1    ? ? ? 1_555 B C  15 N3 ? ? A G 10 B C  15  1_555 ? ? ? ? ? ? WATSON-CRICK ?     ? ? 
hydrog18 hydrog ? ? A G 10 N2    ? ? ? 1_555 B C  15 O2 ? ? A G 10 B C  15  1_555 ? ? ? ? ? ? WATSON-CRICK ?     ? ? 
hydrog19 hydrog ? ? A G 10 O6    ? ? ? 1_555 B C  15 N4 ? ? A G 10 B C  15  1_555 ? ? ? ? ? ? WATSON-CRICK ?     ? ? 
hydrog20 hydrog ? ? A U 11 N3    ? ? ? 1_555 B A  14 N1 ? ? A U 11 B A  14  1_555 ? ? ? ? ? ? WATSON-CRICK ?     ? ? 
hydrog21 hydrog ? ? A U 11 O4    ? ? ? 1_555 B A  14 N6 ? ? A U 11 B A  14  1_555 ? ? ? ? ? ? WATSON-CRICK ?     ? ? 
hydrog22 hydrog ? ? A G 12 N1    ? ? ? 1_555 B C  13 N3 ? ? A G 12 B C  13  1_555 ? ? ? ? ? ? WATSON-CRICK ?     ? ? 
hydrog23 hydrog ? ? A G 12 N2    ? ? ? 1_555 B C  13 O2 ? ? A G 12 B C  13  1_555 ? ? ? ? ? ? WATSON-CRICK ?     ? ? 
hydrog24 hydrog ? ? A G 12 O6    ? ? ? 1_555 B C  13 N4 ? ? A G 12 B C  13  1_555 ? ? ? ? ? ? WATSON-CRICK ?     ? ? 
hydrog25 hydrog ? ? A C 13 N3    ? ? ? 1_555 B G  12 N1 ? ? A C 13 B G  12  1_555 ? ? ? ? ? ? WATSON-CRICK ?     ? ? 
hydrog26 hydrog ? ? A C 13 N4    ? ? ? 1_555 B G  12 O6 ? ? A C 13 B G  12  1_555 ? ? ? ? ? ? WATSON-CRICK ?     ? ? 
hydrog27 hydrog ? ? A C 13 O2    ? ? ? 1_555 B G  12 N2 ? ? A C 13 B G  12  1_555 ? ? ? ? ? ? WATSON-CRICK ?     ? ? 
hydrog28 hydrog ? ? A A 14 N1    ? ? ? 1_555 B U  11 N3 ? ? A A 14 B U  11  1_555 ? ? ? ? ? ? WATSON-CRICK ?     ? ? 
hydrog29 hydrog ? ? A A 14 N6    ? ? ? 1_555 B U  11 O4 ? ? A A 14 B U  11  1_555 ? ? ? ? ? ? WATSON-CRICK ?     ? ? 
hydrog30 hydrog ? ? A C 15 N3    ? ? ? 1_555 B G  10 N1 ? ? A C 15 B G  10  1_555 ? ? ? ? ? ? WATSON-CRICK ?     ? ? 
hydrog31 hydrog ? ? A C 15 N4    ? ? ? 1_555 B G  10 O6 ? ? A C 15 B G  10  1_555 ? ? ? ? ? ? WATSON-CRICK ?     ? ? 
hydrog32 hydrog ? ? A C 15 O2    ? ? ? 1_555 B G  10 N2 ? ? A C 15 B G  10  1_555 ? ? ? ? ? ? WATSON-CRICK ?     ? ? 
hydrog33 hydrog ? ? B C 1  N3    ? ? ? 1_555 B G  23 N1 ? ? B C 1  B G  23  1_555 ? ? ? ? ? ? WATSON-CRICK ?     ? ? 
hydrog34 hydrog ? ? B C 1  N4    ? ? ? 1_555 B G  23 O6 ? ? B C 1  B G  23  1_555 ? ? ? ? ? ? WATSON-CRICK ?     ? ? 
hydrog35 hydrog ? ? B C 1  O2    ? ? ? 1_555 B G  23 N2 ? ? B C 1  B G  23  1_555 ? ? ? ? ? ? WATSON-CRICK ?     ? ? 
hydrog36 hydrog ? ? B U 2  N3    ? ? ? 1_555 B A  22 N1 ? ? B U 2  B A  22  1_555 ? ? ? ? ? ? WATSON-CRICK ?     ? ? 
hydrog37 hydrog ? ? B U 2  O4    ? ? ? 1_555 B A  22 N6 ? ? B U 2  B A  22  1_555 ? ? ? ? ? ? WATSON-CRICK ?     ? ? 
hydrog38 hydrog ? ? B U 3  N3    ? ? ? 1_555 B A  21 N1 ? ? B U 3  B A  21  1_555 ? ? ? ? ? ? WATSON-CRICK ?     ? ? 
hydrog39 hydrog ? ? B U 3  O4    ? ? ? 1_555 B A  21 N6 ? ? B U 3  B A  21  1_555 ? ? ? ? ? ? WATSON-CRICK ?     ? ? 
hydrog40 hydrog ? ? B G 4  N1    ? ? ? 1_555 B C  20 N3 ? ? B G 4  B C  20  1_555 ? ? ? ? ? ? WATSON-CRICK ?     ? ? 
hydrog41 hydrog ? ? B G 4  N2    ? ? ? 1_555 B C  20 O2 ? ? B G 4  B C  20  1_555 ? ? ? ? ? ? WATSON-CRICK ?     ? ? 
hydrog42 hydrog ? ? B G 4  O6    ? ? ? 1_555 B C  20 N4 ? ? B G 4  B C  20  1_555 ? ? ? ? ? ? WATSON-CRICK ?     ? ? 
hydrog43 hydrog ? ? B C 5  N3    ? ? ? 1_555 B G  19 N1 ? ? B C 5  B G  19  1_555 ? ? ? ? ? ? WATSON-CRICK ?     ? ? 
hydrog44 hydrog ? ? B C 5  N4    ? ? ? 1_555 B G  19 O6 ? ? B C 5  B G  19  1_555 ? ? ? ? ? ? WATSON-CRICK ?     ? ? 
hydrog45 hydrog ? ? B C 5  O2    ? ? ? 1_555 B G  19 N2 ? ? B C 5  B G  19  1_555 ? ? ? ? ? ? WATSON-CRICK ?     ? ? 
hydrog46 hydrog ? ? B U 6  N3    ? ? ? 1_555 B A  18 N1 ? ? B U 6  B A  18  1_555 ? ? ? ? ? ? 'U-A PAIR'   ?     ? ? 
hydrog47 hydrog ? ? B G 7  N1    ? ? ? 1_555 B C  17 N3 ? ? B G 7  B C  17  1_555 ? ? ? ? ? ? WATSON-CRICK ?     ? ? 
hydrog48 hydrog ? ? B G 7  N2    ? ? ? 1_555 B C  17 O2 ? ? B G 7  B C  17  1_555 ? ? ? ? ? ? WATSON-CRICK ?     ? ? 
hydrog49 hydrog ? ? B G 7  O6    ? ? ? 1_555 B C  17 N4 ? ? B G 7  B C  17  1_555 ? ? ? ? ? ? WATSON-CRICK ?     ? ? 
# 
loop_
_struct_conn_type.id 
_struct_conn_type.criteria 
_struct_conn_type.reference 
metalc ? ? 
hydrog ? ? 
# 
_pdbx_struct_conn_angle.id                    1 
_pdbx_struct_conn_angle.ptnr1_label_atom_id   "O2'" 
_pdbx_struct_conn_angle.ptnr1_label_alt_id    ? 
_pdbx_struct_conn_angle.ptnr1_label_asym_id   A 
_pdbx_struct_conn_angle.ptnr1_label_comp_id   C 
_pdbx_struct_conn_angle.ptnr1_label_seq_id    1 
_pdbx_struct_conn_angle.ptnr1_auth_atom_id    ? 
_pdbx_struct_conn_angle.ptnr1_auth_asym_id    A 
_pdbx_struct_conn_angle.ptnr1_auth_comp_id    C 
_pdbx_struct_conn_angle.ptnr1_auth_seq_id     1 
_pdbx_struct_conn_angle.ptnr1_PDB_ins_code    ? 
_pdbx_struct_conn_angle.ptnr1_symmetry        1_555 
_pdbx_struct_conn_angle.ptnr2_label_atom_id   NA 
_pdbx_struct_conn_angle.ptnr2_label_alt_id    ? 
_pdbx_struct_conn_angle.ptnr2_label_asym_id   E 
_pdbx_struct_conn_angle.ptnr2_label_comp_id   NA 
_pdbx_struct_conn_angle.ptnr2_label_seq_id    . 
_pdbx_struct_conn_angle.ptnr2_auth_atom_id    ? 
_pdbx_struct_conn_angle.ptnr2_auth_asym_id    A 
_pdbx_struct_conn_angle.ptnr2_auth_comp_id    NA 
_pdbx_struct_conn_angle.ptnr2_auth_seq_id     105 
_pdbx_struct_conn_angle.ptnr2_PDB_ins_code    ? 
_pdbx_struct_conn_angle.ptnr2_symmetry        1_555 
_pdbx_struct_conn_angle.ptnr3_label_atom_id   O2 
_pdbx_struct_conn_angle.ptnr3_label_alt_id    ? 
_pdbx_struct_conn_angle.ptnr3_label_asym_id   A 
_pdbx_struct_conn_angle.ptnr3_label_comp_id   C 
_pdbx_struct_conn_angle.ptnr3_label_seq_id    1 
_pdbx_struct_conn_angle.ptnr3_auth_atom_id    ? 
_pdbx_struct_conn_angle.ptnr3_auth_asym_id    A 
_pdbx_struct_conn_angle.ptnr3_auth_comp_id    C 
_pdbx_struct_conn_angle.ptnr3_auth_seq_id     1 
_pdbx_struct_conn_angle.ptnr3_PDB_ins_code    ? 
_pdbx_struct_conn_angle.ptnr3_symmetry        1_555 
_pdbx_struct_conn_angle.value                 80.0 
_pdbx_struct_conn_angle.value_esd             ? 
# 
loop_
_struct_site.id 
_struct_site.pdbx_evidence_code 
_struct_site.pdbx_auth_asym_id 
_struct_site.pdbx_auth_comp_id 
_struct_site.pdbx_auth_seq_id 
_struct_site.pdbx_auth_ins_code 
_struct_site.pdbx_num_residues 
_struct_site.details 
AC1 Software B SO4 101 ? 3 'BINDING SITE FOR RESIDUE SO4 B 101' 
AC2 Software A SO4 102 ? 5 'BINDING SITE FOR RESIDUE SO4 A 102' 
AC3 Software A NA  105 ? 2 'BINDING SITE FOR RESIDUE NA A 105'  
AC4 Software A SO4 106 ? 1 'BINDING SITE FOR RESIDUE SO4 A 106' 
AC5 Software A MG  107 ? 1 'BINDING SITE FOR RESIDUE MG A 107'  
AC6 Software A SPM 108 ? 8 'BINDING SITE FOR RESIDUE SPM A 108' 
# 
loop_
_struct_site_gen.id 
_struct_site_gen.site_id 
_struct_site_gen.pdbx_num_res 
_struct_site_gen.label_comp_id 
_struct_site_gen.label_asym_id 
_struct_site_gen.label_seq_id 
_struct_site_gen.pdbx_auth_ins_code 
_struct_site_gen.auth_comp_id 
_struct_site_gen.auth_asym_id 
_struct_site_gen.auth_seq_id 
_struct_site_gen.label_atom_id 
_struct_site_gen.label_alt_id 
_struct_site_gen.symmetry 
_struct_site_gen.details 
1  AC1 3 HOH K .  ? HOH A 146 . ? 5_445 ? 
2  AC1 3 C   B 1  ? C   B 1   . ? 1_555 ? 
3  AC1 3 HOH L .  ? HOH B 136 . ? 1_555 ? 
4  AC2 5 A   A 8  ? A   A 8   . ? 1_555 ? 
5  AC2 5 G   A 9  ? G   A 9   . ? 1_555 ? 
6  AC2 5 HOH K .  ? HOH A 134 . ? 1_555 ? 
7  AC2 5 HOH K .  ? HOH A 144 . ? 1_555 ? 
8  AC2 5 A   B 8  ? A   B 8   . ? 3_656 ? 
9  AC3 2 C   A 1  ? C   A 1   . ? 1_555 ? 
10 AC3 2 U   A 2  ? U   A 2   . ? 1_555 ? 
11 AC4 1 C   A 1  ? C   A 1   . ? 1_555 ? 
12 AC5 1 G   A 12 ? G   A 12  . ? 1_555 ? 
13 AC6 8 G   A 9  ? G   A 9   . ? 1_555 ? 
14 AC6 8 G   A 10 ? G   A 10  . ? 1_555 ? 
15 AC6 8 U   A 11 ? U   A 11  . ? 1_555 ? 
16 AC6 8 HOH K .  ? HOH A 110 . ? 1_555 ? 
17 AC6 8 HOH K .  ? HOH A 124 . ? 1_555 ? 
18 AC6 8 HOH K .  ? HOH A 138 . ? 1_555 ? 
19 AC6 8 G   B 10 ? G   B 10  . ? 1_555 ? 
20 AC6 8 HOH L .  ? HOH B 119 . ? 1_555 ? 
# 
loop_
_chem_comp_atom.comp_id 
_chem_comp_atom.atom_id 
_chem_comp_atom.type_symbol 
_chem_comp_atom.pdbx_aromatic_flag 
_chem_comp_atom.pdbx_stereo_config 
_chem_comp_atom.pdbx_ordinal 
A   OP3    O  N N 1   
A   P      P  N N 2   
A   OP1    O  N N 3   
A   OP2    O  N N 4   
A   "O5'"  O  N N 5   
A   "C5'"  C  N N 6   
A   "C4'"  C  N R 7   
A   "O4'"  O  N N 8   
A   "C3'"  C  N S 9   
A   "O3'"  O  N N 10  
A   "C2'"  C  N R 11  
A   "O2'"  O  N N 12  
A   "C1'"  C  N R 13  
A   N9     N  Y N 14  
A   C8     C  Y N 15  
A   N7     N  Y N 16  
A   C5     C  Y N 17  
A   C6     C  Y N 18  
A   N6     N  N N 19  
A   N1     N  Y N 20  
A   C2     C  Y N 21  
A   N3     N  Y N 22  
A   C4     C  Y N 23  
A   HOP3   H  N N 24  
A   HOP2   H  N N 25  
A   "H5'"  H  N N 26  
A   "H5''" H  N N 27  
A   "H4'"  H  N N 28  
A   "H3'"  H  N N 29  
A   "HO3'" H  N N 30  
A   "H2'"  H  N N 31  
A   "HO2'" H  N N 32  
A   "H1'"  H  N N 33  
A   H8     H  N N 34  
A   H61    H  N N 35  
A   H62    H  N N 36  
A   H2     H  N N 37  
C   OP3    O  N N 38  
C   P      P  N N 39  
C   OP1    O  N N 40  
C   OP2    O  N N 41  
C   "O5'"  O  N N 42  
C   "C5'"  C  N N 43  
C   "C4'"  C  N R 44  
C   "O4'"  O  N N 45  
C   "C3'"  C  N S 46  
C   "O3'"  O  N N 47  
C   "C2'"  C  N R 48  
C   "O2'"  O  N N 49  
C   "C1'"  C  N R 50  
C   N1     N  N N 51  
C   C2     C  N N 52  
C   O2     O  N N 53  
C   N3     N  N N 54  
C   C4     C  N N 55  
C   N4     N  N N 56  
C   C5     C  N N 57  
C   C6     C  N N 58  
C   HOP3   H  N N 59  
C   HOP2   H  N N 60  
C   "H5'"  H  N N 61  
C   "H5''" H  N N 62  
C   "H4'"  H  N N 63  
C   "H3'"  H  N N 64  
C   "HO3'" H  N N 65  
C   "H2'"  H  N N 66  
C   "HO2'" H  N N 67  
C   "H1'"  H  N N 68  
C   H41    H  N N 69  
C   H42    H  N N 70  
C   H5     H  N N 71  
C   H6     H  N N 72  
G   OP3    O  N N 73  
G   P      P  N N 74  
G   OP1    O  N N 75  
G   OP2    O  N N 76  
G   "O5'"  O  N N 77  
G   "C5'"  C  N N 78  
G   "C4'"  C  N R 79  
G   "O4'"  O  N N 80  
G   "C3'"  C  N S 81  
G   "O3'"  O  N N 82  
G   "C2'"  C  N R 83  
G   "O2'"  O  N N 84  
G   "C1'"  C  N R 85  
G   N9     N  Y N 86  
G   C8     C  Y N 87  
G   N7     N  Y N 88  
G   C5     C  Y N 89  
G   C6     C  N N 90  
G   O6     O  N N 91  
G   N1     N  N N 92  
G   C2     C  N N 93  
G   N2     N  N N 94  
G   N3     N  N N 95  
G   C4     C  Y N 96  
G   HOP3   H  N N 97  
G   HOP2   H  N N 98  
G   "H5'"  H  N N 99  
G   "H5''" H  N N 100 
G   "H4'"  H  N N 101 
G   "H3'"  H  N N 102 
G   "HO3'" H  N N 103 
G   "H2'"  H  N N 104 
G   "HO2'" H  N N 105 
G   "H1'"  H  N N 106 
G   H8     H  N N 107 
G   H1     H  N N 108 
G   H21    H  N N 109 
G   H22    H  N N 110 
HOH O      O  N N 111 
HOH H1     H  N N 112 
HOH H2     H  N N 113 
MG  MG     MG N N 114 
NA  NA     NA N N 115 
SO4 S      S  N N 116 
SO4 O1     O  N N 117 
SO4 O2     O  N N 118 
SO4 O3     O  N N 119 
SO4 O4     O  N N 120 
SPM N1     N  N N 121 
SPM C2     C  N N 122 
SPM C3     C  N N 123 
SPM C4     C  N N 124 
SPM N5     N  N N 125 
SPM C6     C  N N 126 
SPM C7     C  N N 127 
SPM C8     C  N N 128 
SPM C9     C  N N 129 
SPM N10    N  N N 130 
SPM C11    C  N N 131 
SPM C12    C  N N 132 
SPM C13    C  N N 133 
SPM N14    N  N N 134 
SPM HN11   H  N N 135 
SPM HN12   H  N N 136 
SPM H21    H  N N 137 
SPM H22    H  N N 138 
SPM H31    H  N N 139 
SPM H32    H  N N 140 
SPM H41    H  N N 141 
SPM H42    H  N N 142 
SPM HN5    H  N N 143 
SPM H61    H  N N 144 
SPM H62    H  N N 145 
SPM H71    H  N N 146 
SPM H72    H  N N 147 
SPM H81    H  N N 148 
SPM H82    H  N N 149 
SPM H91    H  N N 150 
SPM H92    H  N N 151 
SPM HN0    H  N N 152 
SPM H111   H  N N 153 
SPM H112   H  N N 154 
SPM H121   H  N N 155 
SPM H122   H  N N 156 
SPM H131   H  N N 157 
SPM H132   H  N N 158 
SPM HN41   H  N N 159 
SPM HN42   H  N N 160 
U   OP3    O  N N 161 
U   P      P  N N 162 
U   OP1    O  N N 163 
U   OP2    O  N N 164 
U   "O5'"  O  N N 165 
U   "C5'"  C  N N 166 
U   "C4'"  C  N R 167 
U   "O4'"  O  N N 168 
U   "C3'"  C  N S 169 
U   "O3'"  O  N N 170 
U   "C2'"  C  N R 171 
U   "O2'"  O  N N 172 
U   "C1'"  C  N R 173 
U   N1     N  N N 174 
U   C2     C  N N 175 
U   O2     O  N N 176 
U   N3     N  N N 177 
U   C4     C  N N 178 
U   O4     O  N N 179 
U   C5     C  N N 180 
U   C6     C  N N 181 
U   HOP3   H  N N 182 
U   HOP2   H  N N 183 
U   "H5'"  H  N N 184 
U   "H5''" H  N N 185 
U   "H4'"  H  N N 186 
U   "H3'"  H  N N 187 
U   "HO3'" H  N N 188 
U   "H2'"  H  N N 189 
U   "HO2'" H  N N 190 
U   "H1'"  H  N N 191 
U   H3     H  N N 192 
U   H5     H  N N 193 
U   H6     H  N N 194 
# 
loop_
_chem_comp_bond.comp_id 
_chem_comp_bond.atom_id_1 
_chem_comp_bond.atom_id_2 
_chem_comp_bond.value_order 
_chem_comp_bond.pdbx_aromatic_flag 
_chem_comp_bond.pdbx_stereo_config 
_chem_comp_bond.pdbx_ordinal 
A   OP3   P      sing N N 1   
A   OP3   HOP3   sing N N 2   
A   P     OP1    doub N N 3   
A   P     OP2    sing N N 4   
A   P     "O5'"  sing N N 5   
A   OP2   HOP2   sing N N 6   
A   "O5'" "C5'"  sing N N 7   
A   "C5'" "C4'"  sing N N 8   
A   "C5'" "H5'"  sing N N 9   
A   "C5'" "H5''" sing N N 10  
A   "C4'" "O4'"  sing N N 11  
A   "C4'" "C3'"  sing N N 12  
A   "C4'" "H4'"  sing N N 13  
A   "O4'" "C1'"  sing N N 14  
A   "C3'" "O3'"  sing N N 15  
A   "C3'" "C2'"  sing N N 16  
A   "C3'" "H3'"  sing N N 17  
A   "O3'" "HO3'" sing N N 18  
A   "C2'" "O2'"  sing N N 19  
A   "C2'" "C1'"  sing N N 20  
A   "C2'" "H2'"  sing N N 21  
A   "O2'" "HO2'" sing N N 22  
A   "C1'" N9     sing N N 23  
A   "C1'" "H1'"  sing N N 24  
A   N9    C8     sing Y N 25  
A   N9    C4     sing Y N 26  
A   C8    N7     doub Y N 27  
A   C8    H8     sing N N 28  
A   N7    C5     sing Y N 29  
A   C5    C6     sing Y N 30  
A   C5    C4     doub Y N 31  
A   C6    N6     sing N N 32  
A   C6    N1     doub Y N 33  
A   N6    H61    sing N N 34  
A   N6    H62    sing N N 35  
A   N1    C2     sing Y N 36  
A   C2    N3     doub Y N 37  
A   C2    H2     sing N N 38  
A   N3    C4     sing Y N 39  
C   OP3   P      sing N N 40  
C   OP3   HOP3   sing N N 41  
C   P     OP1    doub N N 42  
C   P     OP2    sing N N 43  
C   P     "O5'"  sing N N 44  
C   OP2   HOP2   sing N N 45  
C   "O5'" "C5'"  sing N N 46  
C   "C5'" "C4'"  sing N N 47  
C   "C5'" "H5'"  sing N N 48  
C   "C5'" "H5''" sing N N 49  
C   "C4'" "O4'"  sing N N 50  
C   "C4'" "C3'"  sing N N 51  
C   "C4'" "H4'"  sing N N 52  
C   "O4'" "C1'"  sing N N 53  
C   "C3'" "O3'"  sing N N 54  
C   "C3'" "C2'"  sing N N 55  
C   "C3'" "H3'"  sing N N 56  
C   "O3'" "HO3'" sing N N 57  
C   "C2'" "O2'"  sing N N 58  
C   "C2'" "C1'"  sing N N 59  
C   "C2'" "H2'"  sing N N 60  
C   "O2'" "HO2'" sing N N 61  
C   "C1'" N1     sing N N 62  
C   "C1'" "H1'"  sing N N 63  
C   N1    C2     sing N N 64  
C   N1    C6     sing N N 65  
C   C2    O2     doub N N 66  
C   C2    N3     sing N N 67  
C   N3    C4     doub N N 68  
C   C4    N4     sing N N 69  
C   C4    C5     sing N N 70  
C   N4    H41    sing N N 71  
C   N4    H42    sing N N 72  
C   C5    C6     doub N N 73  
C   C5    H5     sing N N 74  
C   C6    H6     sing N N 75  
G   OP3   P      sing N N 76  
G   OP3   HOP3   sing N N 77  
G   P     OP1    doub N N 78  
G   P     OP2    sing N N 79  
G   P     "O5'"  sing N N 80  
G   OP2   HOP2   sing N N 81  
G   "O5'" "C5'"  sing N N 82  
G   "C5'" "C4'"  sing N N 83  
G   "C5'" "H5'"  sing N N 84  
G   "C5'" "H5''" sing N N 85  
G   "C4'" "O4'"  sing N N 86  
G   "C4'" "C3'"  sing N N 87  
G   "C4'" "H4'"  sing N N 88  
G   "O4'" "C1'"  sing N N 89  
G   "C3'" "O3'"  sing N N 90  
G   "C3'" "C2'"  sing N N 91  
G   "C3'" "H3'"  sing N N 92  
G   "O3'" "HO3'" sing N N 93  
G   "C2'" "O2'"  sing N N 94  
G   "C2'" "C1'"  sing N N 95  
G   "C2'" "H2'"  sing N N 96  
G   "O2'" "HO2'" sing N N 97  
G   "C1'" N9     sing N N 98  
G   "C1'" "H1'"  sing N N 99  
G   N9    C8     sing Y N 100 
G   N9    C4     sing Y N 101 
G   C8    N7     doub Y N 102 
G   C8    H8     sing N N 103 
G   N7    C5     sing Y N 104 
G   C5    C6     sing N N 105 
G   C5    C4     doub Y N 106 
G   C6    O6     doub N N 107 
G   C6    N1     sing N N 108 
G   N1    C2     sing N N 109 
G   N1    H1     sing N N 110 
G   C2    N2     sing N N 111 
G   C2    N3     doub N N 112 
G   N2    H21    sing N N 113 
G   N2    H22    sing N N 114 
G   N3    C4     sing N N 115 
HOH O     H1     sing N N 116 
HOH O     H2     sing N N 117 
SO4 S     O1     doub N N 118 
SO4 S     O2     doub N N 119 
SO4 S     O3     sing N N 120 
SO4 S     O4     sing N N 121 
SPM N1    C2     sing N N 122 
SPM N1    HN11   sing N N 123 
SPM N1    HN12   sing N N 124 
SPM C2    C3     sing N N 125 
SPM C2    H21    sing N N 126 
SPM C2    H22    sing N N 127 
SPM C3    C4     sing N N 128 
SPM C3    H31    sing N N 129 
SPM C3    H32    sing N N 130 
SPM C4    N5     sing N N 131 
SPM C4    H41    sing N N 132 
SPM C4    H42    sing N N 133 
SPM N5    C6     sing N N 134 
SPM N5    HN5    sing N N 135 
SPM C6    C7     sing N N 136 
SPM C6    H61    sing N N 137 
SPM C6    H62    sing N N 138 
SPM C7    C8     sing N N 139 
SPM C7    H71    sing N N 140 
SPM C7    H72    sing N N 141 
SPM C8    C9     sing N N 142 
SPM C8    H81    sing N N 143 
SPM C8    H82    sing N N 144 
SPM C9    N10    sing N N 145 
SPM C9    H91    sing N N 146 
SPM C9    H92    sing N N 147 
SPM N10   C11    sing N N 148 
SPM N10   HN0    sing N N 149 
SPM C11   C12    sing N N 150 
SPM C11   H111   sing N N 151 
SPM C11   H112   sing N N 152 
SPM C12   C13    sing N N 153 
SPM C12   H121   sing N N 154 
SPM C12   H122   sing N N 155 
SPM C13   N14    sing N N 156 
SPM C13   H131   sing N N 157 
SPM C13   H132   sing N N 158 
SPM N14   HN41   sing N N 159 
SPM N14   HN42   sing N N 160 
U   OP3   P      sing N N 161 
U   OP3   HOP3   sing N N 162 
U   P     OP1    doub N N 163 
U   P     OP2    sing N N 164 
U   P     "O5'"  sing N N 165 
U   OP2   HOP2   sing N N 166 
U   "O5'" "C5'"  sing N N 167 
U   "C5'" "C4'"  sing N N 168 
U   "C5'" "H5'"  sing N N 169 
U   "C5'" "H5''" sing N N 170 
U   "C4'" "O4'"  sing N N 171 
U   "C4'" "C3'"  sing N N 172 
U   "C4'" "H4'"  sing N N 173 
U   "O4'" "C1'"  sing N N 174 
U   "C3'" "O3'"  sing N N 175 
U   "C3'" "C2'"  sing N N 176 
U   "C3'" "H3'"  sing N N 177 
U   "O3'" "HO3'" sing N N 178 
U   "C2'" "O2'"  sing N N 179 
U   "C2'" "C1'"  sing N N 180 
U   "C2'" "H2'"  sing N N 181 
U   "O2'" "HO2'" sing N N 182 
U   "C1'" N1     sing N N 183 
U   "C1'" "H1'"  sing N N 184 
U   N1    C2     sing N N 185 
U   N1    C6     sing N N 186 
U   C2    O2     doub N N 187 
U   C2    N3     sing N N 188 
U   N3    C4     sing N N 189 
U   N3    H3     sing N N 190 
U   C4    O4     doub N N 191 
U   C4    C5     sing N N 192 
U   C5    C6     doub N N 193 
U   C5    H5     sing N N 194 
U   C6    H6     sing N N 195 
# 
_ndb_struct_conf_na.entry_id   1XPF 
_ndb_struct_conf_na.feature    'a-form double helix' 
# 
loop_
_ndb_struct_na_base_pair.model_number 
_ndb_struct_na_base_pair.i_label_asym_id 
_ndb_struct_na_base_pair.i_label_comp_id 
_ndb_struct_na_base_pair.i_label_seq_id 
_ndb_struct_na_base_pair.i_symmetry 
_ndb_struct_na_base_pair.j_label_asym_id 
_ndb_struct_na_base_pair.j_label_comp_id 
_ndb_struct_na_base_pair.j_label_seq_id 
_ndb_struct_na_base_pair.j_symmetry 
_ndb_struct_na_base_pair.shear 
_ndb_struct_na_base_pair.stretch 
_ndb_struct_na_base_pair.stagger 
_ndb_struct_na_base_pair.buckle 
_ndb_struct_na_base_pair.propeller 
_ndb_struct_na_base_pair.opening 
_ndb_struct_na_base_pair.pair_number 
_ndb_struct_na_base_pair.pair_name 
_ndb_struct_na_base_pair.i_auth_asym_id 
_ndb_struct_na_base_pair.i_auth_seq_id 
_ndb_struct_na_base_pair.i_PDB_ins_code 
_ndb_struct_na_base_pair.j_auth_asym_id 
_ndb_struct_na_base_pair.j_auth_seq_id 
_ndb_struct_na_base_pair.j_PDB_ins_code 
_ndb_struct_na_base_pair.hbond_type_28 
_ndb_struct_na_base_pair.hbond_type_12 
1 A C 1  1_555 A G 23 1_555 0.011  0.001 -0.084 10.531  -15.953 -2.355 1  A_C1:G23_A  A 1  ? A 23 ? 19 1 
1 A U 2  1_555 A A 22 1_555 0.047  0.306 0.016  1.523   -17.687 2.274  2  A_U2:A22_A  A 2  ? A 22 ? 20 1 
1 A U 3  1_555 A A 21 1_555 -0.044 0.234 -0.045 3.868   -13.619 -0.316 3  A_U3:A21_A  A 3  ? A 21 ? 20 1 
1 A G 4  1_555 A C 20 1_555 0.079  0.123 -0.120 -1.149  -13.482 -2.896 4  A_G4:C20_A  A 4  ? A 20 ? 19 1 
1 A C 5  1_555 A G 19 1_555 -0.118 0.443 -0.202 6.524   -14.747 4.216  5  A_C5:G19_A  A 5  ? A 19 ? ?  1 
1 A U 6  1_555 A A 18 1_555 0.005  0.316 0.091  -0.234  -14.145 4.246  6  A_U6:A18_A  A 6  ? A 18 ? 20 1 
1 A G 7  1_555 A C 17 1_555 0.252  0.317 -0.026 -1.936  -10.981 -0.140 7  A_G7:C17_A  A 7  ? A 17 ? 19 1 
1 A G 10 1_555 B C 15 1_555 -0.286 0.043 -0.228 -14.381 -10.058 0.329  8  A_G10:C15_B A 10 ? B 15 ? 19 1 
1 A U 11 1_555 B A 14 1_555 -0.184 0.181 0.169  -9.340  -10.863 -0.105 9  A_U11:A14_B A 11 ? B 14 ? 20 1 
1 A G 12 1_555 B C 13 1_555 -0.110 0.196 0.112  3.010   -1.888  -1.640 10 A_G12:C13_B A 12 ? B 13 ? 19 1 
1 A C 13 1_555 B G 12 1_555 0.193  0.252 -0.236 4.031   -11.836 0.527  11 A_C13:G12_B A 13 ? B 12 ? 19 1 
1 A A 14 1_555 B U 11 1_555 0.245  0.266 0.521  14.303  -5.893  -4.273 12 A_A14:U11_B A 14 ? B 11 ? 20 1 
1 A C 15 1_555 B G 10 1_555 0.270  0.077 -0.341 17.020  -10.516 0.852  13 A_C15:G10_B A 15 ? B 10 ? 19 1 
1 B C 1  1_555 B G 23 1_555 0.157  0.196 0.071  8.353   -15.613 -2.578 14 B_C1:G23_B  B 1  ? B 23 ? 19 1 
1 B U 2  1_555 B A 22 1_555 -0.103 0.277 0.149  -3.104  -16.159 0.614  15 B_U2:A22_B  B 2  ? B 22 ? 20 1 
1 B U 3  1_555 B A 21 1_555 -0.122 0.225 0.037  1.431   -9.854  3.491  16 B_U3:A21_B  B 3  ? B 21 ? 20 1 
1 B G 4  1_555 B C 20 1_555 -0.095 0.175 0.224  1.553   -11.733 1.646  17 B_G4:C20_B  B 4  ? B 20 ? 19 1 
1 B C 5  1_555 B G 19 1_555 0.255  0.071 -0.117 2.643   -16.789 0.664  18 B_C5:G19_B  B 5  ? B 19 ? 19 1 
1 B U 6  1_555 B A 18 1_555 0.335  0.345 -0.002 -4.317  -15.907 9.109  19 B_U6:A18_B  B 6  ? B 18 ? ?  ? 
1 B G 7  1_555 B C 17 1_555 0.234  0.289 0.133  5.151   -7.768  -0.333 20 B_G7:C17_B  B 7  ? B 17 ? 19 1 
# 
loop_
_ndb_struct_na_base_pair_step.model_number 
_ndb_struct_na_base_pair_step.i_label_asym_id_1 
_ndb_struct_na_base_pair_step.i_label_comp_id_1 
_ndb_struct_na_base_pair_step.i_label_seq_id_1 
_ndb_struct_na_base_pair_step.i_symmetry_1 
_ndb_struct_na_base_pair_step.j_label_asym_id_1 
_ndb_struct_na_base_pair_step.j_label_comp_id_1 
_ndb_struct_na_base_pair_step.j_label_seq_id_1 
_ndb_struct_na_base_pair_step.j_symmetry_1 
_ndb_struct_na_base_pair_step.i_label_asym_id_2 
_ndb_struct_na_base_pair_step.i_label_comp_id_2 
_ndb_struct_na_base_pair_step.i_label_seq_id_2 
_ndb_struct_na_base_pair_step.i_symmetry_2 
_ndb_struct_na_base_pair_step.j_label_asym_id_2 
_ndb_struct_na_base_pair_step.j_label_comp_id_2 
_ndb_struct_na_base_pair_step.j_label_seq_id_2 
_ndb_struct_na_base_pair_step.j_symmetry_2 
_ndb_struct_na_base_pair_step.shift 
_ndb_struct_na_base_pair_step.slide 
_ndb_struct_na_base_pair_step.rise 
_ndb_struct_na_base_pair_step.tilt 
_ndb_struct_na_base_pair_step.roll 
_ndb_struct_na_base_pair_step.twist 
_ndb_struct_na_base_pair_step.x_displacement 
_ndb_struct_na_base_pair_step.y_displacement 
_ndb_struct_na_base_pair_step.helical_rise 
_ndb_struct_na_base_pair_step.inclination 
_ndb_struct_na_base_pair_step.tip 
_ndb_struct_na_base_pair_step.helical_twist 
_ndb_struct_na_base_pair_step.step_number 
_ndb_struct_na_base_pair_step.step_name 
_ndb_struct_na_base_pair_step.i_auth_asym_id_1 
_ndb_struct_na_base_pair_step.i_auth_seq_id_1 
_ndb_struct_na_base_pair_step.i_PDB_ins_code_1 
_ndb_struct_na_base_pair_step.j_auth_asym_id_1 
_ndb_struct_na_base_pair_step.j_auth_seq_id_1 
_ndb_struct_na_base_pair_step.j_PDB_ins_code_1 
_ndb_struct_na_base_pair_step.i_auth_asym_id_2 
_ndb_struct_na_base_pair_step.i_auth_seq_id_2 
_ndb_struct_na_base_pair_step.i_PDB_ins_code_2 
_ndb_struct_na_base_pair_step.j_auth_asym_id_2 
_ndb_struct_na_base_pair_step.j_auth_seq_id_2 
_ndb_struct_na_base_pair_step.j_PDB_ins_code_2 
1 A C 1  1_555 A G 23 1_555 A U 2  1_555 A A 22 1_555 -0.213 -1.719 3.574 -2.545 8.808  35.082 -4.043 -0.026 3.074 14.311 4.135   
36.224 1  AA_C1U2:A22G23_AA   A 1  ? A 23 ? A 2  ? A 22 ? 
1 A U 2  1_555 A A 22 1_555 A U 3  1_555 A A 21 1_555 -0.430 -1.201 3.262 -1.273 10.614 33.030 -3.557 0.536  2.770 18.088 2.169   
34.671 2  AA_U2U3:A21A22_AA   A 2  ? A 22 ? A 3  ? A 21 ? 
1 A U 3  1_555 A A 21 1_555 A G 4  1_555 A C 20 1_555 -0.327 -1.757 3.484 -0.506 12.059 28.985 -5.441 0.513  2.571 22.880 0.959   
31.348 3  AA_U3G4:C20A21_AA   A 3  ? A 21 ? A 4  ? A 20 ? 
1 A G 4  1_555 A C 20 1_555 A C 5  1_555 A G 19 1_555 0.306  -1.446 3.241 -0.450 4.705  31.526 -3.455 -0.635 2.995 8.599  0.822   
31.870 4  AA_G4C5:G19C20_AA   A 4  ? A 20 ? A 5  ? A 19 ? 
1 A C 5  1_555 A G 19 1_555 A U 6  1_555 A A 18 1_555 0.412  -1.400 3.526 -1.043 8.740  32.963 -3.810 -0.872 3.052 15.070 1.798   
34.087 5  AA_C5U6:A18G19_AA   A 5  ? A 19 ? A 6  ? A 18 ? 
1 A U 6  1_555 A A 18 1_555 A G 7  1_555 A C 17 1_555 -0.080 -1.625 3.344 3.183  17.791 29.483 -5.210 0.577  2.044 31.505 -5.638  
34.477 6  AA_U6G7:C17A18_AA   A 6  ? A 18 ? A 7  ? A 17 ? 
1 A G 10 1_555 B C 15 1_555 A U 11 1_555 B A 14 1_555 -0.511 -1.585 3.258 -4.152 1.226  33.566 -2.920 0.210  3.238 2.112  7.152   
33.836 7  AA_G10U11:A14C15_BB A 10 ? B 15 ? A 11 ? B 14 ? 
1 A U 11 1_555 B A 14 1_555 A G 12 1_555 B C 13 1_555 -0.359 -1.499 3.014 0.405  6.082  32.262 -3.571 0.696  2.690 10.825 -0.720  
32.817 8  AA_U11G12:C13A14_BB A 11 ? B 14 ? A 12 ? B 13 ? 
1 A G 12 1_555 B C 13 1_555 A C 13 1_555 B G 12 1_555 0.115  -0.961 3.471 4.581  10.171 29.641 -3.681 0.653  2.972 19.053 -8.581  
31.627 9  AA_G12C13:G12C13_BB A 12 ? B 13 ? A 13 ? B 12 ? 
1 A C 13 1_555 B G 12 1_555 A A 14 1_555 B U 11 1_555 0.039  -1.548 3.027 -3.676 9.701  30.851 -4.218 -0.620 2.422 17.622 6.677   
32.508 10 AA_C13A14:U11G12_BB A 13 ? B 12 ? A 14 ? B 11 ? 
1 A A 14 1_555 B U 11 1_555 A C 15 1_555 B G 10 1_555 0.694  -1.356 3.377 6.619  6.356  31.122 -3.566 -0.060 3.124 11.535 -12.013 
32.414 11 AA_A14C15:G10U11_BB A 14 ? B 11 ? A 15 ? B 10 ? 
1 B C 1  1_555 B G 23 1_555 B U 2  1_555 B A 22 1_555 -0.487 -1.783 3.632 -3.788 11.989 32.094 -4.933 0.217  2.842 20.719 6.546   
34.409 12 BB_C1U2:A22G23_BB   B 1  ? B 23 ? B 2  ? B 22 ? 
1 B U 2  1_555 B A 22 1_555 B U 3  1_555 B A 21 1_555 -0.024 -1.397 3.292 -2.077 3.610  32.315 -3.109 -0.313 3.117 6.452  3.713   
32.575 13 BB_U2U3:A21A22_BB   B 2  ? B 22 ? B 3  ? B 21 ? 
1 B U 3  1_555 B A 21 1_555 B G 4  1_555 B C 20 1_555 -0.327 -1.513 3.166 -2.586 14.266 31.442 -4.485 0.200  2.304 24.746 4.485   
34.547 14 BB_U3G4:C20A21_BB   B 3  ? B 21 ? B 4  ? B 20 ? 
1 B G 4  1_555 B C 20 1_555 B C 5  1_555 B G 19 1_555 -0.040 -1.607 3.337 1.283  4.592  33.175 -3.534 0.277  3.090 7.990  -2.232  
33.506 15 BB_G4C5:G19C20_BB   B 4  ? B 20 ? B 5  ? B 19 ? 
1 B C 5  1_555 B G 19 1_555 B U 6  1_555 B A 18 1_555 0.654  -1.540 3.574 2.090  7.890  33.043 -3.951 -0.770 3.167 13.615 -3.606  
34.009 16 BB_C5U6:A18G19_BB   B 5  ? B 19 ? B 6  ? B 18 ? 
1 B U 6  1_555 B A 18 1_555 B G 7  1_555 B C 17 1_555 -0.231 -1.526 3.107 1.923  16.052 28.350 -5.055 0.691  1.964 29.900 -3.582  
32.553 17 BB_U6G7:C17A18_BB   B 6  ? B 18 ? B 7  ? B 17 ? 
# 
_atom_sites.entry_id                    1XPF 
_atom_sites.fract_transf_matrix[1][1]   0.01026388 
_atom_sites.fract_transf_matrix[1][2]   -0.01318561 
_atom_sites.fract_transf_matrix[1][3]   0.03104477 
_atom_sites.fract_transf_matrix[2][1]   -0.00669820 
_atom_sites.fract_transf_matrix[2][2]   0.00333843 
_atom_sites.fract_transf_matrix[2][3]   0.00363246 
_atom_sites.fract_transf_matrix[3][1]   -0.00527366 
_atom_sites.fract_transf_matrix[3][2]   -0.00853420 
_atom_sites.fract_transf_matrix[3][3]   -0.00188117 
_atom_sites.fract_transf_vector[1]      0.671818 
_atom_sites.fract_transf_vector[2]      -0.006902 
_atom_sites.fract_transf_vector[3]      0.607448 
# 
loop_
_atom_type.symbol 
C  
MG 
N  
NA 
O  
P  
S  
# 
loop_
_atom_site.group_PDB 
_atom_site.id 
_atom_site.type_symbol 
_atom_site.label_atom_id 
_atom_site.label_alt_id 
_atom_site.label_comp_id 
_atom_site.label_asym_id 
_atom_site.label_entity_id 
_atom_site.label_seq_id 
_atom_site.pdbx_PDB_ins_code 
_atom_site.Cartn_x 
_atom_site.Cartn_y 
_atom_site.Cartn_z 
_atom_site.occupancy 
_atom_site.B_iso_or_equiv 
_atom_site.pdbx_formal_charge 
_atom_site.auth_seq_id 
_atom_site.auth_comp_id 
_atom_site.auth_asym_id 
_atom_site.auth_atom_id 
_atom_site.pdbx_PDB_model_num 
ATOM   1    O  "O5'" . C   A 1 1  ? -18.120 13.831  13.196  1.00 29.93 ? 1   C   A "O5'" 1 
ATOM   2    C  "C5'" . C   A 1 1  ? -17.502 15.104  13.027  1.00 29.71 ? 1   C   A "C5'" 1 
ATOM   3    C  "C4'" . C   A 1 1  ? -17.133 15.716  14.357  1.00 28.01 ? 1   C   A "C4'" 1 
ATOM   4    O  "O4'" . C   A 1 1  ? -18.231 15.517  15.284  1.00 28.11 ? 1   C   A "O4'" 1 
ATOM   5    C  "C3'" . C   A 1 1  ? -15.937 15.109  15.072  1.00 28.45 ? 1   C   A "C3'" 1 
ATOM   6    O  "O3'" . C   A 1 1  ? -14.718 15.665  14.572  1.00 31.22 ? 1   C   A "O3'" 1 
ATOM   7    C  "C2'" . C   A 1 1  ? -16.196 15.536  16.511  1.00 27.39 ? 1   C   A "C2'" 1 
ATOM   8    O  "O2'" . C   A 1 1  ? -15.856 16.889  16.719  1.00 27.44 ? 1   C   A "O2'" 1 
ATOM   9    C  "C1'" . C   A 1 1  ? -17.719 15.402  16.601  1.00 26.39 ? 1   C   A "C1'" 1 
ATOM   10   N  N1    . C   A 1 1  ? -18.166 14.121  17.170  1.00 25.13 ? 1   C   A N1    1 
ATOM   11   C  C2    . C   A 1 1  ? -18.007 13.916  18.549  1.00 23.53 ? 1   C   A C2    1 
ATOM   12   O  O2    . C   A 1 1  ? -17.480 14.810  19.224  1.00 23.64 ? 1   C   A O2    1 
ATOM   13   N  N3    . C   A 1 1  ? -18.430 12.754  19.105  1.00 20.43 ? 1   C   A N3    1 
ATOM   14   C  C4    . C   A 1 1  ? -18.991 11.815  18.340  1.00 21.51 ? 1   C   A C4    1 
ATOM   15   N  N4    . C   A 1 1  ? -19.419 10.694  18.941  1.00 20.14 ? 1   C   A N4    1 
ATOM   16   C  C5    . C   A 1 1  ? -19.148 11.987  16.924  1.00 22.29 ? 1   C   A C5    1 
ATOM   17   C  C6    . C   A 1 1  ? -18.727 13.148  16.387  1.00 23.04 ? 1   C   A C6    1 
ATOM   18   P  P     . U   A 1 2  ? -13.352 14.802  14.599  1.00 32.15 ? 2   U   A P     1 
ATOM   19   O  OP1   . U   A 1 2  ? -12.320 15.574  13.858  1.00 32.31 ? 2   U   A OP1   1 
ATOM   20   O  OP2   . U   A 1 2  ? -13.658 13.406  14.193  1.00 33.87 ? 2   U   A OP2   1 
ATOM   21   O  "O5'" . U   A 1 2  ? -12.926 14.765  16.138  1.00 32.54 ? 2   U   A "O5'" 1 
ATOM   22   C  "C5'" . U   A 1 2  ? -12.357 15.925  16.788  1.00 31.50 ? 2   U   A "C5'" 1 
ATOM   23   C  "C4'" . U   A 1 2  ? -12.036 15.607  18.233  1.00 31.33 ? 2   U   A "C4'" 1 
ATOM   24   O  "O4'" . U   A 1 2  ? -13.263 15.236  18.911  1.00 29.73 ? 2   U   A "O4'" 1 
ATOM   25   C  "C3'" . U   A 1 2  ? -11.111 14.417  18.454  1.00 32.18 ? 2   U   A "C3'" 1 
ATOM   26   O  "O3'" . U   A 1 2  ? -9.728  14.778  18.334  1.00 34.00 ? 2   U   A "O3'" 1 
ATOM   27   C  "C2'" . U   A 1 2  ? -11.491 13.968  19.863  1.00 32.09 ? 2   U   A "C2'" 1 
ATOM   28   O  "O2'" . U   A 1 2  ? -10.905 14.738  20.891  1.00 33.10 ? 2   U   A "O2'" 1 
ATOM   29   C  "C1'" . U   A 1 2  ? -12.999 14.221  19.864  1.00 30.14 ? 2   U   A "C1'" 1 
ATOM   30   N  N1    . U   A 1 2  ? -13.800 13.036  19.521  1.00 29.04 ? 2   U   A N1    1 
ATOM   31   C  C2    . U   A 1 2  ? -14.031 12.114  20.524  1.00 29.07 ? 2   U   A C2    1 
ATOM   32   O  O2    . U   A 1 2  ? -13.580 12.237  21.646  1.00 31.01 ? 2   U   A O2    1 
ATOM   33   N  N3    . U   A 1 2  ? -14.813 11.043  20.165  1.00 28.46 ? 2   U   A N3    1 
ATOM   34   C  C4    . U   A 1 2  ? -15.375 10.800  18.930  1.00 27.98 ? 2   U   A C4    1 
ATOM   35   O  O4    . U   A 1 2  ? -16.094 9.809   18.776  1.00 27.05 ? 2   U   A O4    1 
ATOM   36   C  C5    . U   A 1 2  ? -15.077 11.791  17.937  1.00 27.92 ? 2   U   A C5    1 
ATOM   37   C  C6    . U   A 1 2  ? -14.315 12.851  18.261  1.00 27.79 ? 2   U   A C6    1 
ATOM   38   P  P     . U   A 1 3  ? -8.653  13.712  17.753  1.00 35.91 ? 3   U   A P     1 
ATOM   39   O  OP1   . U   A 1 3  ? -7.402  14.475  17.523  1.00 34.59 ? 3   U   A OP1   1 
ATOM   40   O  OP2   . U   A 1 3  ? -9.259  12.948  16.631  1.00 31.31 ? 3   U   A OP2   1 
ATOM   41   O  "O5'" . U   A 1 3  ? -8.419  12.682  18.955  1.00 33.01 ? 3   U   A "O5'" 1 
ATOM   42   C  "C5'" . U   A 1 3  ? -7.688  13.066  20.131  1.00 32.90 ? 3   U   A "C5'" 1 
ATOM   43   C  "C4'" . U   A 1 3  ? -7.690  11.942  21.150  1.00 34.86 ? 3   U   A "C4'" 1 
ATOM   44   O  "O4'" . U   A 1 3  ? -9.044  11.731  21.646  1.00 34.60 ? 3   U   A "O4'" 1 
ATOM   45   C  "C3'" . U   A 1 3  ? -7.256  10.554  20.678  1.00 34.18 ? 3   U   A "C3'" 1 
ATOM   46   O  "O3'" . U   A 1 3  ? -5.832  10.407  20.591  1.00 36.02 ? 3   U   A "O3'" 1 
ATOM   47   C  "C2'" . U   A 1 3  ? -7.860  9.677   21.767  1.00 34.39 ? 3   U   A "C2'" 1 
ATOM   48   O  "O2'" . U   A 1 3  ? -7.138  9.776   22.984  1.00 31.92 ? 3   U   A "O2'" 1 
ATOM   49   C  "C1'" . U   A 1 3  ? -9.221  10.354  21.963  1.00 35.45 ? 3   U   A "C1'" 1 
ATOM   50   N  N1    . U   A 1 3  ? -10.274 9.801   21.090  1.00 35.25 ? 3   U   A N1    1 
ATOM   51   C  C2    . U   A 1 3  ? -10.983 8.699   21.550  1.00 36.73 ? 3   U   A C2    1 
ATOM   52   O  O2    . U   A 1 3  ? -10.757 8.171   22.625  1.00 40.03 ? 3   U   A O2    1 
ATOM   53   N  N3    . U   A 1 3  ? -11.959 8.235   20.702  1.00 35.42 ? 3   U   A N3    1 
ATOM   54   C  C4    . U   A 1 3  ? -12.283 8.745   19.458  1.00 36.80 ? 3   U   A C4    1 
ATOM   55   O  O4    . U   A 1 3  ? -13.168 8.201   18.789  1.00 35.11 ? 3   U   A O4    1 
ATOM   56   C  C5    . U   A 1 3  ? -11.500 9.876   19.054  1.00 34.51 ? 3   U   A C5    1 
ATOM   57   C  C6    . U   A 1 3  ? -10.551 10.352  19.863  1.00 33.93 ? 3   U   A C6    1 
ATOM   58   P  P     . G   A 1 4  ? -5.184  9.249   19.652  1.00 35.53 ? 4   G   A P     1 
ATOM   59   O  OP1   . G   A 1 4  ? -3.709  9.402   19.756  1.00 35.51 ? 4   G   A OP1   1 
ATOM   60   O  OP2   . G   A 1 4  ? -5.820  9.277   18.312  1.00 35.40 ? 4   G   A OP2   1 
ATOM   61   O  "O5'" . G   A 1 4  ? -5.619  7.877   20.348  1.00 35.52 ? 4   G   A "O5'" 1 
ATOM   62   C  "C5'" . G   A 1 4  ? -5.040  7.457   21.603  1.00 35.46 ? 4   G   A "C5'" 1 
ATOM   63   C  "C4'" . G   A 1 4  ? -5.639  6.136   22.059  1.00 36.70 ? 4   G   A "C4'" 1 
ATOM   64   O  "O4'" . G   A 1 4  ? -7.079  6.282   22.201  1.00 35.85 ? 4   G   A "O4'" 1 
ATOM   65   C  "C3'" . G   A 1 4  ? -5.482  4.929   21.136  1.00 36.45 ? 4   G   A "C3'" 1 
ATOM   66   O  "O3'" . G   A 1 4  ? -4.197  4.309   21.289  1.00 37.99 ? 4   G   A "O3'" 1 
ATOM   67   C  "C2'" . G   A 1 4  ? -6.609  4.018   21.619  1.00 35.92 ? 4   G   A "C2'" 1 
ATOM   68   O  "O2'" . G   A 1 4  ? -6.285  3.331   22.805  1.00 36.43 ? 4   G   A "O2'" 1 
ATOM   69   C  "C1'" . G   A 1 4  ? -7.708  5.032   21.948  1.00 35.07 ? 4   G   A "C1'" 1 
ATOM   70   N  N9    . G   A 1 4  ? -8.689  5.195   20.878  1.00 33.17 ? 4   G   A N9    1 
ATOM   71   C  C8    . G   A 1 4  ? -8.746  6.200   19.940  1.00 33.06 ? 4   G   A C8    1 
ATOM   72   N  N7    . G   A 1 4  ? -9.746  6.068   19.105  1.00 32.72 ? 4   G   A N7    1 
ATOM   73   C  C5    . G   A 1 4  ? -10.389 4.903   19.517  1.00 33.00 ? 4   G   A C5    1 
ATOM   74   C  C6    . G   A 1 4  ? -11.552 4.249   19.000  1.00 32.17 ? 4   G   A C6    1 
ATOM   75   O  O6    . G   A 1 4  ? -12.264 4.575   18.040  1.00 32.65 ? 4   G   A O6    1 
ATOM   76   N  N1    . G   A 1 4  ? -11.858 3.105   19.725  1.00 31.77 ? 4   G   A N1    1 
ATOM   77   C  C2    . G   A 1 4  ? -11.149 2.640   20.805  1.00 33.20 ? 4   G   A C2    1 
ATOM   78   N  N2    . G   A 1 4  ? -11.608 1.510   21.367  1.00 32.34 ? 4   G   A N2    1 
ATOM   79   N  N3    . G   A 1 4  ? -10.071 3.234   21.297  1.00 32.52 ? 4   G   A N3    1 
ATOM   80   C  C4    . G   A 1 4  ? -9.750  4.353   20.610  1.00 33.20 ? 4   G   A C4    1 
ATOM   81   P  P     . C   A 1 5  ? -3.623  3.305   20.150  1.00 39.92 ? 5   C   A P     1 
ATOM   82   O  OP1   . C   A 1 5  ? -2.292  2.858   20.627  1.00 40.33 ? 5   C   A OP1   1 
ATOM   83   O  OP2   . C   A 1 5  ? -3.735  3.927   18.807  1.00 39.38 ? 5   C   A OP2   1 
ATOM   84   O  "O5'" . C   A 1 5  ? -4.618  2.058   20.170  1.00 38.76 ? 5   C   A "O5'" 1 
ATOM   85   C  "C5'" . C   A 1 5  ? -4.451  0.994   21.124  1.00 40.28 ? 5   C   A "C5'" 1 
ATOM   86   C  "C4'" . C   A 1 5  ? -5.498  -0.088  20.908  1.00 42.07 ? 5   C   A "C4'" 1 
ATOM   87   O  "O4'" . C   A 1 5  ? -6.818  0.517   20.948  1.00 40.50 ? 5   C   A "O4'" 1 
ATOM   88   C  "C3'" . C   A 1 5  ? -5.490  -0.833  19.576  1.00 42.05 ? 5   C   A "C3'" 1 
ATOM   89   O  "O3'" . C   A 1 5  ? -4.538  -1.895  19.552  1.00 44.59 ? 5   C   A "O3'" 1 
ATOM   90   C  "C2'" . C   A 1 5  ? -6.909  -1.380  19.518  1.00 41.30 ? 5   C   A "C2'" 1 
ATOM   91   O  "O2'" . C   A 1 5  ? -7.094  -2.523  20.335  1.00 40.54 ? 5   C   A "O2'" 1 
ATOM   92   C  "C1'" . C   A 1 5  ? -7.699  -0.213  20.111  1.00 40.90 ? 5   C   A "C1'" 1 
ATOM   93   N  N1    . C   A 1 5  ? -8.230  0.694   19.079  1.00 40.66 ? 5   C   A N1    1 
ATOM   94   C  C2    . C   A 1 5  ? -9.464  0.380   18.489  1.00 39.70 ? 5   C   A C2    1 
ATOM   95   O  O2    . C   A 1 5  ? -10.056 -0.660  18.851  1.00 39.22 ? 5   C   A O2    1 
ATOM   96   N  N3    . C   A 1 5  ? -9.976  1.211   17.542  1.00 38.52 ? 5   C   A N3    1 
ATOM   97   C  C4    . C   A 1 5  ? -9.302  2.308   17.179  1.00 37.12 ? 5   C   A C4    1 
ATOM   98   N  N4    . C   A 1 5  ? -9.847  3.098   16.247  1.00 33.37 ? 5   C   A N4    1 
ATOM   99   C  C5    . C   A 1 5  ? -8.040  2.643   17.758  1.00 38.21 ? 5   C   A C5    1 
ATOM   100  C  C6    . C   A 1 5  ? -7.545  1.817   18.697  1.00 38.93 ? 5   C   A C6    1 
ATOM   101  P  P     . U   A 1 6  ? -3.993  -2.460  18.142  1.00 47.62 ? 6   U   A P     1 
ATOM   102  O  OP1   . U   A 1 6  ? -3.002  -3.522  18.452  1.00 47.17 ? 6   U   A OP1   1 
ATOM   103  O  OP2   . U   A 1 6  ? -3.591  -1.303  17.290  1.00 46.92 ? 6   U   A OP2   1 
ATOM   104  O  "O5'" . U   A 1 6  ? -5.262  -3.133  17.447  1.00 45.95 ? 6   U   A "O5'" 1 
ATOM   105  C  "C5'" . U   A 1 6  ? -5.823  -4.355  17.952  1.00 46.18 ? 6   U   A "C5'" 1 
ATOM   106  C  "C4'" . U   A 1 6  ? -7.057  -4.741  17.158  1.00 46.37 ? 6   U   A "C4'" 1 
ATOM   107  O  "O4'" . U   A 1 6  ? -8.011  -3.650  17.211  1.00 46.60 ? 6   U   A "O4'" 1 
ATOM   108  C  "C3'" . U   A 1 6  ? -6.884  -5.003  15.667  1.00 46.44 ? 6   U   A "C3'" 1 
ATOM   109  O  "O3'" . U   A 1 6  ? -6.452  -6.341  15.415  1.00 47.08 ? 6   U   A "O3'" 1 
ATOM   110  C  "C2'" . U   A 1 6  ? -8.302  -4.800  15.153  1.00 46.86 ? 6   U   A "C2'" 1 
ATOM   111  O  "O2'" . U   A 1 6  ? -9.118  -5.919  15.437  1.00 48.17 ? 6   U   A "O2'" 1 
ATOM   112  C  "C1'" . U   A 1 6  ? -8.778  -3.633  16.020  1.00 45.92 ? 6   U   A "C1'" 1 
ATOM   113  N  N1    . U   A 1 6  ? -8.658  -2.304  15.400  1.00 43.79 ? 6   U   A N1    1 
ATOM   114  C  C2    . U   A 1 6  ? -9.646  -1.921  14.510  1.00 43.97 ? 6   U   A C2    1 
ATOM   115  O  O2    . U   A 1 6  ? -10.575 -2.649  14.206  1.00 45.15 ? 6   U   A O2    1 
ATOM   116  N  N3    . U   A 1 6  ? -9.509  -0.655  13.990  1.00 42.62 ? 6   U   A N3    1 
ATOM   117  C  C4    . U   A 1 6  ? -8.498  0.246   14.262  1.00 41.96 ? 6   U   A C4    1 
ATOM   118  O  O4    . U   A 1 6  ? -8.505  1.351   13.717  1.00 39.03 ? 6   U   A O4    1 
ATOM   119  C  C5    . U   A 1 6  ? -7.507  -0.232  15.180  1.00 41.87 ? 6   U   A C5    1 
ATOM   120  C  C6    . U   A 1 6  ? -7.617  -1.462  15.701  1.00 42.42 ? 6   U   A C6    1 
ATOM   121  P  P     . G   A 1 7  ? -5.619  -6.685  14.077  1.00 47.91 ? 7   G   A P     1 
ATOM   122  O  OP1   . G   A 1 7  ? -5.330  -8.142  14.113  1.00 49.25 ? 7   G   A OP1   1 
ATOM   123  O  OP2   . G   A 1 7  ? -4.490  -5.724  13.979  1.00 48.35 ? 7   G   A OP2   1 
ATOM   124  O  "O5'" . G   A 1 7  ? -6.627  -6.380  12.868  1.00 47.53 ? 7   G   A "O5'" 1 
ATOM   125  C  "C5'" . G   A 1 7  ? -7.869  -7.107  12.723  1.00 45.23 ? 7   G   A "C5'" 1 
ATOM   126  C  "C4'" . G   A 1 7  ? -8.535  -6.787  11.395  1.00 45.24 ? 7   G   A "C4'" 1 
ATOM   127  O  "O4'" . G   A 1 7  ? -9.023  -5.405  11.400  1.00 44.36 ? 7   G   A "O4'" 1 
ATOM   128  C  "C3'" . G   A 1 7  ? -7.673  -6.942  10.137  1.00 46.34 ? 7   G   A "C3'" 1 
ATOM   129  O  "O3'" . G   A 1 7  ? -8.411  -7.511  9.042   1.00 47.59 ? 7   G   A "O3'" 1 
ATOM   130  C  "C2'" . G   A 1 7  ? -7.322  -5.493  9.798   1.00 44.94 ? 7   G   A "C2'" 1 
ATOM   131  O  "O2'" . G   A 1 7  ? -7.058  -5.319  8.422   1.00 47.12 ? 7   G   A "O2'" 1 
ATOM   132  C  "C1'" . G   A 1 7  ? -8.593  -4.749  10.215  1.00 42.39 ? 7   G   A "C1'" 1 
ATOM   133  N  N9    . G   A 1 7  ? -8.364  -3.323  10.488  1.00 38.56 ? 7   G   A N9    1 
ATOM   134  C  C8    . G   A 1 7  ? -7.426  -2.786  11.342  1.00 36.71 ? 7   G   A C8    1 
ATOM   135  N  N7    . G   A 1 7  ? -7.383  -1.477  11.312  1.00 32.40 ? 7   G   A N7    1 
ATOM   136  C  C5    . G   A 1 7  ? -8.360  -1.115  10.388  1.00 33.92 ? 7   G   A C5    1 
ATOM   137  C  C6    . G   A 1 7  ? -8.755  0.188   9.899   1.00 33.09 ? 7   G   A C6    1 
ATOM   138  O  O6    . G   A 1 7  ? -8.290  1.308   10.182  1.00 30.36 ? 7   G   A O6    1 
ATOM   139  N  N1    . G   A 1 7  ? -9.793  0.093   8.980   1.00 32.64 ? 7   G   A N1    1 
ATOM   140  C  C2    . G   A 1 7  ? -10.380 -1.078  8.568   1.00 34.02 ? 7   G   A C2    1 
ATOM   141  N  N2    . G   A 1 7  ? -11.380 -0.939  7.665   1.00 32.30 ? 7   G   A N2    1 
ATOM   142  N  N3    . G   A 1 7  ? -10.019 -2.290  8.998   1.00 32.52 ? 7   G   A N3    1 
ATOM   143  C  C4    . G   A 1 7  ? -9.007  -2.235  9.895   1.00 35.08 ? 7   G   A C4    1 
ATOM   144  P  P     . A   A 1 8  ? -8.082  -9.018  8.535   1.00 49.11 ? 8   A   A P     1 
ATOM   145  O  OP1   . A   A 1 8  ? -9.340  -9.584  7.985   1.00 50.85 ? 8   A   A OP1   1 
ATOM   146  O  OP2   . A   A 1 8  ? -7.386  -9.733  9.646   1.00 49.20 ? 8   A   A OP2   1 
ATOM   147  O  "O5'" . A   A 1 8  ? -7.056  -8.867  7.314   1.00 45.24 ? 8   A   A "O5'" 1 
ATOM   148  C  "C5'" . A   A 1 8  ? -5.702  -8.419  7.538   1.00 41.42 ? 8   A   A "C5'" 1 
ATOM   149  C  "C4'" . A   A 1 8  ? -4.704  -9.223  6.715   1.00 38.03 ? 8   A   A "C4'" 1 
ATOM   150  O  "O4'" . A   A 1 8  ? -4.875  -10.640 6.962   1.00 36.88 ? 8   A   A "O4'" 1 
ATOM   151  C  "C3'" . A   A 1 8  ? -4.738  -9.111  5.194   1.00 34.41 ? 8   A   A "C3'" 1 
ATOM   152  O  "O3'" . A   A 1 8  ? -4.002  -7.952  4.781   1.00 32.91 ? 8   A   A "O3'" 1 
ATOM   153  C  "C2'" . A   A 1 8  ? -3.968  -10.362 4.773   1.00 33.42 ? 8   A   A "C2'" 1 
ATOM   154  O  "O2'" . A   A 1 8  ? -2.572  -10.165 4.871   1.00 30.04 ? 8   A   A "O2'" 1 
ATOM   155  C  "C1'" . A   A 1 8  ? -4.376  -11.371 5.853   1.00 33.82 ? 8   A   A "C1'" 1 
ATOM   156  N  N9    . A   A 1 8  ? -5.380  -12.354 5.448   1.00 32.92 ? 8   A   A N9    1 
ATOM   157  C  C8    . A   A 1 8  ? -6.725  -12.343 5.734   1.00 32.34 ? 8   A   A C8    1 
ATOM   158  N  N7    . A   A 1 8  ? -7.378  -13.368 5.244   1.00 32.26 ? 8   A   A N7    1 
ATOM   159  C  C5    . A   A 1 8  ? -6.399  -14.105 4.590   1.00 31.86 ? 8   A   A C5    1 
ATOM   160  C  C6    . A   A 1 8  ? -6.453  -15.304 3.861   1.00 30.77 ? 8   A   A C6    1 
ATOM   161  N  N6    . A   A 1 8  ? -7.579  -15.990 3.667   1.00 33.81 ? 8   A   A N6    1 
ATOM   162  N  N1    . A   A 1 8  ? -5.302  -15.777 3.332   1.00 30.54 ? 8   A   A N1    1 
ATOM   163  C  C2    . A   A 1 8  ? -4.176  -15.074 3.530   1.00 31.62 ? 8   A   A C2    1 
ATOM   164  N  N3    . A   A 1 8  ? -4.001  -13.929 4.196   1.00 30.77 ? 8   A   A N3    1 
ATOM   165  C  C4    . A   A 1 8  ? -5.164  -13.493 4.706   1.00 30.78 ? 8   A   A C4    1 
ATOM   166  P  P     . G   A 1 9  ? -4.405  -7.159  3.435   1.00 31.94 ? 9   G   A P     1 
ATOM   167  O  OP1   . G   A 1 9  ? -3.647  -5.868  3.435   1.00 33.20 ? 9   G   A OP1   1 
ATOM   168  O  OP2   . G   A 1 9  ? -5.897  -7.131  3.360   1.00 30.17 ? 9   G   A OP2   1 
ATOM   169  O  "O5'" . G   A 1 9  ? -3.845  -8.069  2.246   1.00 28.97 ? 9   G   A "O5'" 1 
ATOM   170  C  "C5'" . G   A 1 9  ? -2.457  -8.458  2.178   1.00 26.54 ? 9   G   A "C5'" 1 
ATOM   171  C  "C4'" . G   A 1 9  ? -2.253  -9.442  1.042   1.00 29.75 ? 9   G   A "C4'" 1 
ATOM   172  O  "O4'" . G   A 1 9  ? -3.111  -10.603 1.280   1.00 27.03 ? 9   G   A "O4'" 1 
ATOM   173  C  "C3'" . G   A 1 9  ? -2.629  -8.929  -0.354  1.00 29.12 ? 9   G   A "C3'" 1 
ATOM   174  O  "O3'" . G   A 1 9  ? -1.848  -9.622  -1.354  1.00 29.42 ? 9   G   A "O3'" 1 
ATOM   175  C  "C2'" . G   A 1 9  ? -4.097  -9.351  -0.444  1.00 28.33 ? 9   G   A "C2'" 1 
ATOM   176  O  "O2'" . G   A 1 9  ? -4.597  -9.428  -1.764  1.00 30.98 ? 9   G   A "O2'" 1 
ATOM   177  C  "C1'" . G   A 1 9  ? -4.055  -10.727 0.231   1.00 27.33 ? 9   G   A "C1'" 1 
ATOM   178  N  N9    . G   A 1 9  ? -5.326  -11.191 0.798   1.00 27.23 ? 9   G   A N9    1 
ATOM   179  C  C8    . G   A 1 9  ? -6.213  -10.463 1.562   1.00 27.20 ? 9   G   A C8    1 
ATOM   180  N  N7    . G   A 1 9  ? -7.291  -11.136 1.880   1.00 24.15 ? 9   G   A N7    1 
ATOM   181  C  C5    . G   A 1 9  ? -7.105  -12.383 1.305   1.00 23.84 ? 9   G   A C5    1 
ATOM   182  C  C6    . G   A 1 9  ? -7.966  -13.532 1.282   1.00 24.56 ? 9   G   A C6    1 
ATOM   183  O  O6    . G   A 1 9  ? -9.093  -13.667 1.780   1.00 23.41 ? 9   G   A O6    1 
ATOM   184  N  N1    . G   A 1 9  ? -7.392  -14.589 0.581   1.00 21.71 ? 9   G   A N1    1 
ATOM   185  C  C2    . G   A 1 9  ? -6.157  -14.551 -0.027  1.00 25.50 ? 9   G   A C2    1 
ATOM   186  N  N2    . G   A 1 9  ? -5.777  -15.674 -0.662  1.00 26.18 ? 9   G   A N2    1 
ATOM   187  N  N3    . G   A 1 9  ? -5.348  -13.486 -0.020  1.00 27.21 ? 9   G   A N3    1 
ATOM   188  C  C4    . G   A 1 9  ? -5.887  -12.446 0.653   1.00 25.23 ? 9   G   A C4    1 
ATOM   189  P  P     . G   A 1 10 ? -0.689  -8.850  -2.189  1.00 28.82 ? 10  G   A P     1 
ATOM   190  O  OP1   . G   A 1 10 ? -1.021  -7.405  -2.283  1.00 31.21 ? 10  G   A OP1   1 
ATOM   191  O  OP2   . G   A 1 10 ? -0.431  -9.619  -3.439  1.00 28.33 ? 10  G   A OP2   1 
ATOM   192  O  "O5'" . G   A 1 10 ? 0.623   -9.002  -1.292  1.00 30.10 ? 10  G   A "O5'" 1 
ATOM   193  C  "C5'" . G   A 1 10 ? 1.175   -10.302 -0.980  1.00 31.12 ? 10  G   A "C5'" 1 
ATOM   194  C  "C4'" . G   A 1 10 ? 2.630   -10.174 -0.568  1.00 32.62 ? 10  G   A "C4'" 1 
ATOM   195  O  "O4'" . G   A 1 10 ? 3.442   -9.822  -1.725  1.00 33.29 ? 10  G   A "O4'" 1 
ATOM   196  C  "C3'" . G   A 1 10 ? 2.926   -9.086  0.455   1.00 32.42 ? 10  G   A "C3'" 1 
ATOM   197  O  "O3'" . G   A 1 10 ? 2.653   -9.523  1.793   1.00 30.49 ? 10  G   A "O3'" 1 
ATOM   198  C  "C2'" . G   A 1 10 ? 4.402   -8.791  0.194   1.00 33.49 ? 10  G   A "C2'" 1 
ATOM   199  O  "O2'" . G   A 1 10 ? 5.267   -9.759  0.746   1.00 34.20 ? 10  G   A "O2'" 1 
ATOM   200  C  "C1'" . G   A 1 10 ? 4.483   -8.935  -1.330  1.00 32.75 ? 10  G   A "C1'" 1 
ATOM   201  N  N9    . G   A 1 10 ? 4.363   -7.689  -2.095  1.00 32.41 ? 10  G   A N9    1 
ATOM   202  C  C8    . G   A 1 10 ? 3.418   -7.402  -3.055  1.00 30.37 ? 10  G   A C8    1 
ATOM   203  N  N7    . G   A 1 10 ? 3.581   -6.227  -3.602  1.00 28.80 ? 10  G   A N7    1 
ATOM   204  C  C5    . G   A 1 10 ? 4.693   -5.695  -2.965  1.00 29.08 ? 10  G   A C5    1 
ATOM   205  C  C6    . G   A 1 10 ? 5.347   -4.434  -3.142  1.00 29.31 ? 10  G   A C6    1 
ATOM   206  O  O6    . G   A 1 10 ? 5.054   -3.512  -3.920  1.00 24.61 ? 10  G   A O6    1 
ATOM   207  N  N1    . G   A 1 10 ? 6.441   -4.301  -2.293  1.00 28.48 ? 10  G   A N1    1 
ATOM   208  C  C2    . G   A 1 10 ? 6.854   -5.247  -1.385  1.00 31.62 ? 10  G   A C2    1 
ATOM   209  N  N2    . G   A 1 10 ? 7.947   -4.934  -0.660  1.00 31.03 ? 10  G   A N2    1 
ATOM   210  N  N3    . G   A 1 10 ? 6.247   -6.418  -1.200  1.00 31.30 ? 10  G   A N3    1 
ATOM   211  C  C4    . G   A 1 10 ? 5.186   -6.576  -2.022  1.00 31.10 ? 10  G   A C4    1 
ATOM   212  P  P     . U   A 1 11 ? 2.082   -8.473  2.879   1.00 33.22 ? 11  U   A P     1 
ATOM   213  O  OP1   . U   A 1 11 ? 1.646   -9.204  4.091   1.00 29.99 ? 11  U   A OP1   1 
ATOM   214  O  OP2   . U   A 1 11 ? 1.124   -7.542  2.214   1.00 30.53 ? 11  U   A OP2   1 
ATOM   215  O  "O5'" . U   A 1 11 ? 3.355   -7.576  3.227   1.00 33.94 ? 11  U   A "O5'" 1 
ATOM   216  C  "C5'" . U   A 1 11 ? 4.503   -8.118  3.899   1.00 32.41 ? 11  U   A "C5'" 1 
ATOM   217  C  "C4'" . U   A 1 11 ? 5.580   -7.052  4.050   1.00 31.50 ? 11  U   A "C4'" 1 
ATOM   218  O  "O4'" . U   A 1 11 ? 6.045   -6.640  2.734   1.00 29.66 ? 11  U   A "O4'" 1 
ATOM   219  C  "C3'" . U   A 1 11 ? 5.152   -5.743  4.694   1.00 31.13 ? 11  U   A "C3'" 1 
ATOM   220  O  "O3'" . U   A 1 11 ? 5.089   -5.791  6.113   1.00 31.09 ? 11  U   A "O3'" 1 
ATOM   221  C  "C2'" . U   A 1 11 ? 6.227   -4.784  4.198   1.00 32.19 ? 11  U   A "C2'" 1 
ATOM   222  O  "O2'" . U   A 1 11 ? 7.460   -4.917  4.881   1.00 30.99 ? 11  U   A "O2'" 1 
ATOM   223  C  "C1'" . U   A 1 11 ? 6.410   -5.266  2.763   1.00 31.63 ? 11  U   A "C1'" 1 
ATOM   224  N  N1    . U   A 1 11 ? 5.588   -4.522  1.789   1.00 33.57 ? 11  U   A N1    1 
ATOM   225  C  C2    . U   A 1 11 ? 6.021   -3.257  1.422   1.00 34.57 ? 11  U   A C2    1 
ATOM   226  O  O2    . U   A 1 11 ? 6.998   -2.721  1.925   1.00 35.92 ? 11  U   A O2    1 
ATOM   227  N  N3    . U   A 1 11 ? 5.260   -2.635  0.462   1.00 34.34 ? 11  U   A N3    1 
ATOM   228  C  C4    . U   A 1 11 ? 4.115   -3.123  -0.139  1.00 35.42 ? 11  U   A C4    1 
ATOM   229  O  O4    . U   A 1 11 ? 3.535   -2.442  -0.994  1.00 33.19 ? 11  U   A O4    1 
ATOM   230  C  C5    . U   A 1 11 ? 3.711   -4.419  0.318   1.00 33.20 ? 11  U   A C5    1 
ATOM   231  C  C6    . U   A 1 11 ? 4.444   -5.059  1.242   1.00 33.85 ? 11  U   A C6    1 
ATOM   232  P  P     . G   A 1 12 ? 4.147   -4.748  6.898   1.00 33.12 ? 12  G   A P     1 
ATOM   233  O  OP1   . G   A 1 12 ? 4.117   -5.133  8.325   1.00 35.08 ? 12  G   A OP1   1 
ATOM   234  O  OP2   . G   A 1 12 ? 2.876   -4.692  6.134   1.00 35.88 ? 12  G   A OP2   1 
ATOM   235  O  "O5'" . G   A 1 12 ? 4.867   -3.328  6.727   1.00 33.13 ? 12  G   A "O5'" 1 
ATOM   236  C  "C5'" . G   A 1 12 ? 6.097   -3.013  7.428   1.00 33.31 ? 12  G   A "C5'" 1 
ATOM   237  C  "C4'" . G   A 1 12 ? 6.489   -1.554  7.219   1.00 31.90 ? 12  G   A "C4'" 1 
ATOM   238  O  "O4'" . G   A 1 12 ? 6.822   -1.312  5.824   1.00 29.77 ? 12  G   A "O4'" 1 
ATOM   239  C  "C3'" . G   A 1 12 ? 5.438   -0.503  7.539   1.00 31.68 ? 12  G   A "C3'" 1 
ATOM   240  O  "O3'" . G   A 1 12 ? 5.383   -0.223  8.937   1.00 33.45 ? 12  G   A "O3'" 1 
ATOM   241  C  "C2'" . G   A 1 12 ? 5.939   0.696   6.736   1.00 31.91 ? 12  G   A "C2'" 1 
ATOM   242  O  "O2'" . G   A 1 12 ? 7.025   1.359   7.363   1.00 32.47 ? 12  G   A "O2'" 1 
ATOM   243  C  "C1'" . G   A 1 12 ? 6.456   0.015   5.464   1.00 28.63 ? 12  G   A "C1'" 1 
ATOM   244  N  N9    . G   A 1 12 ? 5.467   -0.052  4.387   1.00 26.55 ? 12  G   A N9    1 
ATOM   245  C  C8    . G   A 1 12 ? 4.549   -1.052  4.170   1.00 24.73 ? 12  G   A C8    1 
ATOM   246  N  N7    . G   A 1 12 ? 3.811   -0.852  3.108   1.00 23.07 ? 12  G   A N7    1 
ATOM   247  C  C5    . G   A 1 12 ? 4.262   0.358   2.594   1.00 22.06 ? 12  G   A C5    1 
ATOM   248  C  C6    . G   A 1 12 ? 3.841   1.088   1.429   1.00 21.53 ? 12  G   A C6    1 
ATOM   249  O  O6    . G   A 1 12 ? 2.968   0.788   0.595   1.00 16.92 ? 12  G   A O6    1 
ATOM   250  N  N1    . G   A 1 12 ? 4.558   2.277   1.286   1.00 20.16 ? 12  G   A N1    1 
ATOM   251  C  C2    . G   A 1 12 ? 5.543   2.712   2.149   1.00 22.90 ? 12  G   A C2    1 
ATOM   252  N  N2    . G   A 1 12 ? 6.091   3.913   1.870   1.00 19.95 ? 12  G   A N2    1 
ATOM   253  N  N3    . G   A 1 12 ? 5.954   2.029   3.218   1.00 22.24 ? 12  G   A N3    1 
ATOM   254  C  C4    . G   A 1 12 ? 5.274   0.874   3.377   1.00 22.79 ? 12  G   A C4    1 
ATOM   255  P  P     . C   A 1 13 ? 4.075   0.477   9.566   1.00 35.31 ? 13  C   A P     1 
ATOM   256  O  OP1   . C   A 1 13 ? 4.294   0.655   11.019  1.00 36.00 ? 13  C   A OP1   1 
ATOM   257  O  OP2   . C   A 1 13 ? 2.892   -0.294  9.091   1.00 34.94 ? 13  C   A OP2   1 
ATOM   258  O  "O5'" . C   A 1 13 ? 4.050   1.939   8.926   1.00 37.80 ? 13  C   A "O5'" 1 
ATOM   259  C  "C5'" . C   A 1 13 ? 4.928   2.975   9.428   1.00 35.92 ? 13  C   A "C5'" 1 
ATOM   260  C  "C4'" . C   A 1 13 ? 4.792   4.244   8.609   1.00 33.20 ? 13  C   A "C4'" 1 
ATOM   261  O  "O4'" . C   A 1 13 ? 5.071   3.932   7.217   1.00 32.42 ? 13  C   A "O4'" 1 
ATOM   262  C  "C3'" . C   A 1 13 ? 3.430   4.930   8.563   1.00 32.41 ? 13  C   A "C3'" 1 
ATOM   263  O  "O3'" . C   A 1 13 ? 3.187   5.751   9.712   1.00 32.24 ? 13  C   A "O3'" 1 
ATOM   264  C  "C2'" . C   A 1 13 ? 3.577   5.771   7.299   1.00 33.12 ? 13  C   A "C2'" 1 
ATOM   265  O  "O2'" . C   A 1 13 ? 4.398   6.907   7.501   1.00 31.44 ? 13  C   A "O2'" 1 
ATOM   266  C  "C1'" . C   A 1 13 ? 4.324   4.799   6.381   1.00 32.27 ? 13  C   A "C1'" 1 
ATOM   267  N  N1    . C   A 1 13 ? 3.400   3.984   5.575   1.00 32.07 ? 13  C   A N1    1 
ATOM   268  C  C2    . C   A 1 13 ? 2.988   4.471   4.334   1.00 32.05 ? 13  C   A C2    1 
ATOM   269  O  O2    . C   A 1 13 ? 3.403   5.574   3.964   1.00 33.06 ? 13  C   A O2    1 
ATOM   270  N  N3    . C   A 1 13 ? 2.145   3.733   3.574   1.00 31.26 ? 13  C   A N3    1 
ATOM   271  C  C4    . C   A 1 13 ? 1.702   2.557   4.025   1.00 31.76 ? 13  C   A C4    1 
ATOM   272  N  N4    . C   A 1 13 ? 0.860   1.863   3.250   1.00 30.90 ? 13  C   A N4    1 
ATOM   273  C  C5    . C   A 1 13 ? 2.101   2.037   5.294   1.00 30.42 ? 13  C   A C5    1 
ATOM   274  C  C6    . C   A 1 13 ? 2.945   2.776   6.026   1.00 30.72 ? 13  C   A C6    1 
ATOM   275  P  P     . A   A 1 14 ? 1.679   5.962   10.271  1.00 34.37 ? 14  A   A P     1 
ATOM   276  O  OP1   . A   A 1 14 ? 1.837   6.635   11.580  1.00 34.55 ? 14  A   A OP1   1 
ATOM   277  O  OP2   . A   A 1 14 ? 0.938   4.672   10.198  1.00 33.77 ? 14  A   A OP2   1 
ATOM   278  O  "O5'" . A   A 1 14 ? 0.978   6.989   9.262   1.00 33.63 ? 14  A   A "O5'" 1 
ATOM   279  C  "C5'" . A   A 1 14 ? 1.408   8.361   9.188   1.00 32.51 ? 14  A   A "C5'" 1 
ATOM   280  C  "C4'" . A   A 1 14 ? 0.842   9.039   7.960   1.00 31.41 ? 14  A   A "C4'" 1 
ATOM   281  O  "O4'" . A   A 1 14 ? 1.223   8.295   6.769   1.00 31.01 ? 14  A   A "O4'" 1 
ATOM   282  C  "C3'" . A   A 1 14 ? -0.669  9.144   7.851   1.00 32.03 ? 14  A   A "C3'" 1 
ATOM   283  O  "O3'" . A   A 1 14 ? -1.174  10.235  8.633   1.00 31.37 ? 14  A   A "O3'" 1 
ATOM   284  C  "C2'" . A   A 1 14 ? -0.854  9.373   6.348   1.00 32.33 ? 14  A   A "C2'" 1 
ATOM   285  O  "O2'" . A   A 1 14 ? -0.586  10.700  5.934   1.00 32.51 ? 14  A   A "O2'" 1 
ATOM   286  C  "C1'" . A   A 1 14 ? 0.235   8.470   5.762   1.00 30.71 ? 14  A   A "C1'" 1 
ATOM   287  N  N9    . A   A 1 14 ? -0.266  7.153   5.366   1.00 30.93 ? 14  A   A N9    1 
ATOM   288  C  C8    . A   A 1 14 ? -0.194  5.990   6.094   1.00 31.08 ? 14  A   A C8    1 
ATOM   289  N  N7    . A   A 1 14 ? -0.727  4.951   5.491   1.00 31.13 ? 14  A   A N7    1 
ATOM   290  C  C5    . A   A 1 14 ? -1.185  5.463   4.282   1.00 29.90 ? 14  A   A C5    1 
ATOM   291  C  C6    . A   A 1 14 ? -1.844  4.861   3.186   1.00 27.74 ? 14  A   A C6    1 
ATOM   292  N  N6    . A   A 1 14 ? -2.185  3.573   3.149   1.00 25.62 ? 14  A   A N6    1 
ATOM   293  N  N1    . A   A 1 14 ? -2.148  5.643   2.124   1.00 27.06 ? 14  A   A N1    1 
ATOM   294  C  C2    . A   A 1 14 ? -1.817  6.946   2.175   1.00 28.59 ? 14  A   A C2    1 
ATOM   295  N  N3    . A   A 1 14 ? -1.202  7.629   3.154   1.00 29.51 ? 14  A   A N3    1 
ATOM   296  C  C4    . A   A 1 14 ? -0.907  6.821   4.190   1.00 30.24 ? 14  A   A C4    1 
ATOM   297  P  P     . C   A 1 15 ? -2.587  10.098  9.413   1.00 33.23 ? 15  C   A P     1 
ATOM   298  O  OP1   . C   A 1 15 ? -2.760  11.320  10.243  1.00 34.06 ? 15  C   A OP1   1 
ATOM   299  O  OP2   . C   A 1 15 ? -2.627  8.758   10.075  1.00 30.99 ? 15  C   A OP2   1 
ATOM   300  O  "O5'" . C   A 1 15 ? -3.687  10.173  8.252   1.00 31.19 ? 15  C   A "O5'" 1 
ATOM   301  C  "C5'" . C   A 1 15 ? -4.004  11.437  7.631   1.00 29.31 ? 15  C   A "C5'" 1 
ATOM   302  C  "C4'" . C   A 1 15 ? -4.728  11.233  6.313   1.00 27.96 ? 15  C   A "C4'" 1 
ATOM   303  O  "O4'" . C   A 1 15 ? -3.982  10.302  5.484   1.00 28.11 ? 15  C   A "O4'" 1 
ATOM   304  C  "C3'" . C   A 1 15 ? -6.122  10.629  6.363   1.00 28.04 ? 15  C   A "C3'" 1 
ATOM   305  O  "O3'" . C   A 1 15 ? -7.115  11.610  6.682   1.00 27.69 ? 15  C   A "O3'" 1 
ATOM   306  C  "C2'" . C   A 1 15 ? -6.286  10.114  4.934   1.00 28.30 ? 15  C   A "C2'" 1 
ATOM   307  O  "O2'" . C   A 1 15 ? -6.588  11.143  4.016   1.00 30.37 ? 15  C   A "O2'" 1 
ATOM   308  C  "C1'" . C   A 1 15 ? -4.878  9.604   4.625   1.00 28.14 ? 15  C   A "C1'" 1 
ATOM   309  N  N1    . C   A 1 15 ? -4.743  8.149   4.844   1.00 26.89 ? 15  C   A N1    1 
ATOM   310  C  C2    . C   A 1 15 ? -5.120  7.275   3.810   1.00 26.26 ? 15  C   A C2    1 
ATOM   311  O  O2    . C   A 1 15 ? -5.531  7.749   2.739   1.00 24.20 ? 15  C   A O2    1 
ATOM   312  N  N3    . C   A 1 15 ? -5.037  5.938   4.008   1.00 25.52 ? 15  C   A N3    1 
ATOM   313  C  C4    . C   A 1 15 ? -4.609  5.461   5.182   1.00 26.92 ? 15  C   A C4    1 
ATOM   314  N  N4    . C   A 1 15 ? -4.596  4.135   5.352   1.00 19.70 ? 15  C   A N4    1 
ATOM   315  C  C5    . C   A 1 15 ? -4.192  6.330   6.243   1.00 25.84 ? 15  C   A C5    1 
ATOM   316  C  C6    . C   A 1 15 ? -4.277  7.652   6.031   1.00 26.46 ? 15  C   A C6    1 
ATOM   317  P  P     . A   A 1 16 ? -8.559  11.150  7.253   1.00 29.82 ? 16  A   A P     1 
ATOM   318  O  OP1   . A   A 1 16 ? -9.424  12.354  7.346   1.00 30.69 ? 16  A   A OP1   1 
ATOM   319  O  OP2   . A   A 1 16 ? -8.304  10.342  8.474   1.00 25.40 ? 16  A   A OP2   1 
ATOM   320  O  "O5'" . A   A 1 16 ? -9.185  10.196  6.118   1.00 29.88 ? 16  A   A "O5'" 1 
ATOM   321  C  "C5'" . A   A 1 16 ? -9.828  10.741  4.927   1.00 29.90 ? 16  A   A "C5'" 1 
ATOM   322  C  "C4'" . A   A 1 16 ? -10.367 9.625   4.025   1.00 31.04 ? 16  A   A "C4'" 1 
ATOM   323  O  "O4'" . A   A 1 16 ? -9.288  8.718   3.658   1.00 28.58 ? 16  A   A "O4'" 1 
ATOM   324  C  "C3'" . A   A 1 16 ? -11.457 8.705   4.579   1.00 31.20 ? 16  A   A "C3'" 1 
ATOM   325  O  "O3'" . A   A 1 16 ? -12.764 9.274   4.413   1.00 33.46 ? 16  A   A "O3'" 1 
ATOM   326  C  "C2'" . A   A 1 16 ? -11.322 7.480   3.684   1.00 30.98 ? 16  A   A "C2'" 1 
ATOM   327  O  "O2'" . A   A 1 16 ? -11.954 7.668   2.439   1.00 30.16 ? 16  A   A "O2'" 1 
ATOM   328  C  "C1'" . A   A 1 16 ? -9.807  7.410   3.471   1.00 29.74 ? 16  A   A "C1'" 1 
ATOM   329  N  N9    . A   A 1 16 ? -9.160  6.506   4.421   1.00 28.59 ? 16  A   A N9    1 
ATOM   330  C  C8    . A   A 1 16 ? -8.461  6.836   5.556   1.00 29.84 ? 16  A   A C8    1 
ATOM   331  N  N7    . A   A 1 16 ? -8.017  5.797   6.228   1.00 28.45 ? 16  A   A N7    1 
ATOM   332  C  C5    . A   A 1 16 ? -8.449  4.709   5.481   1.00 29.76 ? 16  A   A C5    1 
ATOM   333  C  C6    . A   A 1 16 ? -8.305  3.313   5.659   1.00 28.20 ? 16  A   A C6    1 
ATOM   334  N  N6    . A   A 1 16 ? -7.659  2.752   6.687   1.00 25.09 ? 16  A   A N6    1 
ATOM   335  N  N1    . A   A 1 16 ? -8.860  2.504   4.732   1.00 29.01 ? 16  A   A N1    1 
ATOM   336  C  C2    . A   A 1 16 ? -9.515  3.062   3.698   1.00 29.68 ? 16  A   A C2    1 
ATOM   337  N  N3    . A   A 1 16 ? -9.714  4.351   3.420   1.00 30.41 ? 16  A   A N3    1 
ATOM   338  C  C4    . A   A 1 16 ? -9.150  5.132   4.360   1.00 29.76 ? 16  A   A C4    1 
ATOM   339  P  P     . C   A 1 17 ? -13.929 9.023   5.523   1.00 36.26 ? 17  C   A P     1 
ATOM   340  O  OP1   . C   A 1 17 ? -15.101 9.815   5.054   1.00 33.29 ? 17  C   A OP1   1 
ATOM   341  O  OP2   . C   A 1 17 ? -13.395 9.245   6.897   1.00 32.69 ? 17  C   A OP2   1 
ATOM   342  O  "O5'" . C   A 1 17 ? -14.290 7.469   5.425   1.00 36.44 ? 17  C   A "O5'" 1 
ATOM   343  C  "C5'" . C   A 1 17 ? -15.075 6.955   4.334   1.00 38.15 ? 17  C   A "C5'" 1 
ATOM   344  C  "C4'" . C   A 1 17 ? -15.074 5.435   4.336   1.00 40.06 ? 17  C   A "C4'" 1 
ATOM   345  O  "O4'" . C   A 1 17 ? -13.708 4.937   4.229   1.00 39.56 ? 17  C   A "O4'" 1 
ATOM   346  C  "C3'" . C   A 1 17 ? -15.620 4.721   5.568   1.00 41.28 ? 17  C   A "C3'" 1 
ATOM   347  O  "O3'" . C   A 1 17 ? -17.053 4.674   5.578   1.00 43.52 ? 17  C   A "O3'" 1 
ATOM   348  C  "C2'" . C   A 1 17 ? -15.007 3.332   5.406   1.00 40.27 ? 17  C   A "C2'" 1 
ATOM   349  O  "O2'" . C   A 1 17 ? -15.649 2.562   4.414   1.00 41.74 ? 17  C   A "O2'" 1 
ATOM   350  C  "C1'" . C   A 1 17 ? -13.614 3.678   4.881   1.00 38.88 ? 17  C   A "C1'" 1 
ATOM   351  N  N1    . C   A 1 17 ? -12.645 3.779   5.978   1.00 38.06 ? 17  C   A N1    1 
ATOM   352  C  C2    . C   A 1 17 ? -12.080 2.607   6.456   1.00 36.52 ? 17  C   A C2    1 
ATOM   353  O  O2    . C   A 1 17 ? -12.393 1.542   5.918   1.00 38.73 ? 17  C   A O2    1 
ATOM   354  N  N3    . C   A 1 17 ? -11.206 2.657   7.484   1.00 34.83 ? 17  C   A N3    1 
ATOM   355  C  C4    . C   A 1 17 ? -10.882 3.835   8.024   1.00 36.01 ? 17  C   A C4    1 
ATOM   356  N  N4    . C   A 1 17 ? -10.006 3.842   9.037   1.00 31.45 ? 17  C   A N4    1 
ATOM   357  C  C5    . C   A 1 17 ? -11.441 5.061   7.546   1.00 36.28 ? 17  C   A C5    1 
ATOM   358  C  C6    . C   A 1 17 ? -12.312 4.986   6.531   1.00 37.33 ? 17  C   A C6    1 
ATOM   359  P  P     . A   A 1 18 ? -17.857 4.731   6.981   1.00 46.12 ? 18  A   A P     1 
ATOM   360  O  OP1   . A   A 1 18 ? -19.282 4.950   6.644   1.00 45.42 ? 18  A   A OP1   1 
ATOM   361  O  OP2   . A   A 1 18 ? -17.168 5.692   7.888   1.00 45.84 ? 18  A   A OP2   1 
ATOM   362  O  "O5'" . A   A 1 18 ? -17.676 3.276   7.624   1.00 44.85 ? 18  A   A "O5'" 1 
ATOM   363  C  "C5'" . A   A 1 18 ? -18.232 2.104   6.990   1.00 45.70 ? 18  A   A "C5'" 1 
ATOM   364  C  "C4'" . A   A 1 18 ? -17.708 0.839   7.643   1.00 46.00 ? 18  A   A "C4'" 1 
ATOM   365  O  "O4'" . A   A 1 18 ? -16.265 0.764   7.481   1.00 44.29 ? 18  A   A "O4'" 1 
ATOM   366  C  "C3'" . A   A 1 18 ? -17.903 0.687   9.145   1.00 47.89 ? 18  A   A "C3'" 1 
ATOM   367  O  "O3'" . A   A 1 18 ? -19.216 0.250   9.500   1.00 51.92 ? 18  A   A "O3'" 1 
ATOM   368  C  "C2'" . A   A 1 18 ? -16.854 -0.363  9.489   1.00 46.62 ? 18  A   A "C2'" 1 
ATOM   369  O  "O2'" . A   A 1 18 ? -17.252 -1.673  9.134   1.00 48.40 ? 18  A   A "O2'" 1 
ATOM   370  C  "C1'" . A   A 1 18 ? -15.701 0.055   8.575   1.00 43.78 ? 18  A   A "C1'" 1 
ATOM   371  N  N9    . A   A 1 18 ? -14.727 0.915   9.251   1.00 41.14 ? 18  A   A N9    1 
ATOM   372  C  C8    . A   A 1 18 ? -14.558 2.273   9.134   1.00 39.93 ? 18  A   A C8    1 
ATOM   373  N  N7    . A   A 1 18 ? -13.580 2.748   9.865   1.00 38.20 ? 18  A   A N7    1 
ATOM   374  C  C5    . A   A 1 18 ? -13.075 1.629   10.512  1.00 37.88 ? 18  A   A C5    1 
ATOM   375  C  C6    . A   A 1 18 ? -12.025 1.459   11.430  1.00 37.39 ? 18  A   A C6    1 
ATOM   376  N  N6    . A   A 1 18 ? -11.264 2.455   11.879  1.00 35.43 ? 18  A   A N6    1 
ATOM   377  N  N1    . A   A 1 18 ? -11.781 0.211   11.880  1.00 38.23 ? 18  A   A N1    1 
ATOM   378  C  C2    . A   A 1 18 ? -12.548 -0.790  11.435  1.00 37.45 ? 18  A   A C2    1 
ATOM   379  N  N3    . A   A 1 18 ? -13.561 -0.755  10.579  1.00 38.09 ? 18  A   A N3    1 
ATOM   380  C  C4    . A   A 1 18 ? -13.775 0.497   10.148  1.00 38.22 ? 18  A   A C4    1 
ATOM   381  P  P     . G   A 1 19 ? -19.860 0.710   10.908  1.00 55.06 ? 19  G   A P     1 
ATOM   382  O  OP1   . G   A 1 19 ? -21.329 0.467   10.864  1.00 55.46 ? 19  G   A OP1   1 
ATOM   383  O  OP2   . G   A 1 19 ? -19.353 2.077   11.182  1.00 54.66 ? 19  G   A OP2   1 
ATOM   384  O  "O5'" . G   A 1 19 ? -19.238 -0.288  11.984  1.00 55.12 ? 19  G   A "O5'" 1 
ATOM   385  C  "C5'" . G   A 1 19 ? -19.632 -1.674  12.018  1.00 56.61 ? 19  G   A "C5'" 1 
ATOM   386  C  "C4'" . G   A 1 19 ? -18.746 -2.451  12.967  1.00 58.19 ? 19  G   A "C4'" 1 
ATOM   387  O  "O4'" . G   A 1 19 ? -17.360 -2.295  12.556  1.00 58.39 ? 19  G   A "O4'" 1 
ATOM   388  C  "C3'" . G   A 1 19 ? -18.750 -1.997  14.419  1.00 59.00 ? 19  G   A "C3'" 1 
ATOM   389  O  "O3'" . G   A 1 19 ? -19.861 -2.528  15.144  1.00 60.35 ? 19  G   A "O3'" 1 
ATOM   390  C  "C2'" . G   A 1 19 ? -17.409 -2.527  14.920  1.00 59.12 ? 19  G   A "C2'" 1 
ATOM   391  O  "O2'" . G   A 1 19 ? -17.416 -3.915  15.202  1.00 58.81 ? 19  G   A "O2'" 1 
ATOM   392  C  "C1'" . G   A 1 19 ? -16.519 -2.273  13.701  1.00 57.86 ? 19  G   A "C1'" 1 
ATOM   393  N  N9    . G   A 1 19 ? -15.851 -0.974  13.749  1.00 56.82 ? 19  G   A N9    1 
ATOM   394  C  C8    . G   A 1 19 ? -16.210 0.165   13.066  1.00 56.09 ? 19  G   A C8    1 
ATOM   395  N  N7    . G   A 1 19 ? -15.421 1.178   13.307  1.00 55.40 ? 19  G   A N7    1 
ATOM   396  C  C5    . G   A 1 19 ? -14.484 0.679   14.205  1.00 55.87 ? 19  G   A C5    1 
ATOM   397  C  C6    . G   A 1 19 ? -13.367 1.315   14.829  1.00 56.15 ? 19  G   A C6    1 
ATOM   398  O  O6    . G   A 1 19 ? -12.969 2.484   14.702  1.00 56.04 ? 19  G   A O6    1 
ATOM   399  N  N1    . G   A 1 19 ? -12.688 0.440   15.673  1.00 55.85 ? 19  G   A N1    1 
ATOM   400  C  C2    . G   A 1 19 ? -13.027 -0.874  15.888  1.00 55.06 ? 19  G   A C2    1 
ATOM   401  N  N2    . G   A 1 19 ? -12.243 -1.552  16.740  1.00 53.84 ? 19  G   A N2    1 
ATOM   402  N  N3    . G   A 1 19 ? -14.056 -1.478  15.312  1.00 55.20 ? 19  G   A N3    1 
ATOM   403  C  C4    . G   A 1 19 ? -14.736 -0.648  14.490  1.00 55.81 ? 19  G   A C4    1 
ATOM   404  P  P     . C   A 1 20 ? -20.450 -1.726  16.415  1.00 62.37 ? 20  C   A P     1 
ATOM   405  O  OP1   . C   A 1 20 ? -21.666 -2.442  16.885  1.00 60.81 ? 20  C   A OP1   1 
ATOM   406  O  OP2   . C   A 1 20 ? -20.545 -0.282  16.047  1.00 61.07 ? 20  C   A OP2   1 
ATOM   407  O  "O5'" . C   A 1 20 ? -19.325 -1.891  17.537  1.00 59.21 ? 20  C   A "O5'" 1 
ATOM   408  C  "C5'" . C   A 1 20 ? -19.101 -3.168  18.164  1.00 56.61 ? 20  C   A "C5'" 1 
ATOM   409  C  "C4'" . C   A 1 20 ? -17.985 -3.078  19.184  1.00 54.60 ? 20  C   A "C4'" 1 
ATOM   410  O  "O4'" . C   A 1 20 ? -16.758 -2.666  18.522  1.00 53.52 ? 20  C   A "O4'" 1 
ATOM   411  C  "C3'" . C   A 1 20 ? -18.136 -2.050  20.294  1.00 53.55 ? 20  C   A "C3'" 1 
ATOM   412  O  "O3'" . C   A 1 20 ? -19.009 -2.465  21.342  1.00 53.45 ? 20  C   A "O3'" 1 
ATOM   413  C  "C2'" . C   A 1 20 ? -16.697 -1.898  20.768  1.00 52.38 ? 20  C   A "C2'" 1 
ATOM   414  O  "O2'" . C   A 1 20 ? -16.277 -2.972  21.586  1.00 51.05 ? 20  C   A "O2'" 1 
ATOM   415  C  "C1'" . C   A 1 20 ? -15.943 -1.945  19.438  1.00 51.25 ? 20  C   A "C1'" 1 
ATOM   416  N  N1    . C   A 1 20 ? -15.676 -0.604  18.884  1.00 49.19 ? 20  C   A N1    1 
ATOM   417  C  C2    . C   A 1 20 ? -14.501 0.061   19.263  1.00 47.78 ? 20  C   A C2    1 
ATOM   418  O  O2    . C   A 1 20 ? -13.707 -0.508  20.026  1.00 47.80 ? 20  C   A O2    1 
ATOM   419  N  N3    . C   A 1 20 ? -14.259 1.300   18.786  1.00 46.71 ? 20  C   A N3    1 
ATOM   420  C  C4    . C   A 1 20 ? -15.126 1.873   17.949  1.00 45.99 ? 20  C   A C4    1 
ATOM   421  N  N4    . C   A 1 20 ? -14.841 3.095   17.504  1.00 43.28 ? 20  C   A N4    1 
ATOM   422  C  C5    . C   A 1 20 ? -16.321 1.214   17.534  1.00 46.52 ? 20  C   A C5    1 
ATOM   423  C  C6    . C   A 1 20 ? -16.554 -0.011  18.021  1.00 47.72 ? 20  C   A C6    1 
ATOM   424  P  P     . A   A 1 21 ? -19.516 -1.385  22.430  1.00 53.79 ? 21  A   A P     1 
ATOM   425  O  OP1   . A   A 1 21 ? -20.668 -1.953  23.177  1.00 54.30 ? 21  A   A OP1   1 
ATOM   426  O  OP2   . A   A 1 21 ? -19.669 -0.070  21.753  1.00 50.42 ? 21  A   A OP2   1 
ATOM   427  O  "O5'" . A   A 1 21 ? -18.290 -1.293  23.442  1.00 51.27 ? 21  A   A "O5'" 1 
ATOM   428  C  "C5'" . A   A 1 21 ? -18.174 -0.193  24.336  1.00 49.25 ? 21  A   A "C5'" 1 
ATOM   429  C  "C4'" . A   A 1 21 ? -16.736 -0.003  24.751  1.00 48.09 ? 21  A   A "C4'" 1 
ATOM   430  O  "O4'" . A   A 1 21 ? -15.875 0.081   23.583  1.00 48.19 ? 21  A   A "O4'" 1 
ATOM   431  C  "C3'" . A   A 1 21 ? -16.533 1.316   25.462  1.00 48.03 ? 21  A   A "C3'" 1 
ATOM   432  O  "O3'" . A   A 1 21 ? -16.913 1.207   26.820  1.00 48.51 ? 21  A   A "O3'" 1 
ATOM   433  C  "C2'" . A   A 1 21 ? -15.067 1.617   25.201  1.00 47.23 ? 21  A   A "C2'" 1 
ATOM   434  O  "O2'" . A   A 1 21 ? -14.200 0.868   26.026  1.00 46.77 ? 21  A   A "O2'" 1 
ATOM   435  C  "C1'" . A   A 1 21 ? -14.932 1.134   23.753  1.00 45.72 ? 21  A   A "C1'" 1 
ATOM   436  N  N9    . A   A 1 21 ? -15.224 2.159   22.743  1.00 43.19 ? 21  A   A N9    1 
ATOM   437  C  C8    . A   A 1 21 ? -16.262 2.156   21.837  1.00 41.86 ? 21  A   A C8    1 
ATOM   438  N  N7    . A   A 1 21 ? -16.256 3.184   21.020  1.00 41.13 ? 21  A   A N7    1 
ATOM   439  C  C5    . A   A 1 21 ? -15.143 3.917   21.411  1.00 39.64 ? 21  A   A C5    1 
ATOM   440  C  C6    . A   A 1 21 ? -14.576 5.115   20.924  1.00 38.67 ? 21  A   A C6    1 
ATOM   441  N  N6    . A   A 1 21 ? -15.053 5.799   19.877  1.00 34.70 ? 21  A   A N6    1 
ATOM   442  N  N1    . A   A 1 21 ? -13.480 5.587   21.554  1.00 39.49 ? 21  A   A N1    1 
ATOM   443  C  C2    . A   A 1 21 ? -12.980 4.891   22.587  1.00 40.32 ? 21  A   A C2    1 
ATOM   444  N  N3    . A   A 1 21 ? -13.412 3.749   23.124  1.00 40.93 ? 21  A   A N3    1 
ATOM   445  C  C4    . A   A 1 21 ? -14.509 3.308   22.483  1.00 41.25 ? 21  A   A C4    1 
ATOM   446  P  P     . A   A 1 22 ? -18.195 2.023   27.340  1.00 49.21 ? 22  A   A P     1 
ATOM   447  O  OP1   . A   A 1 22 ? -18.679 1.331   28.563  1.00 50.78 ? 22  A   A OP1   1 
ATOM   448  O  OP2   . A   A 1 22 ? -19.127 2.233   26.194  1.00 47.80 ? 22  A   A OP2   1 
ATOM   449  O  "O5'" . A   A 1 22 ? -17.576 3.436   27.747  1.00 48.08 ? 22  A   A "O5'" 1 
ATOM   450  C  "C5'" . A   A 1 22 ? -16.552 3.508   28.750  1.00 45.84 ? 22  A   A "C5'" 1 
ATOM   451  C  "C4'" . A   A 1 22 ? -15.633 4.681   28.502  1.00 44.82 ? 22  A   A "C4'" 1 
ATOM   452  O  "O4'" . A   A 1 22 ? -15.049 4.577   27.173  1.00 43.24 ? 22  A   A "O4'" 1 
ATOM   453  C  "C3'" . A   A 1 22 ? -16.254 6.068   28.498  1.00 43.87 ? 22  A   A "C3'" 1 
ATOM   454  O  "O3'" . A   A 1 22 ? -16.496 6.576   29.807  1.00 43.38 ? 22  A   A "O3'" 1 
ATOM   455  C  "C2'" . A   A 1 22 ? -15.177 6.868   27.781  1.00 43.84 ? 22  A   A "C2'" 1 
ATOM   456  O  "O2'" . A   A 1 22 ? -14.066 7.130   28.623  1.00 44.37 ? 22  A   A "O2'" 1 
ATOM   457  C  "C1'" . A   A 1 22 ? -14.761 5.884   26.684  1.00 42.77 ? 22  A   A "C1'" 1 
ATOM   458  N  N9    . A   A 1 22 ? -15.501 6.104   25.435  1.00 39.54 ? 22  A   A N9    1 
ATOM   459  C  C8    . A   A 1 22 ? -16.571 5.397   24.940  1.00 38.86 ? 22  A   A C8    1 
ATOM   460  N  N7    . A   A 1 22 ? -17.021 5.851   23.792  1.00 38.20 ? 22  A   A N7    1 
ATOM   461  C  C5    . A   A 1 22 ? -16.191 6.928   23.511  1.00 38.31 ? 22  A   A C5    1 
ATOM   462  C  C6    . A   A 1 22 ? -16.145 7.836   22.430  1.00 38.05 ? 22  A   A C6    1 
ATOM   463  N  N6    . A   A 1 22 ? -16.978 7.792   21.387  1.00 37.66 ? 22  A   A N6    1 
ATOM   464  N  N1    . A   A 1 22 ? -15.196 8.798   22.456  1.00 37.14 ? 22  A   A N1    1 
ATOM   465  C  C2    . A   A 1 22 ? -14.351 8.836   23.500  1.00 37.69 ? 22  A   A C2    1 
ATOM   466  N  N3    . A   A 1 22 ? -14.290 8.040   24.568  1.00 37.22 ? 22  A   A N3    1 
ATOM   467  C  C4    . A   A 1 22 ? -15.249 7.096   24.514  1.00 38.34 ? 22  A   A C4    1 
ATOM   468  P  P     . G   A 1 23 ? -17.692 7.626   30.043  1.00 42.68 ? 23  G   A P     1 
ATOM   469  O  OP1   . G   A 1 23 ? -17.774 7.898   31.497  1.00 45.62 ? 23  G   A OP1   1 
ATOM   470  O  OP2   . G   A 1 23 ? -18.891 7.115   29.324  1.00 42.00 ? 23  G   A OP2   1 
ATOM   471  O  "O5'" . G   A 1 23 ? -17.197 8.964   29.324  1.00 42.79 ? 23  G   A "O5'" 1 
ATOM   472  C  "C5'" . G   A 1 23 ? -15.978 9.616   29.740  1.00 41.42 ? 23  G   A "C5'" 1 
ATOM   473  C  "C4'" . G   A 1 23 ? -15.681 10.819  28.865  1.00 39.98 ? 23  G   A "C4'" 1 
ATOM   474  O  "O4'" . G   A 1 23 ? -15.443 10.402  27.495  1.00 39.04 ? 23  G   A "O4'" 1 
ATOM   475  C  "C3'" . G   A 1 23 ? -16.780 11.855  28.715  1.00 40.43 ? 23  G   A "C3'" 1 
ATOM   476  O  "O3'" . G   A 1 23 ? -16.955 12.699  29.860  1.00 41.65 ? 23  G   A "O3'" 1 
ATOM   477  C  "C2'" . G   A 1 23 ? -16.318 12.608  27.473  1.00 38.89 ? 23  G   A "C2'" 1 
ATOM   478  O  "O2'" . G   A 1 23 ? -15.246 13.478  27.782  1.00 39.69 ? 23  G   A "O2'" 1 
ATOM   479  C  "C1'" . G   A 1 23 ? -15.780 11.463  26.608  1.00 36.43 ? 23  G   A "C1'" 1 
ATOM   480  N  N9    . G   A 1 23 ? -16.728 10.953  25.617  1.00 34.06 ? 23  G   A N9    1 
ATOM   481  C  C8    . G   A 1 23 ? -17.528 9.845   25.749  1.00 33.69 ? 23  G   A C8    1 
ATOM   482  N  N7    . G   A 1 23 ? -18.266 9.612   24.697  1.00 32.98 ? 23  G   A N7    1 
ATOM   483  C  C5    . G   A 1 23 ? -17.942 10.633  23.812  1.00 31.00 ? 23  G   A C5    1 
ATOM   484  C  C6    . G   A 1 23 ? -18.426 10.901  22.492  1.00 29.90 ? 23  G   A C6    1 
ATOM   485  O  O6    . G   A 1 23 ? -19.272 10.266  21.824  1.00 27.04 ? 23  G   A O6    1 
ATOM   486  N  N1    . G   A 1 23 ? -17.825 12.033  21.953  1.00 26.79 ? 23  G   A N1    1 
ATOM   487  C  C2    . G   A 1 23 ? -16.890 12.811  22.589  1.00 28.17 ? 23  G   A C2    1 
ATOM   488  N  N2    . G   A 1 23 ? -16.449 13.875  21.902  1.00 26.64 ? 23  G   A N2    1 
ATOM   489  N  N3    . G   A 1 23 ? -16.426 12.569  23.811  1.00 29.19 ? 23  G   A N3    1 
ATOM   490  C  C4    . G   A 1 23 ? -16.995 11.473  24.361  1.00 31.44 ? 23  G   A C4    1 
ATOM   491  O  "O5'" . C   B 1 1  ? 22.382  -7.288  -10.776 1.00 43.20 ? 1   C   B "O5'" 1 
ATOM   492  C  "C5'" . C   B 1 1  ? 23.266  -6.457  -10.018 1.00 39.42 ? 1   C   B "C5'" 1 
ATOM   493  C  "C4'" . C   B 1 1  ? 24.003  -5.414  -10.833 1.00 37.37 ? 1   C   B "C4'" 1 
ATOM   494  O  "O4'" . C   B 1 1  ? 24.558  -6.010  -12.040 1.00 35.66 ? 1   C   B "O4'" 1 
ATOM   495  C  "C3'" . C   B 1 1  ? 23.179  -4.252  -11.362 1.00 37.13 ? 1   C   B "C3'" 1 
ATOM   496  O  "O3'" . C   B 1 1  ? 22.961  -3.281  -10.331 1.00 39.37 ? 1   C   B "O3'" 1 
ATOM   497  C  "C2'" . C   B 1 1  ? 24.088  -3.721  -12.470 1.00 36.39 ? 1   C   B "C2'" 1 
ATOM   498  O  "O2'" . C   B 1 1  ? 25.184  -2.991  -11.959 1.00 37.20 ? 1   C   B "O2'" 1 
ATOM   499  C  "C1'" . C   B 1 1  ? 24.638  -5.022  -13.061 1.00 33.89 ? 1   C   B "C1'" 1 
ATOM   500  N  N1    . C   B 1 1  ? 23.879  -5.487  -14.235 1.00 29.95 ? 1   C   B N1    1 
ATOM   501  C  C2    . C   B 1 1  ? 24.014  -4.790  -15.446 1.00 28.29 ? 1   C   B C2    1 
ATOM   502  O  O2    . C   B 1 1  ? 24.784  -3.809  -15.495 1.00 28.60 ? 1   C   B O2    1 
ATOM   503  N  N3    . C   B 1 1  ? 23.313  -5.206  -16.530 1.00 23.70 ? 1   C   B N3    1 
ATOM   504  C  C4    . C   B 1 1  ? 22.518  -6.278  -16.439 1.00 25.49 ? 1   C   B C4    1 
ATOM   505  N  N4    . C   B 1 1  ? 21.856  -6.670  -17.538 1.00 21.94 ? 1   C   B N4    1 
ATOM   506  C  C5    . C   B 1 1  ? 22.365  -7.004  -15.218 1.00 24.96 ? 1   C   B C5    1 
ATOM   507  C  C6    . C   B 1 1  ? 23.056  -6.577  -14.153 1.00 28.77 ? 1   C   B C6    1 
ATOM   508  P  P     . U   B 1 2  ? 21.609  -2.393  -10.318 1.00 38.15 ? 2   U   B P     1 
ATOM   509  O  OP1   . U   B 1 2  ? 21.579  -1.688  -9.018  1.00 38.04 ? 2   U   B OP1   1 
ATOM   510  O  OP2   . U   B 1 2  ? 20.463  -3.271  -10.713 1.00 36.44 ? 2   U   B OP2   1 
ATOM   511  O  "O5'" . U   B 1 2  ? 21.847  -1.291  -11.443 1.00 34.58 ? 2   U   B "O5'" 1 
ATOM   512  C  "C5'" . U   B 1 2  ? 22.791  -0.223  -11.236 1.00 32.32 ? 2   U   B "C5'" 1 
ATOM   513  C  "C4'" . U   B 1 2  ? 22.878  0.641   -12.470 1.00 30.34 ? 2   U   B "C4'" 1 
ATOM   514  O  "O4'" . U   B 1 2  ? 23.289  -0.189  -13.592 1.00 29.41 ? 2   U   B "O4'" 1 
ATOM   515  C  "C3'" . U   B 1 2  ? 21.565  1.256   -12.923 1.00 30.56 ? 2   U   B "C3'" 1 
ATOM   516  O  "O3'" . U   B 1 2  ? 21.281  2.465   -12.213 1.00 32.63 ? 2   U   B "O3'" 1 
ATOM   517  C  "C2'" . U   B 1 2  ? 21.831  1.497   -14.406 1.00 31.26 ? 2   U   B "C2'" 1 
ATOM   518  O  "O2'" . U   B 1 2  ? 22.640  2.633   -14.631 1.00 31.16 ? 2   U   B "O2'" 1 
ATOM   519  C  "C1'" . U   B 1 2  ? 22.645  0.253   -14.772 1.00 28.55 ? 2   U   B "C1'" 1 
ATOM   520  N  N1    . U   B 1 2  ? 21.850  -0.862  -15.311 1.00 27.12 ? 2   U   B N1    1 
ATOM   521  C  C2    . U   B 1 2  ? 21.381  -0.749  -16.608 1.00 25.01 ? 2   U   B C2    1 
ATOM   522  O  O2    . U   B 1 2  ? 21.543  0.252   -17.282 1.00 21.64 ? 2   U   B O2    1 
ATOM   523  N  N3    . U   B 1 2  ? 20.707  -1.849  -17.080 1.00 24.22 ? 2   U   B N3    1 
ATOM   524  C  C4    . U   B 1 2  ? 20.444  -3.021  -16.399 1.00 25.74 ? 2   U   B C4    1 
ATOM   525  O  O4    . U   B 1 2  ? 19.885  -3.951  -16.985 1.00 23.73 ? 2   U   B O4    1 
ATOM   526  C  C5    . U   B 1 2  ? 20.927  -3.047  -15.049 1.00 25.06 ? 2   U   B C5    1 
ATOM   527  C  C6    . U   B 1 2  ? 21.597  -1.992  -14.564 1.00 26.47 ? 2   U   B C6    1 
ATOM   528  P  P     . U   B 1 3  ? 19.751  2.888   -11.913 1.00 34.15 ? 3   U   B P     1 
ATOM   529  O  OP1   . U   B 1 3  ? 19.792  4.105   -11.068 1.00 34.04 ? 3   U   B OP1   1 
ATOM   530  O  OP2   . U   B 1 3  ? 19.019  1.687   -11.425 1.00 32.12 ? 3   U   B OP2   1 
ATOM   531  O  "O5'" . U   B 1 3  ? 19.154  3.281   -13.345 1.00 32.25 ? 3   U   B "O5'" 1 
ATOM   532  C  "C5'" . U   B 1 3  ? 19.503  4.527   -13.983 1.00 31.10 ? 3   U   B "C5'" 1 
ATOM   533  C  "C4'" . U   B 1 3  ? 18.906  4.616   -15.387 1.00 31.10 ? 3   U   B "C4'" 1 
ATOM   534  O  "O4'" . U   B 1 3  ? 19.415  3.531   -16.217 1.00 31.49 ? 3   U   B "O4'" 1 
ATOM   535  C  "C3'" . U   B 1 3  ? 17.397  4.504   -15.543 1.00 30.53 ? 3   U   B "C3'" 1 
ATOM   536  O  "O3'" . U   B 1 3  ? 16.724  5.728   -15.232 1.00 32.29 ? 3   U   B "O3'" 1 
ATOM   537  C  "C2'" . U   B 1 3  ? 17.274  4.156   -17.026 1.00 32.13 ? 3   U   B "C2'" 1 
ATOM   538  O  "O2'" . U   B 1 3  ? 17.465  5.276   -17.873 1.00 31.90 ? 3   U   B "O2'" 1 
ATOM   539  C  "C1'" . U   B 1 3  ? 18.455  3.196   -17.212 1.00 31.25 ? 3   U   B "C1'" 1 
ATOM   540  N  N1    . U   B 1 3  ? 18.091  1.775   -17.050 1.00 31.97 ? 3   U   B N1    1 
ATOM   541  C  C2    . U   B 1 3  ? 17.515  1.107   -18.134 1.00 31.38 ? 3   U   B C2    1 
ATOM   542  O  O2    . U   B 1 3  ? 17.305  1.635   -19.210 1.00 33.06 ? 3   U   B O2    1 
ATOM   543  N  N3    . U   B 1 3  ? 17.195  -0.207  -17.906 1.00 30.45 ? 3   U   B N3    1 
ATOM   544  C  C4    . U   B 1 3  ? 17.388  -0.916  -16.742 1.00 30.86 ? 3   U   B C4    1 
ATOM   545  O  O4    . U   B 1 3  ? 17.029  -2.091  -16.687 1.00 29.92 ? 3   U   B O4    1 
ATOM   546  C  C5    . U   B 1 3  ? 17.991  -0.170  -15.674 1.00 30.00 ? 3   U   B C5    1 
ATOM   547  C  C6    . U   B 1 3  ? 18.311  1.118   -15.860 1.00 30.38 ? 3   U   B C6    1 
ATOM   548  P  P     . G   B 1 4  ? 15.241  5.697   -14.584 1.00 34.54 ? 4   G   B P     1 
ATOM   549  O  OP1   . G   B 1 4  ? 14.940  7.059   -14.098 1.00 35.67 ? 4   G   B OP1   1 
ATOM   550  O  OP2   . G   B 1 4  ? 15.199  4.568   -13.624 1.00 34.15 ? 4   G   B OP2   1 
ATOM   551  O  "O5'" . G   B 1 4  ? 14.265  5.369   -15.816 1.00 31.25 ? 4   G   B "O5'" 1 
ATOM   552  C  "C5'" . G   B 1 4  ? 13.985  6.361   -16.836 1.00 30.17 ? 4   G   B "C5'" 1 
ATOM   553  C  "C4'" . G   B 1 4  ? 13.255  5.742   -18.026 1.00 31.30 ? 4   G   B "C4'" 1 
ATOM   554  O  "O4'" . G   B 1 4  ? 14.060  4.669   -18.607 1.00 31.73 ? 4   G   B "O4'" 1 
ATOM   555  C  "C3'" . G   B 1 4  ? 11.910  5.073   -17.766 1.00 32.14 ? 4   G   B "C3'" 1 
ATOM   556  O  "O3'" . G   B 1 4  ? 10.837  6.015   -17.654 1.00 33.86 ? 4   G   B "O3'" 1 
ATOM   557  C  "C2'" . G   B 1 4  ? 11.769  4.170   -18.993 1.00 32.31 ? 4   G   B "C2'" 1 
ATOM   558  O  "O2'" . G   B 1 4  ? 11.392  4.877   -20.162 1.00 32.59 ? 4   G   B "O2'" 1 
ATOM   559  C  "C1'" . G   B 1 4  ? 13.208  3.672   -19.171 1.00 31.02 ? 4   G   B "C1'" 1 
ATOM   560  N  N9    . G   B 1 4  ? 13.455  2.393   -18.498 1.00 29.45 ? 4   G   B N9    1 
ATOM   561  C  C8    . G   B 1 4  ? 14.113  2.208   -17.307 1.00 28.05 ? 4   G   B C8    1 
ATOM   562  N  N7    . G   B 1 4  ? 14.158  0.955   -16.934 1.00 28.45 ? 4   G   B N7    1 
ATOM   563  C  C5    . G   B 1 4  ? 13.499  0.264   -17.942 1.00 28.71 ? 4   G   B C5    1 
ATOM   564  C  C6    . G   B 1 4  ? 13.229  -1.139  -18.087 1.00 29.75 ? 4   G   B C6    1 
ATOM   565  O  O6    . G   B 1 4  ? 13.544  -2.078  -17.334 1.00 28.25 ? 4   G   B O6    1 
ATOM   566  N  N1    . G   B 1 4  ? 12.515  -1.403  -19.250 1.00 29.61 ? 4   G   B N1    1 
ATOM   567  C  C2    . G   B 1 4  ? 12.113  -0.460  -20.156 1.00 30.48 ? 4   G   B C2    1 
ATOM   568  N  N2    . G   B 1 4  ? 11.397  -0.921  -21.194 1.00 30.37 ? 4   G   B N2    1 
ATOM   569  N  N3    . G   B 1 4  ? 12.378  0.841   -20.049 1.00 30.38 ? 4   G   B N3    1 
ATOM   570  C  C4    . G   B 1 4  ? 13.062  1.131   -18.921 1.00 29.02 ? 4   G   B C4    1 
ATOM   571  P  P     . C   B 1 5  ? 9.565   5.686   -16.701 1.00 37.73 ? 5   C   B P     1 
ATOM   572  O  OP1   . C   B 1 5  ? 8.741   6.921   -16.603 1.00 36.81 ? 5   C   B OP1   1 
ATOM   573  O  OP2   . C   B 1 5  ? 10.071  5.047   -15.448 1.00 37.97 ? 5   C   B OP2   1 
ATOM   574  O  "O5'" . C   B 1 5  ? 8.724   4.583   -17.504 1.00 36.01 ? 5   C   B "O5'" 1 
ATOM   575  C  "C5'" . C   B 1 5  ? 8.137   4.893   -18.789 1.00 37.19 ? 5   C   B "C5'" 1 
ATOM   576  C  "C4'" . C   B 1 5  ? 7.655   3.636   -19.489 1.00 37.41 ? 5   C   B "C4'" 1 
ATOM   577  O  "O4'" . C   B 1 5  ? 8.773   2.734   -19.717 1.00 37.59 ? 5   C   B "O4'" 1 
ATOM   578  C  "C3'" . C   B 1 5  ? 6.637   2.760   -18.773 1.00 38.42 ? 5   C   B "C3'" 1 
ATOM   579  O  "O3'" . C   B 1 5  ? 5.311   3.268   -18.901 1.00 40.84 ? 5   C   B "O3'" 1 
ATOM   580  C  "C2'" . C   B 1 5  ? 6.792   1.451   -19.533 1.00 37.52 ? 5   C   B "C2'" 1 
ATOM   581  O  "O2'" . C   B 1 5  ? 6.202   1.530   -20.813 1.00 35.16 ? 5   C   B "O2'" 1 
ATOM   582  C  "C1'" . C   B 1 5  ? 8.308   1.392   -19.718 1.00 36.78 ? 5   C   B "C1'" 1 
ATOM   583  N  N1    . C   B 1 5  ? 8.978   0.667   -18.627 1.00 36.81 ? 5   C   B N1    1 
ATOM   584  C  C2    . C   B 1 5  ? 8.965   -0.733  -18.630 1.00 38.00 ? 5   C   B C2    1 
ATOM   585  O  O2    . C   B 1 5  ? 8.401   -1.330  -19.557 1.00 41.19 ? 5   C   B O2    1 
ATOM   586  N  N3    . C   B 1 5  ? 9.571   -1.402  -17.624 1.00 37.71 ? 5   C   B N3    1 
ATOM   587  C  C4    . C   B 1 5  ? 10.181  -0.729  -16.649 1.00 37.66 ? 5   C   B C4    1 
ATOM   588  N  N4    . C   B 1 5  ? 10.779  -1.432  -15.681 1.00 38.34 ? 5   C   B N4    1 
ATOM   589  C  C5    . C   B 1 5  ? 10.209  0.694   -16.621 1.00 37.44 ? 5   C   B C5    1 
ATOM   590  C  C6    . C   B 1 5  ? 9.601   1.345   -17.620 1.00 37.49 ? 5   C   B C6    1 
ATOM   591  P  P     . U   B 1 6  ? 4.235   3.033   -17.717 1.00 42.84 ? 6   U   B P     1 
ATOM   592  O  OP1   . U   B 1 6  ? 3.028   3.811   -18.099 1.00 43.18 ? 6   U   B OP1   1 
ATOM   593  O  OP2   . U   B 1 6  ? 4.872   3.295   -16.402 1.00 40.67 ? 6   U   B OP2   1 
ATOM   594  O  "O5'" . U   B 1 6  ? 3.904   1.469   -17.798 1.00 41.41 ? 6   U   B "O5'" 1 
ATOM   595  C  "C5'" . U   B 1 6  ? 3.243   0.895   -18.952 1.00 39.21 ? 6   U   B "C5'" 1 
ATOM   596  C  "C4'" . U   B 1 6  ? 3.144   -0.616  -18.810 1.00 41.40 ? 6   U   B "C4'" 1 
ATOM   597  O  "O4'" . U   B 1 6  ? 4.479   -1.187  -18.753 1.00 40.81 ? 6   U   B "O4'" 1 
ATOM   598  C  "C3'" . U   B 1 6  ? 2.459   -1.146  -17.554 1.00 41.02 ? 6   U   B "C3'" 1 
ATOM   599  O  "O3'" . U   B 1 6  ? 1.038   -1.183  -17.690 1.00 42.47 ? 6   U   B "O3'" 1 
ATOM   600  C  "C2'" . U   B 1 6  ? 3.040   -2.550  -17.430 1.00 41.12 ? 6   U   B "C2'" 1 
ATOM   601  O  "O2'" . U   B 1 6  ? 2.413   -3.496  -18.272 1.00 41.23 ? 6   U   B "O2'" 1 
ATOM   602  C  "C1'" . U   B 1 6  ? 4.475   -2.331  -17.913 1.00 40.56 ? 6   U   B "C1'" 1 
ATOM   603  N  N1    . U   B 1 6  ? 5.417   -2.100  -16.810 1.00 39.74 ? 6   U   B N1    1 
ATOM   604  C  C2    . U   B 1 6  ? 5.946   -3.209  -16.176 1.00 38.49 ? 6   U   B C2    1 
ATOM   605  O  O2    . U   B 1 6  ? 5.666   -4.352  -16.499 1.00 37.42 ? 6   U   B O2    1 
ATOM   606  N  N3    . U   B 1 6  ? 6.818   -2.929  -15.150 1.00 38.76 ? 6   U   B N3    1 
ATOM   607  C  C4    . U   B 1 6  ? 7.203   -1.679  -14.709 1.00 38.75 ? 6   U   B C4    1 
ATOM   608  O  O4    . U   B 1 6  ? 7.959   -1.587  -13.746 1.00 39.06 ? 6   U   B O4    1 
ATOM   609  C  C5    . U   B 1 6  ? 6.617   -0.584  -15.422 1.00 38.46 ? 6   U   B C5    1 
ATOM   610  C  C6    . U   B 1 6  ? 5.766   -0.826  -16.421 1.00 38.33 ? 6   U   B C6    1 
ATOM   611  P  P     . G   B 1 7  ? 0.100   -1.119  -16.378 1.00 45.52 ? 7   G   B P     1 
ATOM   612  O  OP1   . G   B 1 7  ? -1.310  -1.112  -16.854 1.00 46.57 ? 7   G   B OP1   1 
ATOM   613  O  OP2   . G   B 1 7  ? 0.586   -0.008  -15.510 1.00 45.24 ? 7   G   B OP2   1 
ATOM   614  O  "O5'" . G   B 1 7  ? 0.366   -2.499  -15.610 1.00 43.81 ? 7   G   B "O5'" 1 
ATOM   615  C  "C5'" . G   B 1 7  ? 0.112   -3.769  -16.251 1.00 40.35 ? 7   G   B "C5'" 1 
ATOM   616  C  "C4'" . G   B 1 7  ? 0.209   -4.909  -15.253 1.00 40.53 ? 7   G   B "C4'" 1 
ATOM   617  O  "O4'" . G   B 1 7  ? 1.592   -5.027  -14.791 1.00 37.99 ? 7   G   B "O4'" 1 
ATOM   618  C  "C3'" . G   B 1 7  ? -0.673  -4.811  -14.003 1.00 39.96 ? 7   G   B "C3'" 1 
ATOM   619  O  "O3'" . G   B 1 7  ? -1.203  -6.090  -13.623 1.00 40.50 ? 7   G   B "O3'" 1 
ATOM   620  C  "C2'" . G   B 1 7  ? 0.322   -4.339  -12.939 1.00 39.97 ? 7   G   B "C2'" 1 
ATOM   621  O  "O2'" . G   B 1 7  ? -0.037  -4.781  -11.648 1.00 42.17 ? 7   G   B "O2'" 1 
ATOM   622  C  "C1'" . G   B 1 7  ? 1.621   -5.022  -13.379 1.00 39.24 ? 7   G   B "C1'" 1 
ATOM   623  N  N9    . G   B 1 7  ? 2.836   -4.335  -12.925 1.00 39.28 ? 7   G   B N9    1 
ATOM   624  C  C8    . G   B 1 7  ? 3.137   -3.002  -13.079 1.00 39.07 ? 7   G   B C8    1 
ATOM   625  N  N7    . G   B 1 7  ? 4.270   -2.661  -12.518 1.00 38.40 ? 7   G   B N7    1 
ATOM   626  C  C5    . G   B 1 7  ? 4.756   -3.839  -11.963 1.00 38.09 ? 7   G   B C5    1 
ATOM   627  C  C6    . G   B 1 7  ? 5.953   -4.090  -11.194 1.00 38.21 ? 7   G   B C6    1 
ATOM   628  O  O6    . G   B 1 7  ? 6.830   -3.290  -10.831 1.00 36.32 ? 7   G   B O6    1 
ATOM   629  N  N1    . G   B 1 7  ? 6.061   -5.429  -10.841 1.00 36.53 ? 7   G   B N1    1 
ATOM   630  C  C2    . G   B 1 7  ? 5.147   -6.405  -11.167 1.00 38.18 ? 7   G   B C2    1 
ATOM   631  N  N2    . G   B 1 7  ? 5.434   -7.638  -10.736 1.00 38.26 ? 7   G   B N2    1 
ATOM   632  N  N3    . G   B 1 7  ? 4.033   -6.188  -11.863 1.00 37.76 ? 7   G   B N3    1 
ATOM   633  C  C4    . G   B 1 7  ? 3.900   -4.890  -12.222 1.00 38.69 ? 7   G   B C4    1 
ATOM   634  P  P     . A   B 1 8  ? -2.783  -6.424  -13.820 1.00 40.97 ? 8   A   B P     1 
ATOM   635  O  OP1   . A   B 1 8  ? -3.022  -7.716  -13.137 1.00 42.55 ? 8   A   B OP1   1 
ATOM   636  O  OP2   . A   B 1 8  ? -3.123  -6.282  -15.253 1.00 39.53 ? 8   A   B OP2   1 
ATOM   637  O  "O5'" . A   B 1 8  ? -3.599  -5.314  -13.006 1.00 39.05 ? 8   A   B "O5'" 1 
ATOM   638  C  "C5'" . A   B 1 8  ? -3.938  -5.504  -11.605 1.00 35.26 ? 8   A   B "C5'" 1 
ATOM   639  C  "C4'" . A   B 1 8  ? -4.988  -4.493  -11.166 1.00 34.28 ? 8   A   B "C4'" 1 
ATOM   640  O  "O4'" . A   B 1 8  ? -6.184  -4.646  -11.982 1.00 31.54 ? 8   A   B "O4'" 1 
ATOM   641  C  "C3'" . A   B 1 8  ? -5.478  -4.611  -9.724  1.00 33.38 ? 8   A   B "C3'" 1 
ATOM   642  O  "O3'" . A   B 1 8  ? -4.629  -3.874  -8.814  1.00 34.54 ? 8   A   B "O3'" 1 
ATOM   643  C  "C2'" . A   B 1 8  ? -6.864  -3.973  -9.790  1.00 33.09 ? 8   A   B "C2'" 1 
ATOM   644  O  "O2'" . A   B 1 8  ? -6.805  -2.568  -9.674  1.00 34.44 ? 8   A   B "O2'" 1 
ATOM   645  C  "C1'" . A   B 1 8  ? -7.334  -4.358  -11.202 1.00 31.61 ? 8   A   B "C1'" 1 
ATOM   646  N  N9    . A   B 1 8  ? -8.235  -5.515  -11.247 1.00 30.63 ? 8   A   B N9    1 
ATOM   647  C  C8    . A   B 1 8  ? -7.951  -6.793  -11.674 1.00 30.70 ? 8   A   B C8    1 
ATOM   648  N  N7    . A   B 1 8  ? -8.965  -7.628  -11.566 1.00 29.56 ? 8   A   B N7    1 
ATOM   649  C  C5    . A   B 1 8  ? -9.984  -6.847  -11.040 1.00 29.05 ? 8   A   B C5    1 
ATOM   650  C  C6    . A   B 1 8  ? -11.319 -7.143  -10.681 1.00 28.24 ? 8   A   B C6    1 
ATOM   651  N  N6    . A   B 1 8  ? -11.872 -8.349  -10.798 1.00 23.69 ? 8   A   B N6    1 
ATOM   652  N  N1    . A   B 1 8  ? -12.076 -6.136  -10.189 1.00 29.83 ? 8   A   B N1    1 
ATOM   653  C  C2    . A   B 1 8  ? -11.521 -4.918  -10.072 1.00 30.49 ? 8   A   B C2    1 
ATOM   654  N  N3    . A   B 1 8  ? -10.280 -4.519  -10.370 1.00 29.81 ? 8   A   B N3    1 
ATOM   655  C  C4    . A   B 1 8  ? -9.554  -5.541  -10.849 1.00 28.99 ? 8   A   B C4    1 
ATOM   656  P  P     . G   B 1 9  ? -4.151  -4.529  -7.402  1.00 34.93 ? 9   G   B P     1 
ATOM   657  O  OP1   . G   B 1 9  ? -3.153  -3.603  -6.802  1.00 34.93 ? 9   G   B OP1   1 
ATOM   658  O  OP2   . G   B 1 9  ? -3.770  -5.966  -7.630  1.00 34.88 ? 9   G   B OP2   1 
ATOM   659  O  "O5'" . G   B 1 9  ? -5.454  -4.507  -6.477  1.00 31.00 ? 9   G   B "O5'" 1 
ATOM   660  C  "C5'" . G   B 1 9  ? -6.168  -3.284  -6.234  1.00 28.48 ? 9   G   B "C5'" 1 
ATOM   661  C  "C4'" . G   B 1 9  ? -7.491  -3.565  -5.547  1.00 29.84 ? 9   G   B "C4'" 1 
ATOM   662  O  "O4'" . G   B 1 9  ? -8.298  -4.434  -6.402  1.00 26.98 ? 9   G   B "O4'" 1 
ATOM   663  C  "C3'" . G   B 1 9  ? -7.435  -4.272  -4.181  1.00 30.58 ? 9   G   B "C3'" 1 
ATOM   664  O  "O3'" . G   B 1 9  ? -8.560  -3.808  -3.404  1.00 33.59 ? 9   G   B "O3'" 1 
ATOM   665  C  "C2'" . G   B 1 9  ? -7.749  -5.720  -4.579  1.00 30.75 ? 9   G   B "C2'" 1 
ATOM   666  O  "O2'" . G   B 1 9  ? -8.257  -6.522  -3.530  1.00 31.00 ? 9   G   B "O2'" 1 
ATOM   667  C  "C1'" . G   B 1 9  ? -8.844  -5.451  -5.600  1.00 28.86 ? 9   G   B "C1'" 1 
ATOM   668  N  N9    . G   B 1 9  ? -9.364  -6.545  -6.419  1.00 29.03 ? 9   G   B N9    1 
ATOM   669  C  C8    . G   B 1 9  ? -10.687 -6.923  -6.494  1.00 28.52 ? 9   G   B C8    1 
ATOM   670  N  N7    . G   B 1 9  ? -10.885 -7.958  -7.264  1.00 30.52 ? 9   G   B N7    1 
ATOM   671  C  C5    . G   B 1 9  ? -9.619  -8.280  -7.735  1.00 30.38 ? 9   G   B C5    1 
ATOM   672  C  C6    . G   B 1 9  ? -9.207  -9.319  -8.601  1.00 31.50 ? 9   G   B C6    1 
ATOM   673  O  O6    . G   B 1 9  ? -9.896  -10.194 -9.136  1.00 30.67 ? 9   G   B O6    1 
ATOM   674  N  N1    . G   B 1 9  ? -7.835  -9.282  -8.829  1.00 32.63 ? 9   G   B N1    1 
ATOM   675  C  C2    . G   B 1 9  ? -6.972  -8.363  -8.292  1.00 31.04 ? 9   G   B C2    1 
ATOM   676  N  N2    . G   B 1 9  ? -5.684  -8.498  -8.658  1.00 32.23 ? 9   G   B N2    1 
ATOM   677  N  N3    . G   B 1 9  ? -7.342  -7.388  -7.466  1.00 28.76 ? 9   G   B N3    1 
ATOM   678  C  C4    . G   B 1 9  ? -8.670  -7.407  -7.235  1.00 28.36 ? 9   G   B C4    1 
ATOM   679  P  P     . G   B 1 10 ? -8.342  -3.030  -2.001  1.00 34.27 ? 10  G   B P     1 
ATOM   680  O  OP1   . G   B 1 10 ? -6.929  -3.153  -1.577  1.00 34.69 ? 10  G   B OP1   1 
ATOM   681  O  OP2   . G   B 1 10 ? -9.416  -3.496  -1.088  1.00 36.28 ? 10  G   B OP2   1 
ATOM   682  O  "O5'" . G   B 1 10 ? -8.658  -1.500  -2.352  1.00 34.75 ? 10  G   B "O5'" 1 
ATOM   683  C  "C5'" . G   B 1 10 ? -9.854  -1.128  -3.090  1.00 32.15 ? 10  G   B "C5'" 1 
ATOM   684  C  "C4'" . G   B 1 10 ? -10.039 0.380   -3.078  1.00 30.97 ? 10  G   B "C4'" 1 
ATOM   685  O  "O4'" . G   B 1 10 ? -10.325 0.818   -1.723  1.00 31.83 ? 10  G   B "O4'" 1 
ATOM   686  C  "C3'" . G   B 1 10 ? -8.829  1.196   -3.512  1.00 30.63 ? 10  G   B "C3'" 1 
ATOM   687  O  "O3'" . G   B 1 10 ? -8.801  1.350   -4.937  1.00 28.10 ? 10  G   B "O3'" 1 
ATOM   688  C  "C2'" . G   B 1 10 ? -9.046  2.521   -2.779  1.00 30.37 ? 10  G   B "C2'" 1 
ATOM   689  O  "O2'" . G   B 1 10 ? -9.973  3.361   -3.432  1.00 31.42 ? 10  G   B "O2'" 1 
ATOM   690  C  "C1'" . G   B 1 10 ? -9.677  2.054   -1.463  1.00 29.76 ? 10  G   B "C1'" 1 
ATOM   691  N  N9    . G   B 1 10 ? -8.755  1.848   -0.347  1.00 29.02 ? 10  G   B N9    1 
ATOM   692  C  C8    . G   B 1 10 ? -8.419  0.636   0.205   1.00 27.63 ? 10  G   B C8    1 
ATOM   693  N  N7    . G   B 1 10 ? -7.574  0.735   1.194   1.00 28.19 ? 10  G   B N7    1 
ATOM   694  C  C5    . G   B 1 10 ? -7.330  2.098   1.312   1.00 29.35 ? 10  G   B C5    1 
ATOM   695  C  C6    . G   B 1 10 ? -6.482  2.812   2.222   1.00 29.56 ? 10  G   B C6    1 
ATOM   696  O  O6    . G   B 1 10 ? -5.759  2.360   3.123   1.00 27.89 ? 10  G   B O6    1 
ATOM   697  N  N1    . G   B 1 10 ? -6.529  4.183   1.996   1.00 29.29 ? 10  G   B N1    1 
ATOM   698  C  C2    . G   B 1 10 ? -7.285  4.800   1.025   1.00 31.12 ? 10  G   B C2    1 
ATOM   699  N  N2    . G   B 1 10 ? -7.182  6.143   0.973   1.00 30.42 ? 10  G   B N2    1 
ATOM   700  N  N3    . G   B 1 10 ? -8.080  4.151   0.170   1.00 29.07 ? 10  G   B N3    1 
ATOM   701  C  C4    . G   B 1 10 ? -8.052  2.808   0.370   1.00 29.62 ? 10  G   B C4    1 
ATOM   702  P  P     . U   B 1 11 ? -7.392  1.414   -5.718  1.00 29.64 ? 11  U   B P     1 
ATOM   703  O  OP1   . U   B 1 11 ? -7.687  1.425   -7.172  1.00 31.55 ? 11  U   B OP1   1 
ATOM   704  O  OP2   . U   B 1 11 ? -6.493  0.377   -5.183  1.00 29.24 ? 11  U   B OP2   1 
ATOM   705  O  "O5'" . U   B 1 11 ? -6.787  2.846   -5.321  1.00 32.58 ? 11  U   B "O5'" 1 
ATOM   706  C  "C5'" . U   B 1 11 ? -7.327  4.065   -5.886  1.00 31.49 ? 11  U   B "C5'" 1 
ATOM   707  C  "C4'" . U   B 1 11 ? -6.682  5.299   -5.268  1.00 31.89 ? 11  U   B "C4'" 1 
ATOM   708  O  "O4'" . U   B 1 11 ? -6.933  5.339   -3.832  1.00 31.81 ? 11  U   B "O4'" 1 
ATOM   709  C  "C3'" . U   B 1 11 ? -5.171  5.450   -5.383  1.00 31.06 ? 11  U   B "C3'" 1 
ATOM   710  O  "O3'" . U   B 1 11 ? -4.786  5.944   -6.662  1.00 31.10 ? 11  U   B "O3'" 1 
ATOM   711  C  "C2'" . U   B 1 11 ? -4.887  6.465   -4.277  1.00 32.75 ? 11  U   B "C2'" 1 
ATOM   712  O  "O2'" . U   B 1 11 ? -5.240  7.787   -4.642  1.00 34.43 ? 11  U   B "O2'" 1 
ATOM   713  C  "C1'" . U   B 1 11 ? -5.852  5.997   -3.181  1.00 31.10 ? 11  U   B "C1'" 1 
ATOM   714  N  N1    . U   B 1 11 ? -5.224  5.057   -2.235  1.00 29.61 ? 11  U   B N1    1 
ATOM   715  C  C2    . U   B 1 11 ? -4.304  5.571   -1.329  1.00 29.92 ? 11  U   B C2    1 
ATOM   716  O  O2    . U   B 1 11 ? -3.976  6.746   -1.312  1.00 28.29 ? 11  U   B O2    1 
ATOM   717  N  N3    . U   B 1 11 ? -3.770  4.652   -0.453  1.00 30.07 ? 11  U   B N3    1 
ATOM   718  C  C4    . U   B 1 11 ? -4.043  3.293   -0.405  1.00 30.51 ? 11  U   B C4    1 
ATOM   719  O  O4    . U   B 1 11 ? -3.496  2.589   0.454   1.00 26.99 ? 11  U   B O4    1 
ATOM   720  C  C5    . U   B 1 11 ? -4.986  2.840   -1.389  1.00 29.23 ? 11  U   B C5    1 
ATOM   721  C  C6    . U   B 1 11 ? -5.532  3.718   -2.245  1.00 29.14 ? 11  U   B C6    1 
ATOM   722  P  P     . G   B 1 12 ? -3.269  5.745   -7.192  1.00 34.97 ? 12  G   B P     1 
ATOM   723  O  OP1   . G   B 1 12 ? -3.194  6.417   -8.511  1.00 35.82 ? 12  G   B OP1   1 
ATOM   724  O  OP2   . G   B 1 12 ? -2.886  4.312   -7.088  1.00 32.59 ? 12  G   B OP2   1 
ATOM   725  O  "O5'" . G   B 1 12 ? -2.356  6.567   -6.160  1.00 32.94 ? 12  G   B "O5'" 1 
ATOM   726  C  "C5'" . G   B 1 12 ? -2.306  8.007   -6.183  1.00 32.03 ? 12  G   B "C5'" 1 
ATOM   727  C  "C4'" . G   B 1 12 ? -1.286  8.542   -5.181  1.00 31.36 ? 12  G   B "C4'" 1 
ATOM   728  O  "O4'" . G   B 1 12 ? -1.695  8.233   -3.820  1.00 30.83 ? 12  G   B "O4'" 1 
ATOM   729  C  "C3'" . G   B 1 12 ? 0.140   8.016   -5.268  1.00 30.89 ? 12  G   B "C3'" 1 
ATOM   730  O  "O3'" . G   B 1 12 ? 0.878   8.684   -6.286  1.00 32.20 ? 12  G   B "O3'" 1 
ATOM   731  C  "C2'" . G   B 1 12 ? 0.678   8.341   -3.879  1.00 31.35 ? 12  G   B "C2'" 1 
ATOM   732  O  "O2'" . G   B 1 12 ? 0.992   9.716   -3.714  1.00 31.67 ? 12  G   B "O2'" 1 
ATOM   733  C  "C1'" . G   B 1 12 ? -0.545  8.051   -3.007  1.00 29.32 ? 12  G   B "C1'" 1 
ATOM   734  N  N9    . G   B 1 12 ? -0.573  6.702   -2.440  1.00 26.90 ? 12  G   B N9    1 
ATOM   735  C  C8    . G   B 1 12 ? -1.186  5.585   -2.964  1.00 25.68 ? 12  G   B C8    1 
ATOM   736  N  N7    . G   B 1 12 ? -1.063  4.526   -2.206  1.00 22.83 ? 12  G   B N7    1 
ATOM   737  C  C5    . G   B 1 12 ? -0.321  4.969   -1.117  1.00 22.99 ? 12  G   B C5    1 
ATOM   738  C  C6    . G   B 1 12 ? 0.124   4.270   0.051   1.00 21.76 ? 12  G   B C6    1 
ATOM   739  O  O6    . G   B 1 12 ? -0.070  3.093   0.368   1.00 19.13 ? 12  G   B O6    1 
ATOM   740  N  N1    . G   B 1 12 ? 0.864   5.093   0.891   1.00 20.99 ? 12  G   B N1    1 
ATOM   741  C  C2    . G   B 1 12 ? 1.138   6.418   0.650   1.00 22.69 ? 12  G   B C2    1 
ATOM   742  N  N2    . G   B 1 12 ? 1.885   7.036   1.571   1.00 22.39 ? 12  G   B N2    1 
ATOM   743  N  N3    . G   B 1 12 ? 0.715   7.086   -0.419  1.00 22.12 ? 12  G   B N3    1 
ATOM   744  C  C4    . G   B 1 12 ? 0.000   6.305   -1.253  1.00 23.55 ? 12  G   B C4    1 
ATOM   745  P  P     . C   B 1 13 ? 1.992   7.882   -7.128  1.00 37.03 ? 13  C   B P     1 
ATOM   746  O  OP1   . C   B 1 13 ? 2.366   8.734   -8.290  1.00 35.63 ? 13  C   B OP1   1 
ATOM   747  O  OP2   . C   B 1 13 ? 1.481   6.497   -7.372  1.00 36.19 ? 13  C   B OP2   1 
ATOM   748  O  "O5'" . C   B 1 13 ? 3.244   7.795   -6.141  1.00 37.17 ? 13  C   B "O5'" 1 
ATOM   749  C  "C5'" . C   B 1 13 ? 3.958   8.990   -5.763  1.00 37.87 ? 13  C   B "C5'" 1 
ATOM   750  C  "C4'" . C   B 1 13 ? 4.784   8.758   -4.514  1.00 37.19 ? 13  C   B "C4'" 1 
ATOM   751  O  "O4'" . C   B 1 13 ? 3.923   8.326   -3.424  1.00 35.63 ? 13  C   B "O4'" 1 
ATOM   752  C  "C3'" . C   B 1 13 ? 5.865   7.686   -4.561  1.00 36.82 ? 13  C   B "C3'" 1 
ATOM   753  O  "O3'" . C   B 1 13 ? 7.062   8.148   -5.194  1.00 37.58 ? 13  C   B "O3'" 1 
ATOM   754  C  "C2'" . C   B 1 13 ? 6.104   7.454   -3.074  1.00 37.78 ? 13  C   B "C2'" 1 
ATOM   755  O  "O2'" . C   B 1 13 ? 6.849   8.513   -2.498  1.00 36.54 ? 13  C   B "O2'" 1 
ATOM   756  C  "C1'" . C   B 1 13 ? 4.674   7.522   -2.525  1.00 36.10 ? 13  C   B "C1'" 1 
ATOM   757  N  N1    . C   B 1 13 ? 4.029   6.196   -2.406  1.00 35.61 ? 13  C   B N1    1 
ATOM   758  C  C2    . C   B 1 13 ? 4.416   5.352   -1.357  1.00 35.76 ? 13  C   B C2    1 
ATOM   759  O  O2    . C   B 1 13 ? 5.321   5.718   -0.595  1.00 36.91 ? 13  C   B O2    1 
ATOM   760  N  N3    . C   B 1 13 ? 3.800   4.155   -1.205  1.00 34.89 ? 13  C   B N3    1 
ATOM   761  C  C4    . C   B 1 13 ? 2.846   3.786   -2.057  1.00 33.83 ? 13  C   B C4    1 
ATOM   762  N  N4    . C   B 1 13 ? 2.249   2.610   -1.852  1.00 30.78 ? 13  C   B N4    1 
ATOM   763  C  C5    . C   B 1 13 ? 2.456   4.610   -3.153  1.00 33.81 ? 13  C   B C5    1 
ATOM   764  C  C6    . C   B 1 13 ? 3.066   5.797   -3.287  1.00 34.81 ? 13  C   B C6    1 
ATOM   765  P  P     . A   B 1 14 ? 7.983   7.117   -6.038  1.00 39.31 ? 14  A   B P     1 
ATOM   766  O  OP1   . A   B 1 14 ? 8.994   7.912   -6.784  1.00 40.93 ? 14  A   B OP1   1 
ATOM   767  O  OP2   . A   B 1 14 ? 7.061   6.227   -6.786  1.00 38.25 ? 14  A   B OP2   1 
ATOM   768  O  "O5'" . A   B 1 14 ? 8.765   6.243   -4.946  1.00 35.87 ? 14  A   B "O5'" 1 
ATOM   769  C  "C5'" . A   B 1 14 ? 9.764   6.833   -4.092  1.00 32.18 ? 14  A   B "C5'" 1 
ATOM   770  C  "C4'" . A   B 1 14 ? 10.100  5.910   -2.934  1.00 30.72 ? 14  A   B "C4'" 1 
ATOM   771  O  "O4'" . A   B 1 14 ? 8.894   5.611   -2.175  1.00 29.43 ? 14  A   B "O4'" 1 
ATOM   772  C  "C3'" . A   B 1 14 ? 10.660  4.530   -3.261  1.00 29.43 ? 14  A   B "C3'" 1 
ATOM   773  O  "O3'" . A   B 1 14 ? 12.059  4.585   -3.576  1.00 29.18 ? 14  A   B "O3'" 1 
ATOM   774  C  "C2'" . A   B 1 14 ? 10.390  3.780   -1.959  1.00 28.66 ? 14  A   B "C2'" 1 
ATOM   775  O  "O2'" . A   B 1 14 ? 11.294  4.118   -0.924  1.00 28.24 ? 14  A   B "O2'" 1 
ATOM   776  C  "C1'" . A   B 1 14 ? 9.018   4.333   -1.565  1.00 27.83 ? 14  A   B "C1'" 1 
ATOM   777  N  N9    . A   B 1 14 ? 7.904   3.490   -2.007  1.00 28.41 ? 14  A   B N9    1 
ATOM   778  C  C8    . A   B 1 14 ? 7.113   3.656   -3.122  1.00 29.01 ? 14  A   B C8    1 
ATOM   779  N  N7    . A   B 1 14 ? 6.198   2.720   -3.269  1.00 27.37 ? 14  A   B N7    1 
ATOM   780  C  C5    . A   B 1 14 ? 6.399   1.885   -2.182  1.00 25.84 ? 14  A   B C5    1 
ATOM   781  C  C6    . A   B 1 14 ? 5.756   0.701   -1.770  1.00 25.85 ? 14  A   B C6    1 
ATOM   782  N  N6    . A   B 1 14 ? 4.743   0.133   -2.439  1.00 23.34 ? 14  A   B N6    1 
ATOM   783  N  N1    . A   B 1 14 ? 6.194   0.113   -0.633  1.00 25.42 ? 14  A   B N1    1 
ATOM   784  C  C2    . A   B 1 14 ? 7.205   0.685   0.037   1.00 24.76 ? 14  A   B C2    1 
ATOM   785  N  N3    . A   B 1 14 ? 7.891   1.796   -0.253  1.00 27.43 ? 14  A   B N3    1 
ATOM   786  C  C4    . A   B 1 14 ? 7.437   2.352   -1.388  1.00 26.22 ? 14  A   B C4    1 
ATOM   787  P  P     . C   B 1 15 ? 12.711  3.495   -4.583  1.00 33.47 ? 15  C   B P     1 
ATOM   788  O  OP1   . C   B 1 15 ? 14.141  3.850   -4.789  1.00 32.09 ? 15  C   B OP1   1 
ATOM   789  O  OP2   . C   B 1 15 ? 11.817  3.362   -5.768  1.00 30.60 ? 15  C   B OP2   1 
ATOM   790  O  "O5'" . C   B 1 15 ? 12.673  2.118   -3.771  1.00 31.56 ? 15  C   B "O5'" 1 
ATOM   791  C  "C5'" . C   B 1 15 ? 13.664  1.829   -2.762  1.00 33.43 ? 15  C   B "C5'" 1 
ATOM   792  C  "C4'" . C   B 1 15 ? 13.281  0.598   -1.951  1.00 34.39 ? 15  C   B "C4'" 1 
ATOM   793  O  "O4'" . C   B 1 15 ? 11.910  0.724   -1.472  1.00 32.74 ? 15  C   B "O4'" 1 
ATOM   794  C  "C3'" . C   B 1 15 ? 13.264  -0.753  -2.659  1.00 34.06 ? 15  C   B "C3'" 1 
ATOM   795  O  "O3'" . C   B 1 15 ? 14.567  -1.313  -2.811  1.00 36.14 ? 15  C   B "O3'" 1 
ATOM   796  C  "C2'" . C   B 1 15 ? 12.417  -1.582  -1.700  1.00 32.09 ? 15  C   B "C2'" 1 
ATOM   797  O  "O2'" . C   B 1 15 ? 13.110  -1.961  -0.526  1.00 29.80 ? 15  C   B "O2'" 1 
ATOM   798  C  "C1'" . C   B 1 15 ? 11.339  -0.574  -1.317  1.00 31.04 ? 15  C   B "C1'" 1 
ATOM   799  N  N1    . C   B 1 15 ? 10.175  -0.702  -2.209  1.00 29.36 ? 15  C   B N1    1 
ATOM   800  C  C2    . C   B 1 15 ? 9.217   -1.683  -1.923  1.00 28.43 ? 15  C   B C2    1 
ATOM   801  O  O2    . C   B 1 15 ? 9.385   -2.415  -0.932  1.00 28.24 ? 15  C   B O2    1 
ATOM   802  N  N3    . C   B 1 15 ? 8.143   -1.815  -2.733  1.00 25.24 ? 15  C   B N3    1 
ATOM   803  C  C4    . C   B 1 15 ? 8.014   -1.023  -3.804  1.00 26.35 ? 15  C   B C4    1 
ATOM   804  N  N4    . C   B 1 15 ? 6.940   -1.187  -4.582  1.00 22.07 ? 15  C   B N4    1 
ATOM   805  C  C5    . C   B 1 15 ? 8.981   -0.025  -4.124  1.00 26.31 ? 15  C   B C5    1 
ATOM   806  C  C6    . C   B 1 15 ? 10.030  0.104   -3.302  1.00 27.66 ? 15  C   B C6    1 
ATOM   807  P  P     . A   B 1 16 ? 14.881  -2.278  -4.064  1.00 39.51 ? 16  A   B P     1 
ATOM   808  O  OP1   . A   B 1 16 ? 16.323  -2.653  -3.985  1.00 39.38 ? 16  A   B OP1   1 
ATOM   809  O  OP2   . A   B 1 16 ? 14.361  -1.605  -5.279  1.00 38.28 ? 16  A   B OP2   1 
ATOM   810  O  "O5'" . A   B 1 16 ? 13.984  -3.590  -3.843  1.00 38.49 ? 16  A   B "O5'" 1 
ATOM   811  C  "C5'" . A   B 1 16 ? 14.331  -4.583  -2.853  1.00 37.28 ? 16  A   B "C5'" 1 
ATOM   812  C  "C4'" . A   B 1 16 ? 13.280  -5.683  -2.783  1.00 35.96 ? 16  A   B "C4'" 1 
ATOM   813  O  "O4'" . A   B 1 16 ? 11.968  -5.096  -2.556  1.00 35.70 ? 16  A   B "O4'" 1 
ATOM   814  C  "C3'" . A   B 1 16 ? 13.066  -6.577  -4.002  1.00 35.70 ? 16  A   B "C3'" 1 
ATOM   815  O  "O3'" . A   B 1 16 ? 14.045  -7.626  -4.075  1.00 34.71 ? 16  A   B "O3'" 1 
ATOM   816  C  "C2'" . A   B 1 16 ? 11.680  -7.153  -3.716  1.00 35.06 ? 16  A   B "C2'" 1 
ATOM   817  O  "O2'" . A   B 1 16 ? 11.705  -8.165  -2.728  1.00 36.37 ? 16  A   B "O2'" 1 
ATOM   818  C  "C1'" . A   B 1 16 ? 10.964  -5.949  -3.101  1.00 34.44 ? 16  A   B "C1'" 1 
ATOM   819  N  N9    . A   B 1 16 ? 10.177  -5.194  -4.077  1.00 32.76 ? 16  A   B N9    1 
ATOM   820  C  C8    . A   B 1 16 ? 10.488  -3.985  -4.650  1.00 31.99 ? 16  A   B C8    1 
ATOM   821  N  N7    . A   B 1 16 ? 9.588   -3.553  -5.496  1.00 32.20 ? 16  A   B N7    1 
ATOM   822  C  C5    . A   B 1 16 ? 8.614   -4.543  -5.483  1.00 31.59 ? 16  A   B C5    1 
ATOM   823  C  C6    . A   B 1 16 ? 7.399   -4.685  -6.181  1.00 31.40 ? 16  A   B C6    1 
ATOM   824  N  N6    . A   B 1 16 ? 6.942   -3.794  -7.065  1.00 28.26 ? 16  A   B N6    1 
ATOM   825  N  N1    . A   B 1 16 ? 6.660   -5.795  -5.940  1.00 32.31 ? 16  A   B N1    1 
ATOM   826  C  C2    . A   B 1 16 ? 7.130   -6.696  -5.064  1.00 32.06 ? 16  A   B C2    1 
ATOM   827  N  N3    . A   B 1 16 ? 8.260   -6.677  -4.354  1.00 32.44 ? 16  A   B N3    1 
ATOM   828  C  C4    . A   B 1 16 ? 8.964   -5.560  -4.612  1.00 31.75 ? 16  A   B C4    1 
ATOM   829  P  P     . C   B 1 17 ? 14.541  -8.179  -5.512  1.00 36.33 ? 17  C   B P     1 
ATOM   830  O  OP1   . C   B 1 17 ? 15.595  -9.191  -5.258  1.00 34.81 ? 17  C   B OP1   1 
ATOM   831  O  OP2   . C   B 1 17 ? 14.837  -7.003  -6.378  1.00 33.51 ? 17  C   B OP2   1 
ATOM   832  O  "O5'" . C   B 1 17 ? 13.275  -8.925  -6.150  1.00 37.09 ? 17  C   B "O5'" 1 
ATOM   833  C  "C5'" . C   B 1 17 ? 12.880  -10.254 -5.718  1.00 37.93 ? 17  C   B "C5'" 1 
ATOM   834  C  "C4'" . C   B 1 17 ? 11.547  -10.663 -6.342  1.00 38.11 ? 17  C   B "C4'" 1 
ATOM   835  O  "O4'" . C   B 1 17 ? 10.521  -9.681  -6.012  1.00 37.10 ? 17  C   B "O4'" 1 
ATOM   836  C  "C3'" . C   B 1 17 ? 11.466  -10.756 -7.864  1.00 39.03 ? 17  C   B "C3'" 1 
ATOM   837  O  "O3'" . C   B 1 17 ? 11.999  -11.969 -8.386  1.00 40.75 ? 17  C   B "O3'" 1 
ATOM   838  C  "C2'" . C   B 1 17 ? 9.963   -10.658 -8.108  1.00 38.79 ? 17  C   B "C2'" 1 
ATOM   839  O  "O2'" . C   B 1 17 ? 9.253   -11.856 -7.838  1.00 39.68 ? 17  C   B "O2'" 1 
ATOM   840  C  "C1'" . C   B 1 17 ? 9.563   -9.612  -7.070  1.00 36.82 ? 17  C   B "C1'" 1 
ATOM   841  N  N1    . C   B 1 17 ? 9.559   -8.254  -7.645  1.00 35.97 ? 17  C   B N1    1 
ATOM   842  C  C2    . C   B 1 17 ? 8.488   -7.886  -8.463  1.00 35.48 ? 17  C   B C2    1 
ATOM   843  O  O2    . C   B 1 17 ? 7.596   -8.714  -8.676  1.00 35.95 ? 17  C   B O2    1 
ATOM   844  N  N3    . C   B 1 17 ? 8.459   -6.645  -9.005  1.00 34.20 ? 17  C   B N3    1 
ATOM   845  C  C4    . C   B 1 17 ? 9.460   -5.791  -8.768  1.00 35.18 ? 17  C   B C4    1 
ATOM   846  N  N4    . C   B 1 17 ? 9.407   -4.585  -9.344  1.00 31.75 ? 17  C   B N4    1 
ATOM   847  C  C5    . C   B 1 17 ? 10.566  -6.139  -7.935  1.00 34.29 ? 17  C   B C5    1 
ATOM   848  C  C6    . C   B 1 17 ? 10.573  -7.369  -7.399  1.00 35.34 ? 17  C   B C6    1 
ATOM   849  P  P     . A   B 1 18 ? 12.770  -11.959 -9.800  1.00 45.24 ? 18  A   B P     1 
ATOM   850  O  OP1   . A   B 1 18 ? 13.483  -13.253 -9.928  1.00 46.78 ? 18  A   B OP1   1 
ATOM   851  O  OP2   . A   B 1 18 ? 13.544  -10.691 -9.856  1.00 45.88 ? 18  A   B OP2   1 
ATOM   852  O  "O5'" . A   B 1 18 ? 11.615  -11.886 -10.908 1.00 44.04 ? 18  A   B "O5'" 1 
ATOM   853  C  "C5'" . A   B 1 18 ? 10.720  -13.004 -11.135 1.00 44.58 ? 18  A   B "C5'" 1 
ATOM   854  C  "C4'" . A   B 1 18 ? 9.587   -12.618 -12.077 1.00 44.05 ? 18  A   B "C4'" 1 
ATOM   855  O  "O4'" . A   B 1 18 ? 8.843   -11.505 -11.515 1.00 43.60 ? 18  A   B "O4'" 1 
ATOM   856  C  "C3'" . A   B 1 18 ? 9.961   -12.129 -13.469 1.00 45.86 ? 18  A   B "C3'" 1 
ATOM   857  O  "O3'" . A   B 1 18 ? 10.247  -13.194 -14.373 1.00 46.47 ? 18  A   B "O3'" 1 
ATOM   858  C  "C2'" . A   B 1 18 ? 8.717   -11.351 -13.884 1.00 46.06 ? 18  A   B "C2'" 1 
ATOM   859  O  "O2'" . A   B 1 18 ? 7.652   -12.162 -14.337 1.00 46.80 ? 18  A   B "O2'" 1 
ATOM   860  C  "C1'" . A   B 1 18 ? 8.315   -10.700 -12.562 1.00 44.57 ? 18  A   B "C1'" 1 
ATOM   861  N  N9    . A   B 1 18 ? 8.839   -9.338  -12.420 1.00 44.73 ? 18  A   B N9    1 
ATOM   862  C  C8    . A   B 1 18 ? 9.953   -8.934  -11.722 1.00 44.83 ? 18  A   B C8    1 
ATOM   863  N  N7    . A   B 1 18 ? 10.169  -7.640  -11.772 1.00 44.66 ? 18  A   B N7    1 
ATOM   864  C  C5    . A   B 1 18 ? 9.131   -7.157  -12.557 1.00 44.09 ? 18  A   B C5    1 
ATOM   865  C  C6    . A   B 1 18 ? 8.793   -5.855  -12.988 1.00 43.36 ? 18  A   B C6    1 
ATOM   866  N  N6    . A   B 1 18 ? 9.487   -4.761  -12.664 1.00 41.79 ? 18  A   B N6    1 
ATOM   867  N  N1    . A   B 1 18 ? 7.701   -5.716  -13.771 1.00 42.86 ? 18  A   B N1    1 
ATOM   868  C  C2    . A   B 1 18 ? 6.999   -6.814  -14.088 1.00 44.41 ? 18  A   B C2    1 
ATOM   869  N  N3    . A   B 1 18 ? 7.212   -8.088  -13.740 1.00 44.31 ? 18  A   B N3    1 
ATOM   870  C  C4    . A   B 1 18 ? 8.305   -8.193  -12.967 1.00 43.74 ? 18  A   B C4    1 
ATOM   871  P  P     . G   B 1 19 ? 11.170  -12.920 -15.667 1.00 48.06 ? 19  G   B P     1 
ATOM   872  O  OP1   . G   B 1 19 ? 11.436  -14.228 -16.310 1.00 48.37 ? 19  G   B OP1   1 
ATOM   873  O  OP2   . G   B 1 19 ? 12.317  -12.069 -15.250 1.00 48.39 ? 19  G   B OP2   1 
ATOM   874  O  "O5'" . G   B 1 19 ? 10.244  -12.058 -16.642 1.00 46.39 ? 19  G   B "O5'" 1 
ATOM   875  C  "C5'" . G   B 1 19 ? 9.193   -12.684 -17.394 1.00 45.71 ? 19  G   B "C5'" 1 
ATOM   876  C  "C4'" . G   B 1 19 ? 8.446   -11.664 -18.224 1.00 45.02 ? 19  G   B "C4'" 1 
ATOM   877  O  "O4'" . G   B 1 19 ? 7.959   -10.605 -17.353 1.00 44.25 ? 19  G   B "O4'" 1 
ATOM   878  C  "C3'" . G   B 1 19 ? 9.229   -10.920 -19.297 1.00 44.81 ? 19  G   B "C3'" 1 
ATOM   879  O  "O3'" . G   B 1 19 ? 9.355   -11.682 -20.502 1.00 43.71 ? 19  G   B "O3'" 1 
ATOM   880  C  "C2'" . G   B 1 19 ? 8.356   -9.690  -19.508 1.00 44.15 ? 19  G   B "C2'" 1 
ATOM   881  O  "O2'" . G   B 1 19 ? 7.210   -10.002 -20.274 1.00 44.78 ? 19  G   B "O2'" 1 
ATOM   882  C  "C1'" . G   B 1 19 ? 7.917   -9.383  -18.073 1.00 44.07 ? 19  G   B "C1'" 1 
ATOM   883  N  N9    . G   B 1 19 ? 8.782   -8.421  -17.395 1.00 44.19 ? 19  G   B N9    1 
ATOM   884  C  C8    . G   B 1 19 ? 9.767   -8.695  -16.472 1.00 43.78 ? 19  G   B C8    1 
ATOM   885  N  N7    . G   B 1 19 ? 10.382  -7.623  -16.042 1.00 42.63 ? 19  G   B N7    1 
ATOM   886  C  C5    . G   B 1 19 ? 9.764   -6.577  -16.719 1.00 43.63 ? 19  G   B C5    1 
ATOM   887  C  C6    . G   B 1 19 ? 10.008  -5.166  -16.672 1.00 42.85 ? 19  G   B C6    1 
ATOM   888  O  O6    . G   B 1 19 ? 10.849  -4.545  -16.004 1.00 40.59 ? 19  G   B O6    1 
ATOM   889  N  N1    . G   B 1 19 ? 9.155   -4.471  -17.524 1.00 43.06 ? 19  G   B N1    1 
ATOM   890  C  C2    . G   B 1 19 ? 8.196   -5.046  -18.324 1.00 43.95 ? 19  G   B C2    1 
ATOM   891  N  N2    . G   B 1 19 ? 7.485   -4.199  -19.086 1.00 42.96 ? 19  G   B N2    1 
ATOM   892  N  N3    . G   B 1 19 ? 7.957   -6.353  -18.379 1.00 44.11 ? 19  G   B N3    1 
ATOM   893  C  C4    . G   B 1 19 ? 8.773   -7.052  -17.558 1.00 44.01 ? 19  G   B C4    1 
ATOM   894  P  P     . C   B 1 20 ? 10.627  -11.454 -21.473 1.00 45.00 ? 20  C   B P     1 
ATOM   895  O  OP1   . C   B 1 20 ? 10.512  -12.439 -22.577 1.00 45.53 ? 20  C   B OP1   1 
ATOM   896  O  OP2   . C   B 1 20 ? 11.858  -11.426 -20.646 1.00 44.27 ? 20  C   B OP2   1 
ATOM   897  O  "O5'" . C   B 1 20 ? 10.424  -9.988  -22.085 1.00 44.73 ? 20  C   B "O5'" 1 
ATOM   898  C  "C5'" . C   B 1 20 ? 9.397   -9.730  -23.068 1.00 42.78 ? 20  C   B "C5'" 1 
ATOM   899  C  "C4'" . C   B 1 20 ? 9.363   -8.260  -23.451 1.00 43.31 ? 20  C   B "C4'" 1 
ATOM   900  O  "O4'" . C   B 1 20 ? 9.030   -7.442  -22.293 1.00 41.91 ? 20  C   B "O4'" 1 
ATOM   901  C  "C3'" . C   B 1 20 ? 10.649  -7.632  -23.969 1.00 43.38 ? 20  C   B "C3'" 1 
ATOM   902  O  "O3'" . C   B 1 20 ? 10.915  -7.942  -25.335 1.00 43.32 ? 20  C   B "O3'" 1 
ATOM   903  C  "C2'" . C   B 1 20 ? 10.370  -6.145  -23.772 1.00 42.77 ? 20  C   B "C2'" 1 
ATOM   904  O  "O2'" . C   B 1 20 ? 9.550   -5.577  -24.771 1.00 42.82 ? 20  C   B "O2'" 1 
ATOM   905  C  "C1'" . C   B 1 20 ? 9.618   -6.152  -22.438 1.00 41.42 ? 20  C   B "C1'" 1 
ATOM   906  N  N1    . C   B 1 20 ? 10.544  -5.919  -21.319 1.00 40.20 ? 20  C   B N1    1 
ATOM   907  C  C2    . C   B 1 20 ? 10.894  -4.605  -21.000 1.00 39.21 ? 20  C   B C2    1 
ATOM   908  O  O2    . C   B 1 20 ? 10.383  -3.677  -21.640 1.00 39.01 ? 20  C   B O2    1 
ATOM   909  N  N3    . C   B 1 20 ? 11.779  -4.380  -20.005 1.00 39.36 ? 20  C   B N3    1 
ATOM   910  C  C4    . C   B 1 20 ? 12.302  -5.408  -19.335 1.00 39.40 ? 20  C   B C4    1 
ATOM   911  N  N4    . C   B 1 20 ? 13.184  -5.145  -18.370 1.00 37.52 ? 20  C   B N4    1 
ATOM   912  C  C5    . C   B 1 20 ? 11.946  -6.757  -19.628 1.00 39.87 ? 20  C   B C5    1 
ATOM   913  C  C6    . C   B 1 20 ? 11.072  -6.964  -20.616 1.00 39.42 ? 20  C   B C6    1 
ATOM   914  P  P     . A   B 1 21 ? 12.431  -7.915  -25.876 1.00 44.36 ? 21  A   B P     1 
ATOM   915  O  OP1   . A   B 1 21 ? 12.422  -8.389  -27.278 1.00 44.37 ? 21  A   B OP1   1 
ATOM   916  O  OP2   . A   B 1 21 ? 13.265  -8.628  -24.866 1.00 43.09 ? 21  A   B OP2   1 
ATOM   917  O  "O5'" . A   B 1 21 ? 12.842  -6.369  -25.864 1.00 42.84 ? 21  A   B "O5'" 1 
ATOM   918  C  "C5'" . A   B 1 21 ? 12.370  -5.452  -26.877 1.00 41.01 ? 21  A   B "C5'" 1 
ATOM   919  C  "C4'" . A   B 1 21 ? 12.864  -4.044  -26.596 1.00 40.47 ? 21  A   B "C4'" 1 
ATOM   920  O  "O4'" . A   B 1 21 ? 12.464  -3.662  -25.248 1.00 41.82 ? 21  A   B "O4'" 1 
ATOM   921  C  "C3'" . A   B 1 21 ? 14.371  -3.814  -26.588 1.00 41.43 ? 21  A   B "C3'" 1 
ATOM   922  O  "O3'" . A   B 1 21 ? 14.929  -3.653  -27.896 1.00 42.16 ? 21  A   B "O3'" 1 
ATOM   923  C  "C2'" . A   B 1 21 ? 14.494  -2.536  -25.766 1.00 41.23 ? 21  A   B "C2'" 1 
ATOM   924  O  "O2'" . A   B 1 21 ? 14.158  -1.371  -26.489 1.00 42.72 ? 21  A   B "O2'" 1 
ATOM   925  C  "C1'" . A   B 1 21 ? 13.423  -2.758  -24.699 1.00 40.13 ? 21  A   B "C1'" 1 
ATOM   926  N  N9    . A   B 1 21 ? 13.963  -3.317  -23.452 1.00 36.61 ? 21  A   B N9    1 
ATOM   927  C  C8    . A   B 1 21 ? 13.954  -4.626  -23.046 1.00 36.04 ? 21  A   B C8    1 
ATOM   928  N  N7    . A   B 1 21 ? 14.507  -4.821  -21.871 1.00 34.35 ? 21  A   B N7    1 
ATOM   929  C  C5    . A   B 1 21 ? 14.909  -3.553  -21.476 1.00 32.47 ? 21  A   B C5    1 
ATOM   930  C  C6    . A   B 1 21 ? 15.550  -3.084  -20.312 1.00 31.02 ? 21  A   B C6    1 
ATOM   931  N  N6    . A   B 1 21 ? 15.902  -3.871  -19.295 1.00 26.84 ? 21  A   B N6    1 
ATOM   932  N  N1    . A   B 1 21 ? 15.817  -1.760  -20.230 1.00 30.32 ? 21  A   B N1    1 
ATOM   933  C  C2    . A   B 1 21 ? 15.454  -0.974  -21.249 1.00 32.74 ? 21  A   B C2    1 
ATOM   934  N  N3    . A   B 1 21 ? 14.839  -1.297  -22.390 1.00 33.93 ? 21  A   B N3    1 
ATOM   935  C  C4    . A   B 1 21 ? 14.589  -2.617  -22.442 1.00 33.24 ? 21  A   B C4    1 
ATOM   936  P  P     . A   B 1 22 ? 16.479  -4.024  -28.158 1.00 43.29 ? 22  A   B P     1 
ATOM   937  O  OP1   . A   B 1 22 ? 16.715  -4.014  -29.624 1.00 45.37 ? 22  A   B OP1   1 
ATOM   938  O  OP2   . A   B 1 22 ? 16.786  -5.257  -27.387 1.00 42.99 ? 22  A   B OP2   1 
ATOM   939  O  "O5'" . A   B 1 22 ? 17.294  -2.817  -27.490 1.00 43.17 ? 22  A   B "O5'" 1 
ATOM   940  C  "C5'" . A   B 1 22 ? 17.238  -1.475  -28.033 1.00 40.97 ? 22  A   B "C5'" 1 
ATOM   941  C  "C4'" . A   B 1 22 ? 17.968  -0.486  -27.130 1.00 40.04 ? 22  A   B "C4'" 1 
ATOM   942  O  "O4'" . A   B 1 22 ? 17.336  -0.480  -25.820 1.00 39.34 ? 22  A   B "O4'" 1 
ATOM   943  C  "C3'" . A   B 1 22 ? 19.442  -0.726  -26.817 1.00 39.58 ? 22  A   B "C3'" 1 
ATOM   944  O  "O3'" . A   B 1 22 ? 20.333  -0.276  -27.845 1.00 40.71 ? 22  A   B "O3'" 1 
ATOM   945  C  "C2'" . A   B 1 22 ? 19.625  0.092   -25.544 1.00 39.43 ? 22  A   B "C2'" 1 
ATOM   946  O  "O2'" . A   B 1 22 ? 19.743  1.480   -25.771 1.00 39.20 ? 22  A   B "O2'" 1 
ATOM   947  C  "C1'" . A   B 1 22 ? 18.304  -0.168  -24.824 1.00 37.55 ? 22  A   B "C1'" 1 
ATOM   948  N  N9    . A   B 1 22 ? 18.420  -1.301  -23.909 1.00 36.34 ? 22  A   B N9    1 
ATOM   949  C  C8    . A   B 1 22 ? 18.154  -2.620  -24.174 1.00 35.20 ? 22  A   B C8    1 
ATOM   950  N  N7    . A   B 1 22 ? 18.381  -3.418  -23.159 1.00 34.79 ? 22  A   B N7    1 
ATOM   951  C  C5    . A   B 1 22 ? 18.826  -2.569  -22.158 1.00 33.55 ? 22  A   B C5    1 
ATOM   952  C  C6    . A   B 1 22 ? 19.247  -2.806  -20.836 1.00 34.28 ? 22  A   B C6    1 
ATOM   953  N  N6    . A   B 1 22 ? 19.295  -4.025  -20.278 1.00 32.94 ? 22  A   B N6    1 
ATOM   954  N  N1    . A   B 1 22 ? 19.628  -1.738  -20.096 1.00 33.55 ? 22  A   B N1    1 
ATOM   955  C  C2    . A   B 1 22 ? 19.587  -0.525  -20.662 1.00 34.49 ? 22  A   B C2    1 
ATOM   956  N  N3    . A   B 1 22 ? 19.215  -0.178  -21.894 1.00 33.72 ? 22  A   B N3    1 
ATOM   957  C  C4    . A   B 1 22 ? 18.844  -1.259  -22.600 1.00 34.35 ? 22  A   B C4    1 
ATOM   958  P  P     . G   B 1 23 ? 21.815  -0.924  -27.978 1.00 44.27 ? 23  G   B P     1 
ATOM   959  O  OP1   . G   B 1 23 ? 22.522  -0.250  -29.104 1.00 45.30 ? 23  G   B OP1   1 
ATOM   960  O  OP2   . G   B 1 23 ? 21.682  -2.409  -27.991 1.00 44.24 ? 23  G   B OP2   1 
ATOM   961  O  "O5'" . G   B 1 23 ? 22.570  -0.518  -26.633 1.00 40.71 ? 23  G   B "O5'" 1 
ATOM   962  C  "C5'" . G   B 1 23 ? 22.901  0.853   -26.362 1.00 37.27 ? 23  G   B "C5'" 1 
ATOM   963  C  "C4'" . G   B 1 23 ? 23.604  0.984   -25.025 1.00 35.71 ? 23  G   B "C4'" 1 
ATOM   964  O  "O4'" . G   B 1 23 ? 22.730  0.546   -23.953 1.00 33.44 ? 23  G   B "O4'" 1 
ATOM   965  C  "C3'" . G   B 1 23 ? 24.852  0.146   -24.805 1.00 35.44 ? 23  G   B "C3'" 1 
ATOM   966  O  "O3'" . G   B 1 23 ? 26.036  0.610   -25.469 1.00 36.37 ? 23  G   B "O3'" 1 
ATOM   967  C  "C2'" . G   B 1 23 ? 24.984  0.203   -23.291 1.00 34.73 ? 23  G   B "C2'" 1 
ATOM   968  O  "O2'" . G   B 1 23 ? 25.492  1.455   -22.862 1.00 35.98 ? 23  G   B "O2'" 1 
ATOM   969  C  "C1'" . G   B 1 23 ? 23.519  0.093   -22.863 1.00 32.50 ? 23  G   B "C1'" 1 
ATOM   970  N  N9    . G   B 1 23 ? 23.123  -1.272  -22.526 1.00 28.51 ? 23  G   B N9    1 
ATOM   971  C  C8    . G   B 1 23 ? 22.518  -2.189  -23.346 1.00 28.57 ? 23  G   B C8    1 
ATOM   972  N  N7    . G   B 1 23 ? 22.294  -3.334  -22.759 1.00 25.38 ? 23  G   B N7    1 
ATOM   973  C  C5    . G   B 1 23 ? 22.784  -3.161  -21.472 1.00 26.30 ? 23  G   B C5    1 
ATOM   974  C  C6    . G   B 1 23 ? 22.836  -4.070  -20.381 1.00 25.60 ? 23  G   B C6    1 
ATOM   975  O  O6    . G   B 1 23 ? 22.452  -5.247  -20.345 1.00 26.23 ? 23  G   B O6    1 
ATOM   976  N  N1    . G   B 1 23 ? 23.416  -3.490  -19.256 1.00 22.09 ? 23  G   B N1    1 
ATOM   977  C  C2    . G   B 1 23 ? 23.897  -2.199  -19.193 1.00 25.25 ? 23  G   B C2    1 
ATOM   978  N  N2    . G   B 1 23 ? 24.442  -1.811  -18.020 1.00 21.95 ? 23  G   B N2    1 
ATOM   979  N  N3    . G   B 1 23 ? 23.854  -1.344  -20.210 1.00 25.42 ? 23  G   B N3    1 
ATOM   980  C  C4    . G   B 1 23 ? 23.291  -1.892  -21.309 1.00 26.64 ? 23  G   B C4    1 
HETATM 981  S  S     . SO4 C 2 .  ? -9.341  -17.833 0.830   0.80 78.03 ? 102 SO4 A S     1 
HETATM 982  O  O1    . SO4 C 2 .  ? -8.632  -17.156 1.906   0.80 79.13 ? 102 SO4 A O1    1 
HETATM 983  O  O2    . SO4 C 2 .  ? -8.420  -18.816 0.160   0.80 79.28 ? 102 SO4 A O2    1 
HETATM 984  O  O3    . SO4 C 2 .  ? -10.593 -18.576 1.317   0.80 79.65 ? 102 SO4 A O3    1 
HETATM 985  O  O4    . SO4 C 2 .  ? -9.874  -16.793 -0.157  0.80 79.89 ? 102 SO4 A O4    1 
HETATM 986  MG MG    . MG  D 3 .  ? -5.157  2.771   12.038  1.00 61.90 ? 104 MG  A MG    1 
HETATM 987  NA NA    . NA  E 4 .  ? -16.182 17.244  19.557  1.00 45.98 ? 105 NA  A NA    1 
HETATM 988  S  S     . SO4 F 2 .  ? -21.183 7.722   16.648  0.80 65.58 ? 106 SO4 A S     1 
HETATM 989  O  O1    . SO4 F 2 .  ? -20.794 8.144   15.317  0.80 67.09 ? 106 SO4 A O1    1 
HETATM 990  O  O2    . SO4 F 2 .  ? -20.596 6.368   16.940  0.80 67.84 ? 106 SO4 A O2    1 
HETATM 991  O  O3    . SO4 F 2 .  ? -20.733 8.705   17.739  0.80 67.25 ? 106 SO4 A O3    1 
HETATM 992  O  O4    . SO4 F 2 .  ? -22.709 7.712   16.749  0.80 67.72 ? 106 SO4 A O4    1 
HETATM 993  MG MG    . MG  G 3 .  ? 3.637   -4.668  10.570  0.70 37.11 ? 107 MG  A MG    1 
HETATM 994  N  N1    . SPM H 5 .  ? -4.612  -0.120  4.335   0.80 56.90 ? 108 SPM A N1    1 
HETATM 995  C  C2    . SPM H 5 .  ? -5.465  -0.714  3.323   0.80 57.52 ? 108 SPM A C2    1 
HETATM 996  C  C3    . SPM H 5 .  ? -5.321  -2.188  3.304   0.80 58.61 ? 108 SPM A C3    1 
HETATM 997  C  C4    . SPM H 5 .  ? -5.096  -2.578  1.876   0.80 58.41 ? 108 SPM A C4    1 
HETATM 998  N  N5    . SPM H 5 .  ? -4.848  -4.041  1.873   0.80 59.09 ? 108 SPM A N5    1 
HETATM 999  C  C6    . SPM H 5 .  ? -3.730  -4.382  0.941   0.80 58.94 ? 108 SPM A C6    1 
HETATM 1000 C  C7    . SPM H 5 .  ? -2.372  -3.808  1.380   0.80 58.84 ? 108 SPM A C7    1 
HETATM 1001 C  C8    . SPM H 5 .  ? -1.223  -4.100  0.399   0.80 57.05 ? 108 SPM A C8    1 
HETATM 1002 C  C9    . SPM H 5 .  ? -0.825  -2.811  -0.302  0.80 56.04 ? 108 SPM A C9    1 
HETATM 1003 N  N10   . SPM H 5 .  ? -0.255  -3.242  -1.587  0.80 56.44 ? 108 SPM A N10   1 
HETATM 1004 C  C11   . SPM H 5 .  ? 1.218   -3.126  -1.772  0.80 54.85 ? 108 SPM A C11   1 
HETATM 1005 C  C12   . SPM H 5 .  ? 1.359   -3.678  -3.207  0.80 53.51 ? 108 SPM A C12   1 
HETATM 1006 C  C13   . SPM H 5 .  ? 0.459   -4.807  -3.642  0.80 51.06 ? 108 SPM A C13   1 
HETATM 1007 N  N14   . SPM H 5 .  ? 0.868   -5.475  -4.866  0.80 49.34 ? 108 SPM A N14   1 
HETATM 1008 S  S     . SO4 I 2 .  ? 19.717  -9.869  -17.635 0.60 68.68 ? 101 SO4 B S     1 
HETATM 1009 O  O1    . SO4 I 2 .  ? 20.575  -8.760  -18.002 0.60 68.64 ? 101 SO4 B O1    1 
HETATM 1010 O  O2    . SO4 I 2 .  ? 20.536  -11.130 -17.617 0.60 69.83 ? 101 SO4 B O2    1 
HETATM 1011 O  O3    . SO4 I 2 .  ? 19.073  -9.673  -16.254 0.60 68.52 ? 101 SO4 B O3    1 
HETATM 1012 O  O4    . SO4 I 2 .  ? 18.532  -9.976  -18.597 0.60 68.78 ? 101 SO4 B O4    1 
HETATM 1013 MG MG    . MG  J 3 .  ? -4.429  -5.781  -2.447  1.00 47.94 ? 103 MG  B MG    1 
HETATM 1014 O  O     . HOH K 6 .  ? -13.019 6.553   16.118  1.00 45.96 ? 109 HOH A O     1 
HETATM 1015 O  O     . HOH K 6 .  ? 0.153   -6.091  -0.111  1.00 15.74 ? 110 HOH A O     1 
HETATM 1016 O  O     . HOH K 6 .  ? 9.617   -2.950  4.880   1.00 31.63 ? 111 HOH A O     1 
HETATM 1017 O  O     . HOH K 6 .  ? 7.003   1.062   12.005  1.00 52.58 ? 112 HOH A O     1 
HETATM 1018 O  O     . HOH K 6 .  ? -12.470 -0.540  3.936   1.00 66.13 ? 113 HOH A O     1 
HETATM 1019 O  O     . HOH K 6 .  ? 9.659   -1.873  2.623   1.00 46.76 ? 114 HOH A O     1 
HETATM 1020 O  O     . HOH K 6 .  ? -13.190 6.024   31.352  1.00 54.48 ? 115 HOH A O     1 
HETATM 1021 O  O     . HOH K 6 .  ? 5.826   8.057   10.226  1.00 30.72 ? 116 HOH A O     1 
HETATM 1022 O  O     . HOH K 6 .  ? 0.577   0.291   8.435   1.00 42.57 ? 117 HOH A O     1 
HETATM 1023 O  O     . HOH K 6 .  ? -11.404 11.387  15.570  1.00 35.57 ? 118 HOH A O     1 
HETATM 1024 O  O     . HOH K 6 .  ? -12.986 -5.309  18.439  1.00 38.45 ? 119 HOH A O     1 
HETATM 1025 O  O     . HOH K 6 .  ? -20.414 7.375   24.426  1.00 65.41 ? 120 HOH A O     1 
HETATM 1026 O  O     . HOH K 6 .  ? -8.059  10.325  16.993  1.00 38.57 ? 121 HOH A O     1 
HETATM 1027 O  O     . HOH K 6 .  ? -6.558  -0.641  6.897   1.00 38.26 ? 122 HOH A O     1 
HETATM 1028 O  O     . HOH K 6 .  ? -4.217  -11.479 -3.485  1.00 46.41 ? 123 HOH A O     1 
HETATM 1029 O  O     . HOH K 6 .  ? -2.181  -1.753  -2.090  1.00 48.27 ? 124 HOH A O     1 
HETATM 1030 O  O     . HOH K 6 .  ? -10.186 10.073  24.936  1.00 76.44 ? 125 HOH A O     1 
HETATM 1031 O  O     . HOH K 6 .  ? -19.562 -6.070  15.215  1.00 59.04 ? 126 HOH A O     1 
HETATM 1032 O  O     . HOH K 6 .  ? -14.963 -3.541  9.392   1.00 55.44 ? 127 HOH A O     1 
HETATM 1033 O  O     . HOH K 6 .  ? -17.088 4.849   15.053  1.00 70.35 ? 128 HOH A O     1 
HETATM 1034 O  O     . HOH K 6 .  ? -9.664  -0.672  24.490  1.00 56.09 ? 129 HOH A O     1 
HETATM 1035 O  O     . HOH K 6 .  ? -0.099  -6.349  7.770   1.00 61.26 ? 130 HOH A O     1 
HETATM 1036 O  O     . HOH K 6 .  ? -17.775 3.346   2.552   1.00 73.02 ? 131 HOH A O     1 
HETATM 1037 O  O     . HOH K 6 .  ? -1.887  -4.002  5.710   1.00 60.35 ? 132 HOH A O     1 
HETATM 1038 O  O     . HOH K 6 .  ? -3.712  -15.343 -2.618  1.00 72.16 ? 133 HOH A O     1 
HETATM 1039 O  O     . HOH K 6 .  ? -6.561  -18.477 -1.174  1.00 47.27 ? 134 HOH A O     1 
HETATM 1040 O  O     . HOH K 6 .  ? 8.400   3.306   4.006   1.00 46.60 ? 135 HOH A O     1 
HETATM 1041 O  O     . HOH K 6 .  ? -10.422 14.218  23.417  1.00 72.34 ? 136 HOH A O     1 
HETATM 1042 O  O     . HOH K 6 .  ? -10.280 7.595   16.719  1.00 54.48 ? 137 HOH A O     1 
HETATM 1043 O  O     . HOH K 6 .  ? 0.758   -4.116  -7.112  1.00 52.75 ? 138 HOH A O     1 
HETATM 1044 O  O     . HOH K 6 .  ? -14.564 16.274  24.019  1.00 58.68 ? 139 HOH A O     1 
HETATM 1045 O  O     . HOH K 6 .  ? -8.233  7.179   25.005  1.00 49.10 ? 140 HOH A O     1 
HETATM 1046 O  O     . HOH K 6 .  ? -3.471  -4.340  9.488   1.00 66.94 ? 141 HOH A O     1 
HETATM 1047 O  O     . HOH K 6 .  ? -0.640  -0.740  4.698   1.00 37.29 ? 142 HOH A O     1 
HETATM 1048 O  O     . HOH K 6 .  ? -6.143  5.064   8.794   1.00 40.92 ? 143 HOH A O     1 
HETATM 1049 O  O     . HOH K 6 .  ? -11.260 -18.627 -1.267  1.00 61.97 ? 144 HOH A O     1 
HETATM 1050 O  O     . HOH K 6 .  ? 3.206   -2.063  -5.516  1.00 79.29 ? 145 HOH A O     1 
HETATM 1051 O  O     . HOH K 6 .  ? -21.168 7.230   21.900  1.00 55.70 ? 146 HOH A O     1 
HETATM 1052 O  O     . HOH K 6 .  ? -17.704 5.409   0.287   1.00 62.07 ? 147 HOH A O     1 
HETATM 1053 O  O     . HOH K 6 .  ? 0.579   -4.814  3.661   1.00 36.23 ? 148 HOH A O     1 
HETATM 1054 O  O     . HOH K 6 .  ? -1.593  -13.434 -2.837  1.00 43.70 ? 149 HOH A O     1 
HETATM 1055 O  O     . HOH K 6 .  ? -14.405 13.846  31.681  1.00 47.98 ? 150 HOH A O     1 
HETATM 1056 O  O     . HOH K 6 .  ? -1.670  5.271   9.722   1.00 43.33 ? 151 HOH A O     1 
HETATM 1057 O  O     . HOH K 6 .  ? -2.657  2.669   7.727   1.00 43.59 ? 152 HOH A O     1 
HETATM 1058 O  O     . HOH K 6 .  ? -13.069 14.202  25.794  1.00 53.98 ? 153 HOH A O     1 
HETATM 1059 O  O     . HOH K 6 .  ? 1.264   -1.696  6.683   1.00 53.93 ? 154 HOH A O     1 
HETATM 1060 O  O     . HOH K 6 .  ? -17.476 7.712   16.924  1.00 55.08 ? 155 HOH A O     1 
HETATM 1061 O  O     . HOH L 6 .  ? 14.632  -9.376  -1.491  1.00 56.02 ? 104 HOH B O     1 
HETATM 1062 O  O     . HOH L 6 .  ? 15.905  -3.486  -14.726 1.00 54.39 ? 105 HOH B O     1 
HETATM 1063 O  O     . HOH L 6 .  ? 10.761  7.896   -20.895 1.00 34.64 ? 106 HOH B O     1 
HETATM 1064 O  O     . HOH L 6 .  ? 17.613  -6.932  -19.529 1.00 72.35 ? 107 HOH B O     1 
HETATM 1065 O  O     . HOH L 6 .  ? 15.295  -7.243  -21.641 1.00 54.95 ? 108 HOH B O     1 
HETATM 1066 O  O     . HOH L 6 .  ? -5.977  1.728   -9.634  1.00 48.97 ? 109 HOH B O     1 
HETATM 1067 O  O     . HOH L 6 .  ? 10.836  3.129   -22.676 1.00 46.68 ? 110 HOH B O     1 
HETATM 1068 O  O     . HOH L 6 .  ? 7.673   3.335   -15.024 1.00 54.25 ? 111 HOH B O     1 
HETATM 1069 O  O     . HOH L 6 .  ? 18.523  -0.863  -12.034 1.00 56.35 ? 112 HOH B O     1 
HETATM 1070 O  O     . HOH L 6 .  ? 9.590   2.665   2.047   1.00 52.55 ? 113 HOH B O     1 
HETATM 1071 O  O     . HOH L 6 .  ? -12.370 3.134   -5.478  1.00 51.47 ? 114 HOH B O     1 
HETATM 1072 O  O     . HOH L 6 .  ? -9.825  -12.907 -10.522 1.00 46.29 ? 115 HOH B O     1 
HETATM 1073 O  O     . HOH L 6 .  ? 19.353  -7.985  -23.770 1.00 69.60 ? 116 HOH B O     1 
HETATM 1074 O  O     . HOH L 6 .  ? 14.500  6.780   -6.528  1.00 40.95 ? 117 HOH B O     1 
HETATM 1075 O  O     . HOH L 6 .  ? -9.090  -6.374  -1.103  1.00 59.78 ? 118 HOH B O     1 
HETATM 1076 O  O     . HOH L 6 .  ? -2.430  -0.525  -0.015  1.00 34.94 ? 119 HOH B O     1 
HETATM 1077 O  O     . HOH L 6 .  ? 13.822  1.240   -24.020 1.00 65.68 ? 120 HOH B O     1 
HETATM 1078 O  O     . HOH L 6 .  ? 3.665   -12.344 -10.666 0.50 61.07 ? 121 HOH B O     1 
HETATM 1079 O  O     . HOH L 6 .  ? 18.066  -6.119  -16.483 1.00 46.52 ? 122 HOH B O     1 
HETATM 1080 O  O     . HOH L 6 .  ? 23.705  -7.284  -25.628 1.00 73.81 ? 123 HOH B O     1 
HETATM 1081 O  O     . HOH L 6 .  ? 16.512  1.227   -12.528 1.00 40.52 ? 124 HOH B O     1 
HETATM 1082 O  O     . HOH L 6 .  ? 7.587   -0.463  -10.355 1.00 59.78 ? 125 HOH B O     1 
HETATM 1083 O  O     . HOH L 6 .  ? 17.540  6.822   -7.859  1.00 54.46 ? 126 HOH B O     1 
HETATM 1084 O  O     . HOH L 6 .  ? 22.918  3.391   -18.275 1.00 48.48 ? 127 HOH B O     1 
HETATM 1085 O  O     . HOH L 6 .  ? 8.215   3.589   -6.691  1.00 59.68 ? 128 HOH B O     1 
HETATM 1086 O  O     . HOH L 6 .  ? 5.312   -4.713  -21.724 1.00 46.23 ? 129 HOH B O     1 
HETATM 1087 O  O     . HOH L 6 .  ? -11.523 -2.112  0.422   1.00 66.07 ? 130 HOH B O     1 
HETATM 1088 O  O     . HOH L 6 .  ? -10.236 5.640   -1.454  1.00 57.85 ? 131 HOH B O     1 
HETATM 1089 O  O     . HOH L 6 .  ? 9.152   -1.166  -7.527  1.00 38.01 ? 132 HOH B O     1 
HETATM 1090 O  O     . HOH L 6 .  ? 22.888  5.149   -11.772 1.00 79.29 ? 133 HOH B O     1 
HETATM 1091 O  O     . HOH L 6 .  ? 6.316   11.185  -1.986  1.00 55.94 ? 134 HOH B O     1 
HETATM 1092 O  O     . HOH L 6 .  ? 11.799  -4.606  0.644   1.00 58.79 ? 135 HOH B O     1 
HETATM 1093 O  O     . HOH L 6 .  ? 20.298  -10.714 -13.934 1.00 64.53 ? 136 HOH B O     1 
HETATM 1094 O  O     . HOH L 6 .  ? 26.763  -0.912  -27.992 1.00 34.55 ? 137 HOH B O     1 
HETATM 1095 O  O     . HOH L 6 .  ? 16.291  -13.325 -11.045 1.00 62.21 ? 138 HOH B O     1 
HETATM 1096 O  O     . HOH L 6 .  ? 21.665  -5.618  -24.117 1.00 44.83 ? 139 HOH B O     1 
HETATM 1097 O  O     . HOH L 6 .  ? 5.768   -7.250  -20.906 1.00 55.99 ? 140 HOH B O     1 
HETATM 1098 O  O     . HOH L 6 .  ? 18.873  2.583   -22.078 1.00 76.81 ? 141 HOH B O     1 
HETATM 1099 O  O     . HOH L 6 .  ? 14.376  3.770   -22.239 1.00 64.95 ? 142 HOH B O     1 
HETATM 1100 O  O     . HOH L 6 .  ? 14.193  -7.739  -10.200 1.00 79.17 ? 143 HOH B O     1 
HETATM 1101 O  O     . HOH L 6 .  ? 12.888  8.736   -12.768 1.00 77.61 ? 144 HOH B O     1 
# 
